data_8QF8
#
_entry.id   8QF8
#
_cell.length_a   93.840
_cell.length_b   98.549
_cell.length_c   196.584
_cell.angle_alpha   90.000
_cell.angle_beta   90.000
_cell.angle_gamma   90.000
#
_symmetry.space_group_name_H-M   'P 21 21 21'
#
loop_
_entity.id
_entity.type
_entity.pdbx_description
1 polymer 'Glycosyl hydrolase'
2 non-polymer (1~{S},2~{S},3~{S},4~{R})-4-azanyl-3-(hydroxymethyl)cyclopentane-1,2-diol
3 non-polymer 'ZINC ION'
4 non-polymer (1~{S},2~{S},3~{S},4~{S},5~{S})-4-(hydroxymethyl)-6-azabicyclo[3.1.0]hexane-2,3-diol
5 water water
#
_entity_poly.entity_id   1
_entity_poly.type   'polypeptide(L)'
_entity_poly.pdbx_seq_one_letter_code
;MKTTSFILALIISISIGKAQTNHQVSYFSLQDVKLLSSPFLQAQQTDLHYILALDPDRLSAPFLREAGLTPKAPSYTNWE
NTGLDGHIGGHYLSALSMMYAATGDTAIYHRLNYMLNELHRAQQAVGTGFIGGTPGSLQLWKEIKAGDIRAGGFSLNGKW
VPLYNIHKTYAGLRDAYLYAHSDLARQMLIDLTDWMIDITSGLSDNQMQDMLRSEHGGLNETFADVAEITGDKKYLKLAR
RFSHKVILDPLIKNEDRLNGMHANTQIPKVIGYKRVAEVSKNDKDWNHAAEWDHAARFFWNTVVNHRSVCIGGNSVREHF
HPSDNFTSMLNDVQGPETCNTYNMLRLTKMLYQNSGDVDNSNKPDPRYVDYYERALYNHILSSQEPDKGGFVYFTPMRPG
HYRVYSQPETSMWCCVGSGLENHTKYGEFIYAHQQDTLYVNLFIPSQLNWKEQGVTLTQETLFPDDEKVTLRIDKAAKKN
LTLMIRIPEWAGNSKGYEITINGKKHLSDIQTGASTYLPIRRKWKKGDMITFHLPMKVSLEQIPDKKDYYAFLYGPIVLA
TSTGTENLDGIYADDSRGGHIAHGRQTPLQEIPMLIGNPDSIRHSLHKLSGSKLAFSYDGNVYPTQKSKSLELIPFFRLH
NSRYAVYFRQASEEQFKTIQEEMATAERKATELANRTVDLIFPGEQQPESDHSIQYEASETGTHKDRHFRRAKGWFSYNL
KIKEEASQLMITVRQEDRNKAVILLNNEKLTVHPTVSKADKDGFIRLCYLLPRKLKVGSCEILFKPDGTEWTSAVYEVRL
LK
;
_entity_poly.pdbx_strand_id   A,B
#
# COMPACT_ATOMS: atom_id res chain seq x y z
N ASN A 22 -3.40 -23.83 -21.32
CA ASN A 22 -2.23 -22.91 -21.44
C ASN A 22 -2.65 -21.59 -22.07
N HIS A 23 -2.63 -20.52 -21.25
CA HIS A 23 -2.96 -19.18 -21.70
C HIS A 23 -1.79 -18.23 -21.42
N GLN A 24 -0.57 -18.73 -21.63
CA GLN A 24 0.62 -17.97 -21.23
C GLN A 24 0.90 -16.87 -22.24
N VAL A 25 1.31 -15.71 -21.71
CA VAL A 25 1.68 -14.58 -22.55
C VAL A 25 3.18 -14.71 -22.82
N SER A 26 3.57 -14.49 -24.09
CA SER A 26 4.97 -14.47 -24.49
C SER A 26 5.33 -13.15 -25.16
N TYR A 27 6.64 -12.88 -25.22
CA TYR A 27 7.21 -11.73 -25.88
C TYR A 27 7.86 -12.19 -27.19
N PHE A 28 7.91 -11.29 -28.15
CA PHE A 28 8.61 -11.53 -29.41
C PHE A 28 10.09 -11.26 -29.19
N SER A 29 10.94 -11.97 -29.96
CA SER A 29 12.35 -11.67 -30.01
C SER A 29 12.58 -10.43 -30.87
N LEU A 30 13.71 -9.75 -30.63
CA LEU A 30 14.04 -8.49 -31.28
C LEU A 30 14.24 -8.68 -32.79
N GLN A 31 14.66 -9.90 -33.21
CA GLN A 31 14.76 -10.28 -34.62
C GLN A 31 13.41 -10.14 -35.34
N ASP A 32 12.29 -10.35 -34.63
CA ASP A 32 10.96 -10.42 -35.25
C ASP A 32 10.21 -9.08 -35.16
N VAL A 33 10.81 -8.02 -34.60
CA VAL A 33 10.17 -6.72 -34.48
C VAL A 33 11.12 -5.66 -35.02
N LYS A 34 10.86 -5.19 -36.24
CA LYS A 34 11.70 -4.23 -36.94
C LYS A 34 11.10 -2.83 -36.73
N LEU A 35 11.90 -1.92 -36.15
CA LEU A 35 11.45 -0.55 -35.92
C LEU A 35 11.42 0.19 -37.26
N LEU A 36 10.33 0.94 -37.49
CA LEU A 36 10.21 1.82 -38.63
C LEU A 36 10.49 3.24 -38.16
N SER A 37 10.52 4.17 -39.11
CA SER A 37 10.85 5.56 -38.89
C SER A 37 10.05 6.17 -37.72
N SER A 38 10.76 6.57 -36.66
CA SER A 38 10.18 7.16 -35.46
C SER A 38 11.30 7.68 -34.57
N PRO A 39 11.03 8.35 -33.42
CA PRO A 39 12.09 8.70 -32.48
C PRO A 39 12.82 7.51 -31.86
N PHE A 40 12.17 6.35 -31.81
CA PHE A 40 12.76 5.14 -31.27
C PHE A 40 13.81 4.57 -32.22
N LEU A 41 13.52 4.58 -33.53
CA LEU A 41 14.52 4.15 -34.50
C LEU A 41 15.71 5.11 -34.48
N GLN A 42 15.47 6.42 -34.41
CA GLN A 42 16.55 7.41 -34.29
C GLN A 42 17.45 7.06 -33.10
N ALA A 43 16.84 6.83 -31.93
CA ALA A 43 17.56 6.53 -30.71
C ALA A 43 18.36 5.24 -30.82
N GLN A 44 17.81 4.23 -31.48
CA GLN A 44 18.50 2.98 -31.75
C GLN A 44 19.76 3.23 -32.58
N GLN A 45 19.62 4.00 -33.67
CA GLN A 45 20.70 4.26 -34.60
C GLN A 45 21.79 5.13 -33.96
N THR A 46 21.41 6.09 -33.10
CA THR A 46 22.38 6.91 -32.37
C THR A 46 23.19 6.06 -31.39
N ASP A 47 22.51 5.13 -30.69
CA ASP A 47 23.14 4.20 -29.77
C ASP A 47 24.08 3.25 -30.51
N LEU A 48 23.66 2.80 -31.70
CA LEU A 48 24.52 1.98 -32.53
C LEU A 48 25.86 2.69 -32.79
N HIS A 49 25.80 3.97 -33.15
CA HIS A 49 27.00 4.77 -33.40
C HIS A 49 27.87 4.85 -32.14
N TYR A 50 27.26 5.03 -30.95
CA TYR A 50 27.98 5.12 -29.69
C TYR A 50 28.58 3.76 -29.33
N ILE A 51 27.81 2.67 -29.49
CA ILE A 51 28.33 1.34 -29.19
C ILE A 51 29.56 1.04 -30.05
N LEU A 52 29.49 1.40 -31.34
CA LEU A 52 30.60 1.14 -32.26
C LEU A 52 31.80 2.06 -32.01
N ALA A 53 31.61 3.21 -31.35
CA ALA A 53 32.72 4.11 -31.04
C ALA A 53 33.62 3.55 -29.94
N LEU A 54 33.11 2.64 -29.08
CA LEU A 54 33.89 2.09 -27.98
C LEU A 54 34.96 1.15 -28.52
N ASP A 55 36.14 1.16 -27.89
CA ASP A 55 37.26 0.32 -28.30
C ASP A 55 37.22 -0.97 -27.47
N PRO A 56 36.99 -2.16 -28.08
CA PRO A 56 36.89 -3.40 -27.30
C PRO A 56 38.16 -3.85 -26.58
N ASP A 57 39.33 -3.42 -27.07
CA ASP A 57 40.60 -3.74 -26.44
C ASP A 57 40.73 -3.00 -25.09
N ARG A 58 40.14 -1.81 -24.99
CA ARG A 58 40.16 -1.01 -23.77
C ARG A 58 39.18 -1.62 -22.75
N LEU A 59 38.01 -2.07 -23.22
CA LEU A 59 37.02 -2.69 -22.37
C LEU A 59 37.46 -4.09 -21.90
N SER A 60 38.25 -4.80 -22.72
CA SER A 60 38.73 -6.13 -22.36
C SER A 60 39.99 -6.06 -21.50
N ALA A 61 40.69 -4.91 -21.46
CA ALA A 61 41.99 -4.79 -20.81
C ALA A 61 41.95 -5.21 -19.33
N PRO A 62 40.97 -4.76 -18.50
CA PRO A 62 40.87 -5.22 -17.12
C PRO A 62 40.81 -6.74 -16.93
N PHE A 63 40.07 -7.42 -17.83
CA PHE A 63 39.89 -8.86 -17.79
C PHE A 63 41.21 -9.59 -18.05
N LEU A 64 41.95 -9.17 -19.09
CA LEU A 64 43.23 -9.77 -19.46
C LEU A 64 44.25 -9.56 -18.34
N ARG A 65 44.27 -8.36 -17.75
CA ARG A 65 45.17 -8.03 -16.66
C ARG A 65 44.96 -9.01 -15.50
N GLU A 66 43.72 -9.14 -15.03
CA GLU A 66 43.43 -9.97 -13.87
C GLU A 66 43.64 -11.46 -14.16
N ALA A 67 43.63 -11.86 -15.44
CA ALA A 67 43.98 -13.21 -15.86
C ALA A 67 45.48 -13.43 -15.99
N GLY A 68 46.32 -12.40 -15.77
CA GLY A 68 47.76 -12.48 -15.92
C GLY A 68 48.22 -12.36 -17.38
N LEU A 69 47.32 -11.90 -18.30
CA LEU A 69 47.66 -11.68 -19.69
C LEU A 69 48.05 -10.22 -19.89
N THR A 70 48.65 -9.93 -21.06
CA THR A 70 49.11 -8.60 -21.45
C THR A 70 48.01 -7.92 -22.24
N PRO A 71 47.39 -6.80 -21.76
CA PRO A 71 46.42 -6.06 -22.57
C PRO A 71 47.00 -5.46 -23.85
N LYS A 72 46.13 -5.26 -24.85
CA LYS A 72 46.51 -4.69 -26.14
C LYS A 72 46.32 -3.18 -26.15
N ALA A 73 45.68 -2.64 -25.11
CA ALA A 73 45.46 -1.21 -25.00
C ALA A 73 45.22 -0.88 -23.54
N PRO A 74 45.39 0.39 -23.10
CA PRO A 74 45.06 0.76 -21.72
C PRO A 74 43.56 0.69 -21.54
N SER A 75 43.13 0.38 -20.31
CA SER A 75 41.71 0.43 -19.97
C SER A 75 41.23 1.87 -20.14
N TYR A 76 39.92 2.06 -20.18
CA TYR A 76 39.36 3.41 -20.11
C TYR A 76 39.66 4.00 -18.73
N THR A 77 39.54 5.33 -18.65
CA THR A 77 39.72 6.06 -17.40
C THR A 77 38.36 6.12 -16.71
N ASN A 78 38.12 7.15 -15.88
CA ASN A 78 36.87 7.30 -15.13
C ASN A 78 36.75 6.08 -14.23
N TRP A 79 35.59 5.40 -14.23
CA TRP A 79 35.34 4.31 -13.30
C TRP A 79 36.06 3.03 -13.73
N GLU A 80 36.52 2.96 -14.99
CA GLU A 80 37.21 1.78 -15.49
C GLU A 80 38.65 1.68 -14.99
N ASN A 81 39.19 2.71 -14.31
CA ASN A 81 40.48 2.57 -13.65
C ASN A 81 40.47 3.08 -12.21
N THR A 82 39.29 3.30 -11.60
CA THR A 82 39.20 3.71 -10.21
C THR A 82 38.40 2.71 -9.37
N GLY A 83 38.24 1.46 -9.86
CA GLY A 83 37.76 0.36 -9.03
C GLY A 83 36.69 -0.50 -9.69
N LEU A 84 35.89 0.06 -10.60
CA LEU A 84 34.84 -0.70 -11.28
C LEU A 84 35.33 -1.22 -12.64
N ASP A 85 36.65 -1.43 -12.79
CA ASP A 85 37.24 -1.91 -14.02
C ASP A 85 36.52 -3.21 -14.42
N GLY A 86 36.02 -3.27 -15.66
CA GLY A 86 35.33 -4.44 -16.18
C GLY A 86 33.80 -4.34 -16.23
N HIS A 87 33.20 -3.32 -15.57
CA HIS A 87 31.75 -3.27 -15.52
C HIS A 87 31.16 -2.88 -16.88
N ILE A 88 31.82 -1.98 -17.62
CA ILE A 88 31.30 -1.53 -18.91
C ILE A 88 31.44 -2.64 -19.94
N GLY A 89 32.52 -3.44 -19.86
CA GLY A 89 32.71 -4.61 -20.71
C GLY A 89 31.55 -5.60 -20.61
N GLY A 90 31.05 -5.80 -19.37
CA GLY A 90 29.85 -6.58 -19.12
C GLY A 90 28.64 -6.07 -19.90
N HIS A 91 28.29 -4.79 -19.68
CA HIS A 91 27.18 -4.15 -20.37
C HIS A 91 27.39 -4.18 -21.89
N TYR A 92 28.63 -3.94 -22.34
CA TYR A 92 28.99 -3.94 -23.76
C TYR A 92 28.55 -5.25 -24.43
N LEU A 93 28.82 -6.40 -23.79
CA LEU A 93 28.36 -7.68 -24.29
C LEU A 93 26.84 -7.69 -24.45
N SER A 94 26.09 -7.20 -23.43
CA SER A 94 24.64 -7.17 -23.47
C SER A 94 24.15 -6.30 -24.63
N ALA A 95 24.73 -5.09 -24.74
CA ALA A 95 24.28 -4.08 -25.69
C ALA A 95 24.59 -4.54 -27.11
N LEU A 96 25.81 -5.06 -27.32
CA LEU A 96 26.17 -5.67 -28.60
C LEU A 96 25.18 -6.77 -28.98
N SER A 97 24.93 -7.69 -28.04
CA SER A 97 24.11 -8.88 -28.30
C SER A 97 22.70 -8.49 -28.71
N MET A 98 22.12 -7.56 -27.95
CA MET A 98 20.75 -7.11 -28.16
C MET A 98 20.64 -6.27 -29.43
N MET A 99 21.64 -5.40 -29.68
CA MET A 99 21.65 -4.60 -30.89
C MET A 99 21.82 -5.48 -32.13
N TYR A 100 22.61 -6.56 -32.02
CA TYR A 100 22.75 -7.51 -33.10
C TYR A 100 21.37 -8.09 -33.45
N ALA A 101 20.64 -8.56 -32.43
CA ALA A 101 19.32 -9.16 -32.62
C ALA A 101 18.34 -8.19 -33.29
N ALA A 102 18.40 -6.90 -32.94
CA ALA A 102 17.47 -5.88 -33.45
C ALA A 102 17.79 -5.45 -34.87
N THR A 103 19.08 -5.43 -35.27
CA THR A 103 19.52 -4.76 -36.49
C THR A 103 20.17 -5.72 -37.50
N GLY A 104 20.87 -6.75 -37.02
CA GLY A 104 21.69 -7.60 -37.87
C GLY A 104 22.98 -6.93 -38.36
N ASP A 105 23.44 -5.88 -37.67
CA ASP A 105 24.61 -5.12 -38.07
C ASP A 105 25.86 -6.00 -38.01
N THR A 106 26.64 -6.01 -39.11
CA THR A 106 27.78 -6.90 -39.20
C THR A 106 28.93 -6.39 -38.32
N ALA A 107 29.13 -5.07 -38.26
CA ALA A 107 30.15 -4.50 -37.39
C ALA A 107 29.92 -4.89 -35.93
N ILE A 108 28.66 -4.84 -35.47
CA ILE A 108 28.30 -5.28 -34.13
C ILE A 108 28.70 -6.75 -33.92
N TYR A 109 28.37 -7.60 -34.91
CA TYR A 109 28.67 -9.03 -34.86
C TYR A 109 30.16 -9.29 -34.65
N HIS A 110 31.01 -8.62 -35.44
CA HIS A 110 32.46 -8.74 -35.33
C HIS A 110 32.99 -8.31 -33.96
N ARG A 111 32.43 -7.22 -33.40
CA ARG A 111 32.80 -6.72 -32.08
C ARG A 111 32.46 -7.74 -31.00
N LEU A 112 31.25 -8.30 -31.08
CA LEU A 112 30.78 -9.28 -30.09
C LEU A 112 31.64 -10.53 -30.14
N ASN A 113 31.89 -11.05 -31.34
CA ASN A 113 32.74 -12.21 -31.54
C ASN A 113 34.13 -11.96 -30.92
N TYR A 114 34.71 -10.80 -31.22
CA TYR A 114 36.03 -10.43 -30.73
C TYR A 114 36.03 -10.37 -29.21
N MET A 115 35.03 -9.68 -28.64
CA MET A 115 34.98 -9.46 -27.20
C MET A 115 34.85 -10.80 -26.47
N LEU A 116 33.98 -11.69 -26.99
CA LEU A 116 33.78 -13.01 -26.41
C LEU A 116 35.07 -13.82 -26.39
N ASN A 117 35.84 -13.79 -27.50
CA ASN A 117 37.09 -14.53 -27.62
C ASN A 117 38.16 -13.98 -26.66
N GLU A 118 38.22 -12.65 -26.48
CA GLU A 118 39.21 -12.07 -25.60
C GLU A 118 38.94 -12.48 -24.15
N LEU A 119 37.67 -12.42 -23.73
CA LEU A 119 37.31 -12.86 -22.40
C LEU A 119 37.47 -14.38 -22.25
N HIS A 120 37.31 -15.13 -23.35
CA HIS A 120 37.58 -16.58 -23.36
C HIS A 120 39.05 -16.86 -23.10
N ARG A 121 39.96 -16.12 -23.76
CA ARG A 121 41.39 -16.25 -23.51
C ARG A 121 41.71 -15.98 -22.05
N ALA A 122 41.06 -14.94 -21.48
CA ALA A 122 41.22 -14.61 -20.06
C ALA A 122 40.75 -15.76 -19.18
N GLN A 123 39.61 -16.37 -19.55
CA GLN A 123 39.04 -17.46 -18.78
C GLN A 123 39.93 -18.71 -18.84
N GLN A 124 40.54 -18.99 -19.99
CA GLN A 124 41.43 -20.13 -20.16
C GLN A 124 42.70 -19.95 -19.35
N ALA A 125 43.24 -18.71 -19.32
CA ALA A 125 44.53 -18.47 -18.66
C ALA A 125 44.48 -18.80 -17.17
N VAL A 126 43.36 -18.51 -16.51
CA VAL A 126 43.19 -18.77 -15.08
C VAL A 126 42.68 -20.20 -14.89
N GLY A 127 41.72 -20.62 -15.73
CA GLY A 127 41.28 -22.01 -15.84
C GLY A 127 40.42 -22.50 -14.67
N THR A 128 39.78 -21.59 -13.92
CA THR A 128 38.81 -21.95 -12.89
C THR A 128 37.38 -21.64 -13.31
N GLY A 129 37.19 -20.86 -14.39
CA GLY A 129 35.89 -20.31 -14.78
C GLY A 129 35.81 -18.80 -14.52
N PHE A 130 36.72 -18.27 -13.68
CA PHE A 130 36.75 -16.86 -13.36
C PHE A 130 36.98 -16.00 -14.61
N ILE A 131 36.17 -14.93 -14.70
CA ILE A 131 36.37 -13.80 -15.61
C ILE A 131 36.05 -12.56 -14.79
N GLY A 132 36.96 -11.58 -14.75
CA GLY A 132 36.69 -10.36 -14.01
C GLY A 132 37.74 -9.26 -14.19
N GLY A 133 37.32 -8.01 -13.95
CA GLY A 133 38.16 -6.83 -14.14
C GLY A 133 38.60 -6.15 -12.85
N THR A 134 37.95 -6.46 -11.71
CA THR A 134 38.25 -5.82 -10.43
C THR A 134 39.75 -5.93 -10.15
N PRO A 135 40.49 -4.83 -9.85
CA PRO A 135 41.91 -4.93 -9.49
C PRO A 135 42.12 -5.86 -8.30
N GLY A 136 43.05 -6.84 -8.45
CA GLY A 136 43.29 -7.86 -7.44
C GLY A 136 42.14 -8.84 -7.27
N SER A 137 41.48 -9.24 -8.39
CA SER A 137 40.34 -10.13 -8.37
C SER A 137 40.65 -11.50 -7.73
N LEU A 138 41.75 -12.15 -8.18
CA LEU A 138 42.07 -13.49 -7.72
C LEU A 138 42.31 -13.52 -6.20
N GLN A 139 43.03 -12.52 -5.69
CA GLN A 139 43.25 -12.34 -4.25
C GLN A 139 41.91 -12.13 -3.54
N LEU A 140 41.02 -11.29 -4.08
CA LEU A 140 39.71 -11.04 -3.50
C LEU A 140 38.92 -12.33 -3.33
N TRP A 141 38.74 -13.09 -4.43
CA TRP A 141 37.87 -14.26 -4.43
C TRP A 141 38.47 -15.41 -3.63
N LYS A 142 39.80 -15.44 -3.48
CA LYS A 142 40.46 -16.34 -2.56
C LYS A 142 40.05 -16.03 -1.11
N GLU A 143 40.10 -14.75 -0.73
CA GLU A 143 39.70 -14.31 0.60
C GLU A 143 38.26 -14.74 0.89
N ILE A 144 37.36 -14.53 -0.08
CA ILE A 144 35.93 -14.76 0.08
C ILE A 144 35.65 -16.26 0.22
N LYS A 145 36.33 -17.10 -0.58
CA LYS A 145 36.14 -18.55 -0.53
C LYS A 145 36.52 -19.09 0.85
N ALA A 146 37.59 -18.52 1.46
CA ALA A 146 38.07 -18.92 2.76
C ALA A 146 37.14 -18.48 3.90
N GLY A 147 36.27 -17.49 3.63
CA GLY A 147 35.36 -16.94 4.63
C GLY A 147 35.86 -15.64 5.24
N ASP A 148 36.89 -15.03 4.62
CA ASP A 148 37.31 -13.67 4.95
C ASP A 148 36.44 -12.70 4.18
N ILE A 149 35.34 -12.26 4.83
CA ILE A 149 34.33 -11.40 4.23
C ILE A 149 34.30 -10.08 5.00
N ARG A 150 34.76 -8.98 4.37
CA ARG A 150 34.66 -7.65 4.94
C ARG A 150 33.77 -6.79 4.03
N ALA A 151 32.46 -6.83 4.30
CA ALA A 151 31.45 -6.18 3.49
C ALA A 151 31.07 -4.83 4.10
N GLY A 152 31.08 -3.78 3.27
CA GLY A 152 30.31 -2.57 3.48
C GLY A 152 29.19 -2.45 2.46
N GLY A 153 28.45 -1.33 2.50
CA GLY A 153 27.31 -1.09 1.60
C GLY A 153 27.70 -1.13 0.12
N PHE A 154 28.92 -0.64 -0.19
CA PHE A 154 29.41 -0.53 -1.55
C PHE A 154 30.83 -1.07 -1.67
N SER A 155 31.26 -1.96 -0.77
CA SER A 155 32.63 -2.46 -0.80
C SER A 155 32.68 -3.89 -0.27
N LEU A 156 33.60 -4.67 -0.83
CA LEU A 156 33.91 -6.02 -0.35
C LEU A 156 35.42 -6.19 -0.39
N ASN A 157 36.04 -6.22 0.80
CA ASN A 157 37.47 -6.46 0.97
C ASN A 157 38.28 -5.41 0.21
N GLY A 158 37.94 -4.13 0.42
CA GLY A 158 38.68 -3.02 -0.17
C GLY A 158 38.40 -2.77 -1.65
N LYS A 159 37.39 -3.43 -2.24
CA LYS A 159 37.09 -3.32 -3.65
C LYS A 159 35.69 -2.73 -3.85
N TRP A 160 35.51 -2.01 -4.97
CA TRP A 160 34.29 -1.27 -5.23
C TRP A 160 33.26 -2.19 -5.91
N VAL A 161 32.22 -2.56 -5.13
CA VAL A 161 31.06 -3.36 -5.52
C VAL A 161 31.43 -4.46 -6.52
N PRO A 162 32.38 -5.38 -6.19
CA PRO A 162 32.81 -6.39 -7.15
C PRO A 162 31.70 -7.34 -7.60
N LEU A 163 30.72 -7.63 -6.71
CA LEU A 163 29.61 -8.50 -7.07
C LEU A 163 28.74 -7.83 -8.13
N TYR A 164 28.47 -6.53 -7.97
CA TYR A 164 27.78 -5.74 -8.99
C TYR A 164 28.53 -5.82 -10.32
N ASN A 165 29.87 -5.73 -10.26
CA ASN A 165 30.72 -5.74 -11.44
C ASN A 165 30.56 -7.06 -12.20
N ILE A 166 30.84 -8.19 -11.56
CA ILE A 166 30.81 -9.49 -12.22
C ILE A 166 29.40 -9.85 -12.72
N HIS A 167 28.33 -9.35 -12.07
CA HIS A 167 26.96 -9.51 -12.56
C HIS A 167 26.82 -9.05 -14.02
N LYS A 168 27.50 -7.97 -14.38
CA LYS A 168 27.42 -7.45 -15.73
C LYS A 168 28.04 -8.41 -16.74
N THR A 169 29.05 -9.21 -16.33
CA THR A 169 29.62 -10.25 -17.16
C THR A 169 28.64 -11.43 -17.31
N TYR A 170 28.10 -11.91 -16.17
CA TYR A 170 27.07 -12.95 -16.18
C TYR A 170 25.93 -12.55 -17.13
N ALA A 171 25.45 -11.31 -17.00
CA ALA A 171 24.35 -10.80 -17.81
C ALA A 171 24.75 -10.66 -19.28
N GLY A 172 25.97 -10.16 -19.52
CA GLY A 172 26.51 -10.05 -20.85
C GLY A 172 26.61 -11.38 -21.60
N LEU A 173 27.10 -12.43 -20.94
CA LEU A 173 27.28 -13.72 -21.60
C LEU A 173 25.91 -14.36 -21.84
N ARG A 174 25.00 -14.27 -20.86
CA ARG A 174 23.61 -14.70 -21.00
C ARG A 174 23.01 -14.11 -22.26
N ASP A 175 23.14 -12.78 -22.38
CA ASP A 175 22.57 -12.04 -23.49
C ASP A 175 23.21 -12.48 -24.81
N ALA A 176 24.51 -12.79 -24.80
CA ALA A 176 25.17 -13.26 -26.03
C ALA A 176 24.62 -14.61 -26.48
N TYR A 177 24.23 -15.47 -25.52
CA TYR A 177 23.58 -16.74 -25.83
C TYR A 177 22.13 -16.49 -26.28
N LEU A 178 21.32 -15.83 -25.45
CA LEU A 178 19.88 -15.75 -25.65
C LEU A 178 19.51 -14.88 -26.86
N TYR A 179 20.17 -13.73 -27.04
CA TYR A 179 19.85 -12.80 -28.12
C TYR A 179 20.63 -13.12 -29.39
N ALA A 180 21.92 -13.44 -29.28
CA ALA A 180 22.80 -13.59 -30.44
C ALA A 180 23.14 -15.04 -30.78
N HIS A 181 22.79 -16.01 -29.93
CA HIS A 181 22.88 -17.46 -30.20
C HIS A 181 24.32 -17.97 -30.21
N SER A 182 25.17 -17.42 -29.34
CA SER A 182 26.55 -17.84 -29.19
C SER A 182 26.62 -19.03 -28.22
N ASP A 183 27.05 -20.19 -28.72
CA ASP A 183 27.34 -21.35 -27.88
C ASP A 183 28.56 -21.10 -27.01
N LEU A 184 29.57 -20.41 -27.54
CA LEU A 184 30.73 -20.02 -26.73
C LEU A 184 30.30 -19.23 -25.49
N ALA A 185 29.38 -18.29 -25.63
CA ALA A 185 28.92 -17.49 -24.50
C ALA A 185 28.24 -18.35 -23.44
N ARG A 186 27.43 -19.33 -23.89
CA ARG A 186 26.75 -20.27 -23.00
C ARG A 186 27.78 -21.01 -22.15
N GLN A 187 28.84 -21.52 -22.79
CA GLN A 187 29.82 -22.33 -22.09
C GLN A 187 30.59 -21.45 -21.10
N MET A 188 31.00 -20.27 -21.53
CA MET A 188 31.66 -19.28 -20.68
C MET A 188 30.80 -18.94 -19.46
N LEU A 189 29.48 -18.75 -19.67
CA LEU A 189 28.54 -18.45 -18.61
C LEU A 189 28.44 -19.59 -17.59
N ILE A 190 28.37 -20.85 -18.08
CA ILE A 190 28.25 -22.00 -17.20
C ILE A 190 29.52 -22.16 -16.36
N ASP A 191 30.69 -22.03 -16.97
CA ASP A 191 31.96 -22.12 -16.24
C ASP A 191 32.07 -21.03 -15.17
N LEU A 192 31.63 -19.81 -15.50
CA LEU A 192 31.66 -18.68 -14.58
C LEU A 192 30.68 -18.89 -13.41
N THR A 193 29.52 -19.54 -13.67
CA THR A 193 28.54 -19.78 -12.62
C THR A 193 29.03 -20.92 -11.72
N ASP A 194 29.51 -22.01 -12.32
CA ASP A 194 30.13 -23.11 -11.59
C ASP A 194 31.28 -22.62 -10.72
N TRP A 195 32.04 -21.62 -11.20
CA TRP A 195 33.12 -21.01 -10.41
C TRP A 195 32.56 -20.40 -9.12
N MET A 196 31.42 -19.70 -9.19
CA MET A 196 30.82 -19.07 -8.02
C MET A 196 30.20 -20.10 -7.08
N ILE A 197 29.71 -21.24 -7.60
CA ILE A 197 29.29 -22.34 -6.74
C ILE A 197 30.47 -22.76 -5.86
N ASP A 198 31.66 -22.82 -6.46
CA ASP A 198 32.86 -23.25 -5.77
C ASP A 198 33.31 -22.21 -4.73
N ILE A 199 33.26 -20.91 -5.08
CA ILE A 199 33.59 -19.82 -4.15
C ILE A 199 32.68 -19.87 -2.92
N THR A 200 31.39 -20.18 -3.09
CA THR A 200 30.41 -20.09 -2.01
C THR A 200 30.11 -21.45 -1.38
N SER A 201 30.79 -22.53 -1.80
CA SER A 201 30.49 -23.88 -1.30
C SER A 201 30.82 -24.05 0.19
N GLY A 202 31.78 -23.27 0.72
CA GLY A 202 32.18 -23.35 2.13
C GLY A 202 31.57 -22.27 3.03
N LEU A 203 30.61 -21.48 2.51
CA LEU A 203 30.03 -20.36 3.24
C LEU A 203 28.64 -20.72 3.74
N SER A 204 28.35 -20.36 5.01
CA SER A 204 27.03 -20.50 5.58
C SER A 204 26.08 -19.45 4.99
N ASP A 205 24.78 -19.62 5.27
CA ASP A 205 23.77 -18.66 4.86
C ASP A 205 24.03 -17.30 5.53
N ASN A 206 24.42 -17.31 6.81
CA ASN A 206 24.78 -16.09 7.52
C ASN A 206 25.91 -15.35 6.81
N GLN A 207 26.93 -16.09 6.35
CA GLN A 207 28.08 -15.50 5.67
C GLN A 207 27.67 -14.94 4.30
N MET A 208 26.81 -15.66 3.56
CA MET A 208 26.28 -15.19 2.29
C MET A 208 25.56 -13.85 2.49
N GLN A 209 24.61 -13.83 3.44
CA GLN A 209 23.77 -12.66 3.69
C GLN A 209 24.61 -11.48 4.16
N ASP A 210 25.69 -11.75 4.90
CA ASP A 210 26.65 -10.73 5.28
C ASP A 210 27.35 -10.17 4.05
N MET A 211 27.81 -11.05 3.15
CA MET A 211 28.45 -10.63 1.92
C MET A 211 27.50 -9.81 1.05
N LEU A 212 26.20 -10.18 1.02
CA LEU A 212 25.22 -9.51 0.18
C LEU A 212 24.85 -8.11 0.70
N ARG A 213 25.37 -7.68 1.87
CA ARG A 213 25.26 -6.29 2.28
C ARG A 213 25.97 -5.36 1.29
N SER A 214 27.00 -5.84 0.59
CA SER A 214 27.59 -5.10 -0.52
C SER A 214 26.72 -5.26 -1.77
N GLU A 215 26.60 -4.15 -2.52
CA GLU A 215 25.77 -4.08 -3.71
C GLU A 215 26.28 -5.13 -4.69
N HIS A 216 25.33 -5.91 -5.23
CA HIS A 216 25.62 -7.13 -5.95
C HIS A 216 24.78 -7.25 -7.21
N GLY A 217 24.22 -6.14 -7.72
CA GLY A 217 23.37 -6.15 -8.90
C GLY A 217 22.28 -7.21 -8.82
N GLY A 218 22.03 -7.91 -9.94
CA GLY A 218 21.04 -8.97 -10.02
C GLY A 218 21.67 -10.34 -10.24
N LEU A 219 22.62 -10.71 -9.39
CA LEU A 219 23.28 -12.01 -9.50
C LEU A 219 22.25 -13.12 -9.39
N ASN A 220 21.26 -12.95 -8.51
CA ASN A 220 20.21 -13.94 -8.30
C ASN A 220 19.38 -14.13 -9.57
N GLU A 221 19.16 -13.05 -10.35
CA GLU A 221 18.47 -13.15 -11.63
C GLU A 221 19.27 -14.01 -12.61
N THR A 222 20.55 -13.67 -12.79
CA THR A 222 21.41 -14.35 -13.74
C THR A 222 21.55 -15.84 -13.40
N PHE A 223 21.62 -16.18 -12.10
CA PHE A 223 21.77 -17.58 -11.71
C PHE A 223 20.47 -18.36 -11.93
N ALA A 224 19.32 -17.70 -11.77
CA ALA A 224 18.05 -18.29 -12.17
C ALA A 224 17.99 -18.47 -13.68
N ASP A 225 18.57 -17.52 -14.45
CA ASP A 225 18.65 -17.64 -15.90
C ASP A 225 19.46 -18.87 -16.30
N VAL A 226 20.59 -19.10 -15.62
CA VAL A 226 21.44 -20.24 -15.91
C VAL A 226 20.70 -21.54 -15.57
N ALA A 227 19.86 -21.53 -14.53
CA ALA A 227 19.02 -22.68 -14.19
C ALA A 227 18.06 -23.02 -15.33
N GLU A 228 17.42 -22.01 -15.94
CA GLU A 228 16.50 -22.25 -17.05
C GLU A 228 17.24 -22.73 -18.29
N ILE A 229 18.40 -22.10 -18.62
CA ILE A 229 19.20 -22.46 -19.77
C ILE A 229 19.63 -23.94 -19.69
N THR A 230 20.15 -24.38 -18.53
CA THR A 230 20.71 -25.71 -18.36
C THR A 230 19.64 -26.72 -17.94
N GLY A 231 18.61 -26.27 -17.21
CA GLY A 231 17.62 -27.15 -16.59
C GLY A 231 18.09 -27.79 -15.28
N ASP A 232 19.20 -27.32 -14.69
CA ASP A 232 19.82 -27.91 -13.51
C ASP A 232 19.49 -27.03 -12.29
N LYS A 233 18.89 -27.65 -11.26
CA LYS A 233 18.35 -26.92 -10.11
C LYS A 233 19.44 -26.36 -9.18
N LYS A 234 20.70 -26.81 -9.30
CA LYS A 234 21.78 -26.29 -8.47
C LYS A 234 21.97 -24.78 -8.68
N TYR A 235 21.70 -24.29 -9.89
CA TYR A 235 21.80 -22.87 -10.21
C TYR A 235 20.64 -22.10 -9.60
N LEU A 236 19.47 -22.76 -9.49
CA LEU A 236 18.31 -22.21 -8.81
C LEU A 236 18.55 -22.17 -7.30
N LYS A 237 19.24 -23.19 -6.75
CA LYS A 237 19.68 -23.17 -5.37
C LYS A 237 20.69 -22.04 -5.13
N LEU A 238 21.59 -21.80 -6.08
CA LEU A 238 22.57 -20.71 -5.99
C LEU A 238 21.87 -19.34 -6.05
N ALA A 239 20.83 -19.21 -6.88
CA ALA A 239 20.08 -17.98 -7.01
C ALA A 239 19.44 -17.56 -5.68
N ARG A 240 18.89 -18.53 -4.94
CA ARG A 240 18.21 -18.28 -3.68
C ARG A 240 19.22 -17.87 -2.59
N ARG A 241 20.39 -18.52 -2.59
CA ARG A 241 21.51 -18.16 -1.72
C ARG A 241 22.01 -16.72 -1.97
N PHE A 242 21.89 -16.23 -3.22
CA PHE A 242 22.26 -14.87 -3.58
C PHE A 242 21.08 -13.88 -3.54
N SER A 243 19.93 -14.30 -2.97
CA SER A 243 18.79 -13.41 -2.77
C SER A 243 18.89 -12.77 -1.39
N HIS A 244 18.99 -11.43 -1.34
CA HIS A 244 19.23 -10.67 -0.12
C HIS A 244 17.95 -10.60 0.72
N LYS A 245 17.96 -11.22 1.91
CA LYS A 245 16.75 -11.50 2.68
C LYS A 245 16.22 -10.25 3.38
N VAL A 246 17.12 -9.35 3.82
CA VAL A 246 16.73 -8.16 4.56
C VAL A 246 15.84 -7.25 3.71
N ILE A 247 16.00 -7.30 2.38
CA ILE A 247 15.15 -6.54 1.45
C ILE A 247 13.88 -7.34 1.13
N LEU A 248 14.02 -8.66 0.88
CA LEU A 248 12.92 -9.51 0.47
C LEU A 248 11.83 -9.64 1.55
N ASP A 249 12.25 -9.84 2.82
CA ASP A 249 11.34 -10.28 3.86
C ASP A 249 10.27 -9.21 4.10
N PRO A 250 10.58 -7.90 4.24
CA PRO A 250 9.54 -6.86 4.31
C PRO A 250 8.58 -6.82 3.12
N LEU A 251 9.11 -7.01 1.90
CA LEU A 251 8.29 -6.95 0.69
C LEU A 251 7.27 -8.10 0.62
N ILE A 252 7.60 -9.27 1.19
CA ILE A 252 6.66 -10.38 1.30
C ILE A 252 5.44 -9.97 2.15
N LYS A 253 5.66 -9.14 3.19
CA LYS A 253 4.61 -8.73 4.12
C LYS A 253 4.02 -7.35 3.76
N ASN A 254 4.21 -6.86 2.53
CA ASN A 254 3.64 -5.59 2.07
C ASN A 254 4.11 -4.42 2.92
N GLU A 255 5.42 -4.34 3.18
CA GLU A 255 6.04 -3.29 3.97
C GLU A 255 7.07 -2.58 3.11
N ASP A 256 6.89 -1.26 2.97
CA ASP A 256 7.84 -0.38 2.30
C ASP A 256 8.75 0.24 3.36
N ARG A 257 10.02 -0.20 3.38
CA ARG A 257 11.04 0.32 4.28
C ARG A 257 12.19 0.91 3.47
N LEU A 258 11.89 1.40 2.26
CA LEU A 258 12.91 1.75 1.27
C LEU A 258 13.55 3.11 1.55
N ASN A 259 12.92 3.95 2.39
CA ASN A 259 13.44 5.26 2.76
C ASN A 259 14.90 5.16 3.20
N GLY A 260 15.75 6.00 2.58
CA GLY A 260 17.16 6.10 2.90
C GLY A 260 18.04 5.13 2.12
N MET A 261 17.44 4.14 1.44
CA MET A 261 18.22 3.13 0.73
C MET A 261 18.66 3.67 -0.63
N HIS A 262 19.80 3.14 -1.10
CA HIS A 262 20.26 3.36 -2.46
C HIS A 262 19.36 2.54 -3.38
N ALA A 263 18.71 3.20 -4.35
CA ALA A 263 17.55 2.65 -5.03
C ALA A 263 17.95 1.65 -6.11
N ASN A 264 18.97 1.97 -6.92
CA ASN A 264 19.40 1.07 -7.98
C ASN A 264 20.05 -0.20 -7.42
N THR A 265 20.54 -0.18 -6.18
CA THR A 265 20.98 -1.40 -5.51
C THR A 265 19.81 -2.38 -5.40
N GLN A 266 18.60 -1.89 -5.06
CA GLN A 266 17.51 -2.76 -4.66
C GLN A 266 16.75 -3.35 -5.85
N ILE A 267 16.55 -2.58 -6.93
CA ILE A 267 15.60 -2.99 -7.97
C ILE A 267 16.09 -4.28 -8.65
N PRO A 268 17.39 -4.44 -8.99
CA PRO A 268 17.87 -5.70 -9.58
C PRO A 268 17.74 -6.94 -8.69
N LYS A 269 17.69 -6.75 -7.36
CA LYS A 269 17.41 -7.84 -6.44
C LYS A 269 15.97 -8.33 -6.61
N VAL A 270 15.06 -7.37 -6.82
CA VAL A 270 13.63 -7.64 -6.91
C VAL A 270 13.34 -8.30 -8.25
N ILE A 271 14.00 -7.83 -9.31
CA ILE A 271 14.00 -8.53 -10.59
C ILE A 271 14.43 -9.98 -10.35
N GLY A 272 15.52 -10.14 -9.59
CA GLY A 272 16.03 -11.44 -9.20
C GLY A 272 15.01 -12.33 -8.52
N TYR A 273 14.29 -11.78 -7.53
CA TYR A 273 13.33 -12.56 -6.74
C TYR A 273 12.20 -13.04 -7.67
N LYS A 274 11.75 -12.16 -8.57
CA LYS A 274 10.70 -12.46 -9.52
C LYS A 274 11.18 -13.58 -10.46
N ARG A 275 12.43 -13.48 -10.95
CA ARG A 275 12.98 -14.46 -11.86
C ARG A 275 13.13 -15.83 -11.17
N VAL A 276 13.56 -15.85 -9.90
CA VAL A 276 13.61 -17.10 -9.15
C VAL A 276 12.21 -17.71 -9.08
N ALA A 277 11.16 -16.88 -8.94
CA ALA A 277 9.78 -17.36 -8.90
C ALA A 277 9.31 -17.93 -10.24
N GLU A 278 9.66 -17.28 -11.36
CA GLU A 278 9.35 -17.79 -12.70
C GLU A 278 9.97 -19.17 -12.90
N VAL A 279 11.26 -19.31 -12.60
CA VAL A 279 12.02 -20.50 -12.89
C VAL A 279 11.71 -21.60 -11.88
N SER A 280 11.20 -21.24 -10.68
CA SER A 280 10.81 -22.19 -9.64
C SER A 280 9.33 -22.58 -9.72
N LYS A 281 8.64 -22.31 -10.84
CA LYS A 281 7.19 -22.45 -10.92
C LYS A 281 6.77 -23.90 -10.74
N ASN A 282 7.59 -24.86 -11.22
CA ASN A 282 7.33 -26.28 -11.13
C ASN A 282 8.42 -27.00 -10.32
N ASP A 283 8.94 -26.36 -9.27
CA ASP A 283 9.87 -26.98 -8.33
C ASP A 283 9.04 -27.49 -7.16
N LYS A 284 9.06 -28.82 -6.96
CA LYS A 284 8.29 -29.48 -5.92
C LYS A 284 8.93 -29.28 -4.55
N ASP A 285 10.26 -29.08 -4.51
CA ASP A 285 11.05 -29.07 -3.28
C ASP A 285 11.14 -27.66 -2.68
N TRP A 286 10.32 -26.71 -3.17
CA TRP A 286 10.36 -25.32 -2.76
C TRP A 286 8.99 -24.71 -3.06
N ASN A 287 8.39 -24.04 -2.08
CA ASN A 287 6.99 -23.67 -2.18
C ASN A 287 6.81 -22.16 -1.96
N HIS A 288 7.86 -21.35 -2.26
CA HIS A 288 7.88 -19.93 -1.92
C HIS A 288 7.79 -19.06 -3.19
N ALA A 289 7.29 -19.61 -4.31
CA ALA A 289 7.32 -18.90 -5.59
C ALA A 289 6.30 -17.75 -5.60
N ALA A 290 5.05 -18.05 -5.20
CA ALA A 290 3.99 -17.04 -5.16
C ALA A 290 4.32 -15.91 -4.18
N GLU A 291 4.97 -16.22 -3.05
CA GLU A 291 5.43 -15.21 -2.10
C GLU A 291 6.44 -14.25 -2.73
N TRP A 292 7.42 -14.80 -3.46
CA TRP A 292 8.49 -14.01 -4.07
C TRP A 292 7.92 -13.19 -5.22
N ASP A 293 7.03 -13.80 -6.02
CA ASP A 293 6.28 -13.11 -7.05
C ASP A 293 5.53 -11.94 -6.43
N HIS A 294 4.72 -12.21 -5.40
CA HIS A 294 3.96 -11.18 -4.71
C HIS A 294 4.86 -10.05 -4.20
N ALA A 295 6.01 -10.38 -3.61
CA ALA A 295 6.92 -9.38 -3.06
C ALA A 295 7.42 -8.43 -4.14
N ALA A 296 7.70 -8.96 -5.35
CA ALA A 296 8.08 -8.15 -6.50
C ALA A 296 6.93 -7.26 -6.97
N ARG A 297 5.68 -7.77 -6.97
CA ARG A 297 4.53 -6.99 -7.42
C ARG A 297 4.30 -5.82 -6.46
N PHE A 298 4.39 -6.09 -5.16
CA PHE A 298 4.24 -5.07 -4.13
C PHE A 298 5.31 -3.98 -4.29
N PHE A 299 6.57 -4.39 -4.50
CA PHE A 299 7.67 -3.47 -4.72
C PHE A 299 7.37 -2.53 -5.88
N TRP A 300 6.98 -3.11 -7.03
CA TRP A 300 6.59 -2.33 -8.20
C TRP A 300 5.50 -1.32 -7.85
N ASN A 301 4.50 -1.80 -7.11
CA ASN A 301 3.35 -0.99 -6.74
C ASN A 301 3.79 0.25 -5.96
N THR A 302 4.61 0.04 -4.90
CA THR A 302 4.95 1.12 -3.98
C THR A 302 5.89 2.14 -4.65
N VAL A 303 6.84 1.69 -5.46
CA VAL A 303 7.78 2.57 -6.15
C VAL A 303 7.03 3.40 -7.20
N VAL A 304 6.16 2.77 -8.01
CA VAL A 304 5.50 3.45 -9.11
C VAL A 304 4.45 4.42 -8.60
N ASN A 305 3.59 3.99 -7.66
CA ASN A 305 2.45 4.79 -7.23
C ASN A 305 2.79 5.77 -6.11
N HIS A 306 3.93 5.61 -5.40
CA HIS A 306 4.29 6.53 -4.31
C HIS A 306 5.64 7.24 -4.47
N ARG A 307 6.60 6.69 -5.23
CA ARG A 307 7.96 7.21 -5.22
C ARG A 307 8.43 7.70 -6.58
N SER A 308 7.51 7.78 -7.57
CA SER A 308 7.88 8.08 -8.93
C SER A 308 7.31 9.43 -9.37
N VAL A 309 8.12 10.18 -10.13
CA VAL A 309 7.70 11.45 -10.71
C VAL A 309 7.08 11.18 -12.09
N CYS A 310 6.57 12.24 -12.75
CA CYS A 310 5.78 12.11 -13.96
C CYS A 310 6.56 11.50 -15.12
N ILE A 311 7.89 11.67 -15.18
CA ILE A 311 8.68 11.08 -16.27
C ILE A 311 8.87 9.58 -16.07
N GLY A 312 8.51 9.02 -14.90
CA GLY A 312 8.48 7.59 -14.66
C GLY A 312 9.65 7.10 -13.81
N GLY A 313 10.56 8.02 -13.44
CA GLY A 313 11.74 7.69 -12.68
C GLY A 313 11.54 7.94 -11.18
N ASN A 314 12.59 7.59 -10.42
CA ASN A 314 12.58 7.65 -8.97
C ASN A 314 13.99 8.00 -8.48
N SER A 315 14.09 8.42 -7.21
CA SER A 315 15.34 8.60 -6.46
C SER A 315 15.82 10.05 -6.56
N VAL A 316 16.53 10.50 -5.51
CA VAL A 316 17.27 11.77 -5.49
C VAL A 316 18.64 11.48 -4.90
N ARG A 317 19.71 11.95 -5.55
CA ARG A 317 21.08 11.56 -5.21
C ARG A 317 21.18 10.03 -5.07
N GLU A 318 20.51 9.31 -6.00
CA GLU A 318 20.54 7.85 -6.10
C GLU A 318 19.78 7.14 -4.98
N HIS A 319 19.04 7.86 -4.12
CA HIS A 319 18.46 7.30 -2.90
C HIS A 319 16.96 7.58 -2.83
N PHE A 320 16.22 6.66 -2.21
CA PHE A 320 14.80 6.83 -1.96
C PHE A 320 14.61 7.81 -0.81
N HIS A 321 14.11 9.01 -1.13
CA HIS A 321 13.64 9.96 -0.13
C HIS A 321 12.28 9.51 0.39
N PRO A 322 11.76 10.06 1.52
CA PRO A 322 10.38 9.77 1.96
C PRO A 322 9.33 10.12 0.93
N SER A 323 8.26 9.30 0.87
CA SER A 323 7.21 9.44 -0.14
C SER A 323 6.21 10.55 0.22
N ASP A 324 6.27 11.09 1.44
CA ASP A 324 5.49 12.25 1.84
C ASP A 324 6.31 13.55 1.77
N ASN A 325 7.53 13.51 1.19
CA ASN A 325 8.37 14.69 1.09
C ASN A 325 9.23 14.65 -0.16
N PHE A 326 8.81 15.38 -1.20
CA PHE A 326 9.51 15.49 -2.47
C PHE A 326 10.28 16.82 -2.57
N THR A 327 10.57 17.47 -1.43
CA THR A 327 11.28 18.74 -1.43
C THR A 327 12.63 18.59 -2.13
N SER A 328 13.38 17.52 -1.82
CA SER A 328 14.70 17.30 -2.40
C SER A 328 14.60 17.02 -3.91
N MET A 329 13.52 16.37 -4.36
CA MET A 329 13.26 16.12 -5.77
C MET A 329 13.07 17.43 -6.54
N LEU A 330 12.52 18.47 -5.90
CA LEU A 330 12.32 19.76 -6.54
C LEU A 330 13.46 20.74 -6.29
N ASN A 331 14.43 20.39 -5.42
CA ASN A 331 15.55 21.25 -5.04
C ASN A 331 16.88 20.81 -5.66
N ASP A 332 17.12 19.49 -5.76
CA ASP A 332 18.45 18.95 -6.03
C ASP A 332 18.67 18.81 -7.53
N VAL A 333 19.91 19.05 -7.97
CA VAL A 333 20.29 18.88 -9.37
C VAL A 333 20.45 17.41 -9.72
N GLN A 334 20.61 16.53 -8.71
CA GLN A 334 20.70 15.09 -8.90
C GLN A 334 19.32 14.45 -8.79
N GLY A 335 18.52 14.60 -9.84
CA GLY A 335 17.18 14.02 -9.90
C GLY A 335 17.22 12.53 -10.21
N PRO A 336 16.10 11.93 -10.69
CA PRO A 336 16.04 10.49 -10.95
C PRO A 336 17.20 9.96 -11.79
N GLU A 337 17.78 8.84 -11.35
CA GLU A 337 18.86 8.19 -12.06
C GLU A 337 18.28 7.29 -13.15
N THR A 338 18.97 7.20 -14.30
CA THR A 338 18.47 6.48 -15.45
C THR A 338 18.47 4.96 -15.23
N CYS A 339 19.51 4.41 -14.56
CA CYS A 339 19.56 2.98 -14.31
C CYS A 339 18.29 2.47 -13.63
N ASN A 340 17.74 3.27 -12.71
CA ASN A 340 16.59 2.87 -11.92
C ASN A 340 15.40 2.62 -12.82
N THR A 341 15.19 3.47 -13.84
CA THR A 341 14.06 3.33 -14.74
C THR A 341 14.27 2.14 -15.68
N TYR A 342 15.47 2.03 -16.26
CA TYR A 342 15.89 0.84 -17.00
C TYR A 342 15.49 -0.43 -16.23
N ASN A 343 15.84 -0.50 -14.94
CA ASN A 343 15.55 -1.66 -14.13
C ASN A 343 14.07 -1.78 -13.78
N MET A 344 13.39 -0.67 -13.50
CA MET A 344 11.95 -0.68 -13.26
C MET A 344 11.20 -1.23 -14.48
N LEU A 345 11.69 -0.91 -15.69
CA LEU A 345 11.06 -1.36 -16.91
C LEU A 345 11.29 -2.86 -17.14
N ARG A 346 12.42 -3.39 -16.69
CA ARG A 346 12.69 -4.82 -16.77
C ARG A 346 11.76 -5.57 -15.83
N LEU A 347 11.57 -5.06 -14.60
CA LEU A 347 10.62 -5.63 -13.66
C LEU A 347 9.20 -5.52 -14.21
N THR A 348 8.86 -4.40 -14.86
CA THR A 348 7.51 -4.22 -15.38
C THR A 348 7.18 -5.33 -16.38
N LYS A 349 8.11 -5.57 -17.31
CA LYS A 349 7.98 -6.59 -18.35
C LYS A 349 7.72 -7.98 -17.75
N MET A 350 8.42 -8.31 -16.66
CA MET A 350 8.27 -9.58 -15.99
C MET A 350 6.90 -9.69 -15.32
N LEU A 351 6.48 -8.62 -14.62
CA LEU A 351 5.23 -8.64 -13.88
C LEU A 351 4.03 -8.66 -14.83
N TYR A 352 4.08 -7.91 -15.93
CA TYR A 352 2.98 -7.92 -16.91
C TYR A 352 2.74 -9.32 -17.49
N GLN A 353 3.83 -10.04 -17.76
CA GLN A 353 3.79 -11.29 -18.50
C GLN A 353 2.84 -12.30 -17.84
N ASN A 354 2.98 -12.48 -16.51
CA ASN A 354 2.14 -13.44 -15.79
C ASN A 354 1.05 -12.76 -14.95
N SER A 355 0.69 -11.49 -15.25
CA SER A 355 -0.27 -10.76 -14.43
C SER A 355 -1.66 -11.37 -14.51
N GLY A 356 -2.03 -11.93 -15.68
CA GLY A 356 -3.29 -12.63 -15.86
C GLY A 356 -3.41 -13.94 -15.06
N ASP A 357 -2.26 -14.58 -14.74
CA ASP A 357 -2.23 -15.80 -13.93
C ASP A 357 -2.56 -15.48 -12.46
N VAL A 358 -2.11 -14.32 -11.97
CA VAL A 358 -2.29 -13.92 -10.58
C VAL A 358 -3.78 -13.70 -10.26
N ASP A 359 -4.48 -12.92 -11.10
CA ASP A 359 -5.91 -12.65 -10.93
C ASP A 359 -6.79 -13.72 -11.59
N ASN A 360 -6.16 -14.72 -12.23
CA ASN A 360 -6.81 -15.88 -12.84
C ASN A 360 -7.83 -15.44 -13.91
N SER A 361 -7.55 -14.33 -14.59
CA SER A 361 -8.35 -13.85 -15.70
C SER A 361 -7.84 -14.43 -17.02
N ASN A 362 -6.57 -14.89 -17.05
CA ASN A 362 -5.87 -15.25 -18.28
C ASN A 362 -5.80 -14.05 -19.23
N LYS A 363 -5.84 -12.84 -18.66
CA LYS A 363 -5.80 -11.59 -19.40
C LYS A 363 -4.77 -10.70 -18.69
N PRO A 364 -3.69 -10.26 -19.37
CA PRO A 364 -2.66 -9.49 -18.70
C PRO A 364 -3.17 -8.07 -18.39
N ASP A 365 -2.58 -7.45 -17.38
CA ASP A 365 -3.05 -6.18 -16.83
C ASP A 365 -2.41 -5.01 -17.59
N PRO A 366 -3.19 -4.20 -18.37
CA PRO A 366 -2.62 -3.10 -19.13
C PRO A 366 -2.12 -1.88 -18.35
N ARG A 367 -2.36 -1.80 -17.04
CA ARG A 367 -1.82 -0.72 -16.21
C ARG A 367 -0.30 -0.81 -16.10
N TYR A 368 0.28 -2.01 -16.23
CA TYR A 368 1.73 -2.15 -16.35
C TYR A 368 2.24 -1.45 -17.61
N VAL A 369 1.46 -1.50 -18.70
CA VAL A 369 1.82 -0.89 -19.97
C VAL A 369 1.73 0.63 -19.86
N ASP A 370 0.73 1.15 -19.12
CA ASP A 370 0.59 2.58 -18.86
C ASP A 370 1.87 3.14 -18.27
N TYR A 371 2.41 2.49 -17.24
CA TYR A 371 3.70 2.86 -16.69
C TYR A 371 4.83 2.66 -17.73
N TYR A 372 4.83 1.53 -18.45
CA TYR A 372 5.94 1.22 -19.35
C TYR A 372 6.08 2.36 -20.37
N GLU A 373 4.94 2.73 -20.99
CA GLU A 373 4.83 3.83 -21.92
C GLU A 373 5.35 5.14 -21.31
N ARG A 374 4.86 5.50 -20.12
CA ARG A 374 5.24 6.74 -19.46
C ARG A 374 6.75 6.81 -19.28
N ALA A 375 7.35 5.76 -18.72
CA ALA A 375 8.78 5.76 -18.43
C ALA A 375 9.62 5.68 -19.71
N LEU A 376 9.14 4.99 -20.75
CA LEU A 376 9.92 4.80 -21.97
C LEU A 376 9.98 6.08 -22.79
N TYR A 377 8.83 6.72 -23.01
CA TYR A 377 8.75 7.94 -23.80
C TYR A 377 9.42 9.11 -23.06
N ASN A 378 9.30 9.17 -21.72
CA ASN A 378 9.66 10.37 -20.98
C ASN A 378 11.01 10.27 -20.30
N HIS A 379 11.47 9.08 -19.89
CA HIS A 379 12.75 8.97 -19.21
C HIS A 379 13.79 8.31 -20.10
N ILE A 380 13.51 7.10 -20.60
CA ILE A 380 14.49 6.37 -21.39
C ILE A 380 14.77 7.15 -22.67
N LEU A 381 13.73 7.56 -23.40
CA LEU A 381 13.91 8.25 -24.67
C LEU A 381 14.54 9.63 -24.49
N SER A 382 14.28 10.30 -23.36
CA SER A 382 14.86 11.60 -23.04
C SER A 382 16.33 11.51 -22.61
N SER A 383 16.80 10.30 -22.22
CA SER A 383 18.11 10.13 -21.58
C SER A 383 19.26 9.97 -22.58
N GLN A 384 18.99 10.05 -23.89
CA GLN A 384 20.03 10.03 -24.91
C GLN A 384 19.88 11.28 -25.77
N GLU A 385 20.99 11.98 -25.99
CA GLU A 385 21.02 13.09 -26.93
C GLU A 385 20.82 12.49 -28.32
N PRO A 386 19.73 12.84 -29.05
CA PRO A 386 19.33 12.07 -30.23
C PRO A 386 20.17 12.20 -31.50
N ASP A 387 21.04 13.22 -31.58
CA ASP A 387 21.80 13.52 -32.79
C ASP A 387 23.28 13.19 -32.59
N LYS A 388 23.89 13.79 -31.56
CA LYS A 388 25.30 13.61 -31.23
C LYS A 388 25.50 12.28 -30.49
N GLY A 389 24.50 11.85 -29.72
CA GLY A 389 24.68 10.78 -28.75
C GLY A 389 25.20 11.32 -27.42
N GLY A 390 25.25 10.45 -26.43
CA GLY A 390 25.54 10.81 -25.06
C GLY A 390 24.38 10.42 -24.15
N PHE A 391 24.70 9.75 -23.04
CA PHE A 391 23.73 9.25 -22.09
C PHE A 391 23.67 10.10 -20.84
N VAL A 392 22.45 10.25 -20.28
CA VAL A 392 22.21 11.00 -19.06
C VAL A 392 22.28 10.06 -17.86
N TYR A 393 22.83 10.57 -16.75
CA TYR A 393 22.85 9.89 -15.46
C TYR A 393 21.70 10.43 -14.61
N PHE A 394 21.71 11.75 -14.37
CA PHE A 394 20.72 12.41 -13.53
C PHE A 394 19.85 13.33 -14.39
N THR A 395 18.52 13.21 -14.23
CA THR A 395 17.56 14.10 -14.86
C THR A 395 16.97 15.00 -13.77
N PRO A 396 17.47 16.23 -13.52
CA PRO A 396 16.90 17.09 -12.47
C PRO A 396 15.41 17.38 -12.69
N MET A 397 14.64 17.26 -11.60
CA MET A 397 13.27 17.76 -11.57
C MET A 397 13.22 19.14 -10.94
N ARG A 398 14.35 19.67 -10.43
CA ARG A 398 14.46 21.06 -10.03
C ARG A 398 14.10 21.99 -11.20
N PRO A 399 13.19 22.97 -11.05
CA PRO A 399 12.89 23.90 -12.14
C PRO A 399 14.12 24.75 -12.50
N GLY A 400 14.55 24.65 -13.77
CA GLY A 400 15.50 25.57 -14.36
C GLY A 400 16.94 25.07 -14.39
N HIS A 401 17.17 23.75 -14.19
CA HIS A 401 18.50 23.17 -14.33
C HIS A 401 18.56 22.40 -15.64
N TYR A 402 19.69 21.72 -15.89
CA TYR A 402 19.95 20.97 -17.10
C TYR A 402 20.54 19.60 -16.72
N ARG A 403 20.64 18.71 -17.71
CA ARG A 403 21.20 17.37 -17.51
C ARG A 403 22.45 17.20 -18.37
N VAL A 404 23.40 16.44 -17.81
CA VAL A 404 24.71 16.20 -18.39
C VAL A 404 24.68 14.90 -19.19
N TYR A 405 25.37 14.89 -20.35
CA TYR A 405 25.48 13.76 -21.24
C TYR A 405 26.88 13.14 -21.12
N SER A 406 26.93 11.81 -21.27
CA SER A 406 28.19 11.07 -21.39
C SER A 406 28.85 11.36 -22.73
N GLN A 407 30.14 11.01 -22.82
CA GLN A 407 30.85 10.92 -24.10
C GLN A 407 31.55 9.57 -24.18
N PRO A 408 31.65 8.97 -25.40
CA PRO A 408 32.23 7.62 -25.56
C PRO A 408 33.51 7.28 -24.81
N GLU A 409 34.57 8.09 -25.00
CA GLU A 409 35.90 7.79 -24.49
C GLU A 409 36.07 8.20 -23.03
N THR A 410 35.16 9.05 -22.50
CA THR A 410 35.38 9.73 -21.23
C THR A 410 34.55 9.13 -20.09
N SER A 411 33.38 8.56 -20.40
CA SER A 411 32.34 8.32 -19.41
C SER A 411 32.08 6.83 -19.26
N MET A 412 32.39 6.28 -18.08
CA MET A 412 32.24 4.85 -17.79
C MET A 412 31.29 4.62 -16.61
N TRP A 413 30.17 5.37 -16.58
CA TRP A 413 29.23 5.36 -15.48
C TRP A 413 28.30 4.14 -15.60
N CYS A 414 27.59 3.85 -14.50
CA CYS A 414 26.54 2.85 -14.50
C CYS A 414 25.47 3.20 -15.52
N CYS A 415 25.12 4.49 -15.60
CA CYS A 415 24.09 4.96 -16.52
C CYS A 415 24.55 4.95 -17.98
N VAL A 416 25.87 4.87 -18.25
CA VAL A 416 26.35 4.58 -19.59
C VAL A 416 26.07 3.11 -19.93
N GLY A 417 26.45 2.21 -19.02
CA GLY A 417 26.19 0.78 -19.17
C GLY A 417 24.74 0.44 -19.51
N SER A 418 23.81 0.87 -18.66
CA SER A 418 22.39 0.70 -18.93
C SER A 418 21.94 1.50 -20.15
N GLY A 419 22.57 2.66 -20.37
CA GLY A 419 22.31 3.49 -21.53
C GLY A 419 22.56 2.75 -22.85
N LEU A 420 23.66 2.00 -22.92
CA LEU A 420 24.00 1.21 -24.10
C LEU A 420 22.89 0.18 -24.36
N GLU A 421 22.36 -0.43 -23.28
CA GLU A 421 21.30 -1.42 -23.39
C GLU A 421 19.96 -0.82 -23.80
N ASN A 422 19.61 0.36 -23.27
CA ASN A 422 18.28 0.93 -23.35
C ASN A 422 17.74 0.94 -24.78
N HIS A 423 18.54 1.43 -25.74
CA HIS A 423 18.03 1.81 -27.05
C HIS A 423 18.15 0.65 -28.04
N THR A 424 18.70 -0.50 -27.60
CA THR A 424 18.77 -1.71 -28.41
C THR A 424 17.43 -2.44 -28.51
N LYS A 425 16.49 -2.18 -27.60
CA LYS A 425 15.43 -3.13 -27.29
C LYS A 425 14.05 -2.47 -27.25
N TYR A 426 13.86 -1.34 -27.94
CA TYR A 426 12.57 -0.68 -28.01
C TYR A 426 11.52 -1.60 -28.68
N GLY A 427 11.96 -2.58 -29.49
CA GLY A 427 11.05 -3.55 -30.10
C GLY A 427 10.41 -4.55 -29.14
N GLU A 428 10.91 -4.65 -27.89
CA GLU A 428 10.67 -5.79 -27.03
C GLU A 428 9.26 -5.79 -26.43
N PHE A 429 8.66 -4.61 -26.19
CA PHE A 429 7.41 -4.50 -25.44
C PHE A 429 6.26 -3.95 -26.28
N ILE A 430 6.47 -3.77 -27.59
CA ILE A 430 5.45 -3.19 -28.45
C ILE A 430 4.28 -4.17 -28.54
N TYR A 431 4.59 -5.47 -28.64
CA TYR A 431 3.57 -6.50 -28.75
C TYR A 431 3.80 -7.57 -27.68
N ALA A 432 2.78 -8.40 -27.50
CA ALA A 432 2.87 -9.67 -26.79
C ALA A 432 1.90 -10.65 -27.46
N HIS A 433 2.16 -11.96 -27.31
CA HIS A 433 1.33 -12.98 -27.96
C HIS A 433 0.89 -14.06 -26.98
N GLN A 434 -0.30 -14.60 -27.25
CA GLN A 434 -0.96 -15.58 -26.40
C GLN A 434 -1.82 -16.45 -27.31
N GLN A 435 -1.20 -17.46 -27.91
CA GLN A 435 -1.88 -18.40 -28.79
C GLN A 435 -2.49 -17.62 -29.97
N ASP A 436 -3.82 -17.46 -29.96
CA ASP A 436 -4.51 -16.88 -31.11
C ASP A 436 -4.74 -15.39 -30.90
N THR A 437 -4.03 -14.77 -29.94
CA THR A 437 -4.29 -13.40 -29.51
C THR A 437 -3.00 -12.59 -29.58
N LEU A 438 -3.06 -11.42 -30.23
CA LEU A 438 -1.98 -10.45 -30.21
C LEU A 438 -2.41 -9.24 -29.39
N TYR A 439 -1.54 -8.83 -28.46
CA TYR A 439 -1.70 -7.59 -27.70
C TYR A 439 -0.88 -6.51 -28.39
N VAL A 440 -1.55 -5.43 -28.82
CA VAL A 440 -0.91 -4.25 -29.37
C VAL A 440 -0.79 -3.22 -28.25
N ASN A 441 0.43 -3.08 -27.69
CA ASN A 441 0.64 -2.41 -26.41
C ASN A 441 1.21 -1.00 -26.62
N LEU A 442 2.30 -0.85 -27.38
CA LEU A 442 2.91 0.46 -27.62
C LEU A 442 2.65 0.88 -29.06
N PHE A 443 2.44 2.19 -29.26
CA PHE A 443 2.06 2.75 -30.54
C PHE A 443 3.32 3.26 -31.23
N ILE A 444 4.19 2.30 -31.59
CA ILE A 444 5.51 2.56 -32.11
C ILE A 444 5.57 1.96 -33.51
N PRO A 445 5.90 2.76 -34.56
CA PRO A 445 5.97 2.23 -35.92
C PRO A 445 6.87 1.00 -36.01
N SER A 446 6.33 -0.11 -36.53
CA SER A 446 7.05 -1.37 -36.50
C SER A 446 6.48 -2.37 -37.50
N GLN A 447 7.31 -3.35 -37.88
CA GLN A 447 6.89 -4.51 -38.65
C GLN A 447 7.10 -5.76 -37.78
N LEU A 448 6.02 -6.50 -37.55
CA LEU A 448 6.02 -7.67 -36.67
C LEU A 448 5.96 -8.92 -37.53
N ASN A 449 6.84 -9.89 -37.21
CA ASN A 449 6.77 -11.23 -37.76
C ASN A 449 6.19 -12.13 -36.67
N TRP A 450 4.88 -12.38 -36.74
CA TRP A 450 4.19 -13.28 -35.84
C TRP A 450 4.16 -14.67 -36.47
N LYS A 451 5.32 -15.35 -36.39
CA LYS A 451 5.56 -16.64 -37.06
C LYS A 451 4.59 -17.73 -36.60
N GLU A 452 4.16 -17.64 -35.32
CA GLU A 452 3.37 -18.66 -34.66
C GLU A 452 1.96 -18.75 -35.26
N GLN A 453 1.50 -17.69 -35.96
CA GLN A 453 0.23 -17.72 -36.64
C GLN A 453 0.36 -17.36 -38.11
N GLY A 454 1.60 -17.43 -38.64
CA GLY A 454 1.89 -17.10 -40.04
C GLY A 454 1.45 -15.69 -40.43
N VAL A 455 1.60 -14.72 -39.52
CA VAL A 455 1.19 -13.34 -39.76
C VAL A 455 2.43 -12.43 -39.81
N THR A 456 2.47 -11.56 -40.83
CA THR A 456 3.30 -10.37 -40.83
C THR A 456 2.37 -9.16 -40.75
N LEU A 457 2.76 -8.18 -39.94
CA LEU A 457 1.93 -7.04 -39.61
C LEU A 457 2.80 -5.78 -39.55
N THR A 458 2.28 -4.65 -40.06
CA THR A 458 2.96 -3.36 -40.00
C THR A 458 2.08 -2.36 -39.24
N GLN A 459 2.63 -1.75 -38.18
CA GLN A 459 1.99 -0.63 -37.51
C GLN A 459 2.62 0.67 -38.03
N GLU A 460 1.78 1.60 -38.51
CA GLU A 460 2.20 2.93 -38.93
C GLU A 460 1.43 3.96 -38.12
N THR A 461 2.15 4.98 -37.64
CA THR A 461 1.59 6.05 -36.82
C THR A 461 2.66 7.12 -36.67
N LEU A 462 2.22 8.39 -36.59
CA LEU A 462 3.12 9.50 -36.29
C LEU A 462 3.03 9.86 -34.80
N PHE A 463 2.35 9.01 -34.01
CA PHE A 463 2.23 9.16 -32.56
C PHE A 463 3.62 9.34 -31.94
N PRO A 464 3.83 10.30 -31.00
CA PRO A 464 2.77 11.10 -30.37
C PRO A 464 2.36 12.42 -31.04
N ASP A 465 2.86 12.67 -32.26
CA ASP A 465 2.60 13.90 -33.00
C ASP A 465 1.28 13.85 -33.77
N ASP A 466 0.62 12.69 -33.83
CA ASP A 466 -0.70 12.54 -34.43
C ASP A 466 -1.41 11.37 -33.74
N GLU A 467 -2.74 11.33 -33.85
CA GLU A 467 -3.57 10.41 -33.08
C GLU A 467 -3.82 9.09 -33.83
N LYS A 468 -3.57 9.05 -35.14
CA LYS A 468 -4.00 7.93 -35.98
C LYS A 468 -2.97 6.80 -35.93
N VAL A 469 -3.48 5.57 -35.80
CA VAL A 469 -2.69 4.33 -35.92
C VAL A 469 -3.36 3.48 -37.00
N THR A 470 -2.57 2.92 -37.94
CA THR A 470 -3.04 1.91 -38.87
C THR A 470 -2.24 0.63 -38.65
N LEU A 471 -2.94 -0.52 -38.64
CA LEU A 471 -2.34 -1.85 -38.60
C LEU A 471 -2.66 -2.55 -39.91
N ARG A 472 -1.63 -2.82 -40.73
CA ARG A 472 -1.81 -3.49 -42.01
C ARG A 472 -1.37 -4.95 -41.87
N ILE A 473 -2.23 -5.88 -42.30
CA ILE A 473 -1.87 -7.29 -42.39
C ILE A 473 -1.13 -7.46 -43.71
N ASP A 474 0.18 -7.74 -43.63
CA ASP A 474 1.03 -7.90 -44.80
C ASP A 474 1.04 -9.35 -45.28
N LYS A 475 0.76 -10.29 -44.37
CA LYS A 475 0.72 -11.71 -44.66
C LYS A 475 -0.11 -12.38 -43.57
N ALA A 476 -0.86 -13.43 -43.94
CA ALA A 476 -1.68 -14.18 -42.99
C ALA A 476 -2.05 -15.54 -43.58
N ALA A 477 -2.52 -16.44 -42.72
CA ALA A 477 -2.90 -17.81 -43.10
C ALA A 477 -4.37 -18.10 -42.79
N LYS A 478 -5.25 -17.10 -42.97
CA LYS A 478 -6.70 -17.26 -42.91
C LYS A 478 -7.16 -18.00 -41.63
N LYS A 479 -6.62 -17.61 -40.48
CA LYS A 479 -7.00 -18.15 -39.19
C LYS A 479 -7.71 -17.07 -38.38
N ASN A 480 -8.65 -17.50 -37.53
CA ASN A 480 -9.33 -16.63 -36.58
C ASN A 480 -8.36 -16.22 -35.49
N LEU A 481 -8.03 -14.91 -35.42
CA LEU A 481 -7.08 -14.37 -34.46
C LEU A 481 -7.63 -13.07 -33.88
N THR A 482 -7.37 -12.84 -32.59
CA THR A 482 -7.86 -11.69 -31.87
C THR A 482 -6.72 -10.68 -31.71
N LEU A 483 -6.89 -9.46 -32.26
CA LEU A 483 -6.02 -8.34 -31.92
C LEU A 483 -6.62 -7.63 -30.71
N MET A 484 -5.87 -7.59 -29.61
CA MET A 484 -6.24 -6.86 -28.40
C MET A 484 -5.54 -5.50 -28.42
N ILE A 485 -6.29 -4.46 -28.79
CA ILE A 485 -5.77 -3.10 -28.93
C ILE A 485 -5.86 -2.44 -27.55
N ARG A 486 -4.71 -1.99 -27.02
CA ARG A 486 -4.67 -1.31 -25.73
C ARG A 486 -5.38 0.04 -25.86
N ILE A 487 -6.32 0.29 -24.93
CA ILE A 487 -6.97 1.58 -24.78
C ILE A 487 -6.45 2.17 -23.46
N PRO A 488 -5.44 3.07 -23.49
CA PRO A 488 -4.90 3.65 -22.26
C PRO A 488 -5.90 4.51 -21.47
N GLU A 489 -5.65 4.63 -20.16
CA GLU A 489 -6.31 5.57 -19.26
C GLU A 489 -6.48 6.93 -19.94
N TRP A 490 -5.36 7.45 -20.46
CA TRP A 490 -5.29 8.80 -20.99
C TRP A 490 -6.11 9.01 -22.26
N ALA A 491 -6.54 7.91 -22.93
CA ALA A 491 -7.52 7.96 -24.00
C ALA A 491 -8.91 7.62 -23.44
N TYR A 497 -15.80 4.75 -28.95
CA TYR A 497 -14.53 4.20 -29.51
C TYR A 497 -14.77 3.68 -30.93
N GLU A 498 -14.38 4.50 -31.92
CA GLU A 498 -14.54 4.21 -33.35
C GLU A 498 -13.24 3.62 -33.92
N ILE A 499 -13.33 2.40 -34.47
CA ILE A 499 -12.28 1.79 -35.28
C ILE A 499 -12.80 1.59 -36.71
N THR A 500 -11.91 1.22 -37.64
CA THR A 500 -12.27 1.04 -39.05
C THR A 500 -11.52 -0.16 -39.63
N ILE A 501 -12.25 -1.25 -39.96
CA ILE A 501 -11.69 -2.43 -40.62
C ILE A 501 -12.13 -2.41 -42.09
N ASN A 502 -11.16 -2.23 -43.00
CA ASN A 502 -11.37 -2.31 -44.45
C ASN A 502 -12.50 -1.40 -44.91
N GLY A 503 -12.45 -0.12 -44.51
CA GLY A 503 -13.46 0.86 -44.89
C GLY A 503 -14.65 0.92 -43.92
N LYS A 504 -15.08 -0.23 -43.39
CA LYS A 504 -16.28 -0.31 -42.58
C LYS A 504 -15.97 0.13 -41.15
N LYS A 505 -16.75 1.09 -40.64
CA LYS A 505 -16.57 1.66 -39.30
C LYS A 505 -17.34 0.79 -38.31
N HIS A 506 -16.85 0.74 -37.06
CA HIS A 506 -17.34 -0.18 -36.04
C HIS A 506 -17.26 0.47 -34.65
N LEU A 507 -18.39 1.04 -34.20
CA LEU A 507 -18.54 1.55 -32.84
C LEU A 507 -18.71 0.36 -31.89
N SER A 508 -18.02 0.42 -30.74
CA SER A 508 -18.31 -0.42 -29.57
C SER A 508 -18.47 0.50 -28.36
N ASP A 509 -19.01 -0.05 -27.26
CA ASP A 509 -19.33 0.74 -26.07
C ASP A 509 -18.04 1.13 -25.35
N ILE A 510 -18.03 2.34 -24.78
CA ILE A 510 -16.94 2.81 -23.93
C ILE A 510 -17.03 2.00 -22.63
N GLN A 511 -16.30 0.88 -22.57
CA GLN A 511 -16.47 -0.14 -21.55
C GLN A 511 -16.16 0.41 -20.15
N THR A 512 -15.09 1.21 -20.03
CA THR A 512 -14.68 1.80 -18.77
C THR A 512 -13.73 2.99 -19.02
N GLY A 513 -13.71 3.95 -18.09
CA GLY A 513 -12.69 4.98 -18.02
C GLY A 513 -11.28 4.42 -17.82
N ALA A 514 -11.17 3.30 -17.07
CA ALA A 514 -9.90 2.68 -16.78
C ALA A 514 -9.27 2.06 -18.03
N SER A 515 -7.99 1.73 -17.89
CA SER A 515 -7.20 1.19 -18.98
C SER A 515 -7.61 -0.26 -19.26
N THR A 516 -7.80 -0.59 -20.55
CA THR A 516 -8.37 -1.87 -20.95
C THR A 516 -7.91 -2.25 -22.35
N TYR A 517 -8.45 -3.37 -22.86
CA TYR A 517 -8.14 -3.88 -24.19
C TYR A 517 -9.44 -3.97 -24.98
N LEU A 518 -9.38 -3.60 -26.27
CA LEU A 518 -10.49 -3.76 -27.20
C LEU A 518 -10.20 -4.97 -28.10
N PRO A 519 -10.97 -6.09 -28.01
CA PRO A 519 -10.77 -7.24 -28.89
C PRO A 519 -11.35 -7.03 -30.30
N ILE A 520 -10.56 -7.39 -31.33
CA ILE A 520 -11.01 -7.41 -32.72
C ILE A 520 -10.61 -8.77 -33.32
N ARG A 521 -11.61 -9.62 -33.60
CA ARG A 521 -11.40 -11.00 -34.03
C ARG A 521 -11.91 -11.12 -35.47
N ARG A 522 -11.01 -11.45 -36.42
CA ARG A 522 -11.35 -11.79 -37.80
C ARG A 522 -10.47 -12.93 -38.29
N LYS A 523 -10.91 -13.59 -39.37
CA LYS A 523 -10.04 -14.38 -40.24
C LYS A 523 -9.19 -13.38 -41.03
N TRP A 524 -8.09 -12.93 -40.42
CA TRP A 524 -7.26 -11.90 -41.02
C TRP A 524 -6.61 -12.45 -42.28
N LYS A 525 -6.70 -11.69 -43.38
CA LYS A 525 -6.02 -12.02 -44.63
C LYS A 525 -5.10 -10.85 -45.01
N LYS A 526 -4.20 -11.13 -45.96
CA LYS A 526 -3.32 -10.14 -46.55
C LYS A 526 -4.15 -8.99 -47.12
N GLY A 527 -3.74 -7.75 -46.81
CA GLY A 527 -4.41 -6.55 -47.32
C GLY A 527 -5.38 -5.92 -46.33
N ASP A 528 -5.70 -6.60 -45.22
CA ASP A 528 -6.60 -6.05 -44.21
C ASP A 528 -5.91 -4.91 -43.47
N MET A 529 -6.75 -3.99 -42.97
CA MET A 529 -6.37 -2.67 -42.49
C MET A 529 -7.25 -2.35 -41.29
N ILE A 530 -6.64 -2.03 -40.15
CA ILE A 530 -7.35 -1.58 -38.96
C ILE A 530 -6.85 -0.17 -38.67
N THR A 531 -7.77 0.82 -38.72
CA THR A 531 -7.49 2.20 -38.37
C THR A 531 -8.20 2.52 -37.06
N PHE A 532 -7.49 3.19 -36.13
CA PHE A 532 -8.10 3.76 -34.94
C PHE A 532 -7.34 5.02 -34.51
N HIS A 533 -7.98 5.79 -33.63
CA HIS A 533 -7.45 7.06 -33.14
C HIS A 533 -7.25 6.97 -31.63
N LEU A 534 -6.19 7.63 -31.15
CA LEU A 534 -5.88 7.76 -29.73
C LEU A 534 -6.11 9.21 -29.29
N PRO A 535 -7.27 9.57 -28.69
CA PRO A 535 -7.54 10.96 -28.28
C PRO A 535 -6.65 11.40 -27.12
N MET A 536 -5.92 12.50 -27.32
CA MET A 536 -4.93 13.00 -26.38
C MET A 536 -5.43 14.31 -25.78
N LYS A 537 -5.30 14.47 -24.45
CA LYS A 537 -5.70 15.67 -23.75
C LYS A 537 -4.54 16.19 -22.90
N VAL A 538 -4.59 17.49 -22.63
CA VAL A 538 -3.72 18.14 -21.68
C VAL A 538 -4.18 17.73 -20.28
N SER A 539 -3.25 17.18 -19.48
CA SER A 539 -3.46 17.00 -18.04
C SER A 539 -2.37 17.75 -17.28
N LEU A 540 -2.64 18.05 -16.01
CA LEU A 540 -1.73 18.77 -15.13
C LEU A 540 -1.48 17.87 -13.94
N GLU A 541 -0.30 17.24 -13.89
CA GLU A 541 0.00 16.21 -12.91
C GLU A 541 0.79 16.80 -11.74
N GLN A 542 0.23 16.67 -10.53
CA GLN A 542 0.79 17.25 -9.32
C GLN A 542 1.93 16.35 -8.83
N ILE A 543 2.94 16.97 -8.19
CA ILE A 543 3.99 16.24 -7.50
C ILE A 543 3.31 15.34 -6.46
N PRO A 544 3.71 14.04 -6.31
CA PRO A 544 2.87 13.08 -5.57
C PRO A 544 2.57 13.33 -4.09
N ASP A 545 3.37 14.15 -3.40
CA ASP A 545 3.09 14.53 -2.02
C ASP A 545 2.17 15.75 -1.91
N LYS A 546 1.65 16.25 -3.04
CA LYS A 546 0.60 17.27 -3.09
C LYS A 546 1.11 18.64 -2.61
N LYS A 547 2.42 18.90 -2.74
CA LYS A 547 2.96 20.25 -2.64
C LYS A 547 2.58 20.99 -3.91
N ASP A 548 2.72 22.33 -3.91
CA ASP A 548 2.17 23.16 -4.98
C ASP A 548 3.10 23.20 -6.19
N TYR A 549 3.28 22.02 -6.82
CA TYR A 549 4.09 21.87 -8.01
C TYR A 549 3.40 20.92 -8.99
N TYR A 550 3.41 21.29 -10.28
CA TYR A 550 2.65 20.62 -11.31
C TYR A 550 3.48 20.55 -12.61
N ALA A 551 3.31 19.44 -13.36
CA ALA A 551 3.84 19.31 -14.71
C ALA A 551 2.69 19.13 -15.71
N PHE A 552 2.91 19.62 -16.94
CA PHE A 552 1.98 19.45 -18.04
C PHE A 552 2.28 18.15 -18.78
N LEU A 553 1.23 17.38 -19.10
CA LEU A 553 1.30 16.24 -19.98
C LEU A 553 0.30 16.42 -21.12
N TYR A 554 0.61 15.84 -22.29
CA TYR A 554 -0.32 15.70 -23.40
C TYR A 554 -0.36 14.22 -23.76
N GLY A 555 -1.51 13.57 -23.55
CA GLY A 555 -1.57 12.14 -23.53
C GLY A 555 -0.59 11.59 -22.47
N PRO A 556 0.31 10.65 -22.84
CA PRO A 556 1.38 10.21 -21.93
C PRO A 556 2.69 10.96 -22.03
N ILE A 557 2.73 12.08 -22.77
CA ILE A 557 3.97 12.79 -23.05
C ILE A 557 4.12 13.93 -22.05
N VAL A 558 5.18 13.89 -21.24
CA VAL A 558 5.54 14.98 -20.35
C VAL A 558 6.07 16.13 -21.20
N LEU A 559 5.52 17.34 -20.99
CA LEU A 559 5.98 18.54 -21.65
C LEU A 559 6.94 19.29 -20.73
N ALA A 560 7.74 20.18 -21.34
CA ALA A 560 8.70 21.00 -20.61
C ALA A 560 8.93 22.32 -21.35
N THR A 561 9.38 23.35 -20.63
CA THR A 561 9.79 24.61 -21.23
C THR A 561 11.31 24.75 -21.11
N SER A 562 11.90 25.34 -22.16
CA SER A 562 13.32 25.67 -22.18
C SER A 562 13.51 27.03 -21.49
N THR A 563 14.38 27.10 -20.47
CA THR A 563 14.51 28.28 -19.62
C THR A 563 15.85 29.01 -19.83
N GLY A 564 16.68 28.60 -20.80
CA GLY A 564 17.95 29.27 -21.10
C GLY A 564 19.10 28.29 -21.35
N THR A 565 20.21 28.82 -21.89
CA THR A 565 21.39 28.03 -22.26
C THR A 565 22.65 28.59 -21.61
N GLU A 566 22.51 29.20 -20.42
CA GLU A 566 23.61 29.81 -19.69
C GLU A 566 24.17 28.77 -18.73
N ASN A 567 25.50 28.79 -18.54
CA ASN A 567 26.21 27.98 -17.57
C ASN A 567 25.88 26.50 -17.71
N LEU A 568 25.86 25.99 -18.94
CA LEU A 568 25.74 24.55 -19.19
C LEU A 568 27.12 23.92 -19.03
N ASP A 569 27.61 23.90 -17.78
CA ASP A 569 28.98 23.50 -17.50
C ASP A 569 29.07 21.98 -17.55
N GLY A 570 30.03 21.47 -18.34
CA GLY A 570 30.32 20.04 -18.43
C GLY A 570 29.13 19.25 -18.97
N ILE A 571 28.35 19.87 -19.85
CA ILE A 571 27.14 19.26 -20.40
C ILE A 571 27.51 18.03 -21.24
N TYR A 572 28.69 18.05 -21.87
CA TYR A 572 29.33 16.85 -22.39
C TYR A 572 30.50 16.49 -21.45
N ALA A 573 30.35 15.40 -20.70
CA ALA A 573 31.20 15.13 -19.54
C ALA A 573 32.62 14.77 -19.97
N ASP A 574 33.58 15.17 -19.14
CA ASP A 574 34.95 14.66 -19.21
C ASP A 574 35.02 13.38 -18.36
N ASP A 575 36.23 12.88 -18.10
CA ASP A 575 36.42 11.59 -17.43
C ASP A 575 36.55 11.74 -15.91
N SER A 576 36.31 12.94 -15.37
CA SER A 576 36.49 13.21 -13.95
C SER A 576 35.43 12.48 -13.13
N ARG A 577 35.80 12.22 -11.87
CA ARG A 577 34.91 11.73 -10.85
C ARG A 577 33.90 12.85 -10.57
N GLY A 578 32.61 12.52 -10.65
CA GLY A 578 31.55 13.52 -10.50
C GLY A 578 31.19 14.29 -11.77
N GLY A 579 31.80 13.95 -12.93
CA GLY A 579 31.45 14.56 -14.20
C GLY A 579 30.04 14.23 -14.69
N HIS A 580 29.40 13.21 -14.10
CA HIS A 580 28.00 12.87 -14.38
C HIS A 580 27.00 13.91 -13.85
N ILE A 581 27.40 14.71 -12.85
CA ILE A 581 26.54 15.68 -12.19
C ILE A 581 26.58 17.01 -12.95
N ALA A 582 25.44 17.71 -13.00
CA ALA A 582 25.34 19.02 -13.64
C ALA A 582 25.76 20.11 -12.65
N HIS A 583 27.05 20.49 -12.67
CA HIS A 583 27.67 21.30 -11.64
C HIS A 583 27.58 22.80 -11.94
N GLY A 584 26.96 23.19 -13.07
CA GLY A 584 26.80 24.59 -13.43
C GLY A 584 25.95 25.36 -12.42
N ARG A 585 25.97 26.70 -12.57
CA ARG A 585 25.29 27.62 -11.68
C ARG A 585 23.82 27.23 -11.53
N GLN A 586 23.34 27.17 -10.29
CA GLN A 586 21.92 27.01 -10.00
C GLN A 586 21.20 28.35 -10.20
N THR A 587 20.07 28.30 -10.94
CA THR A 587 19.20 29.45 -11.14
C THR A 587 18.26 29.59 -9.94
N PRO A 588 18.12 30.78 -9.30
CA PRO A 588 17.09 30.97 -8.28
C PRO A 588 15.70 30.67 -8.81
N LEU A 589 14.85 30.07 -7.96
CA LEU A 589 13.54 29.60 -8.40
C LEU A 589 12.62 30.77 -8.77
N GLN A 590 12.81 31.93 -8.15
CA GLN A 590 12.05 33.14 -8.45
C GLN A 590 12.22 33.59 -9.90
N GLU A 591 13.35 33.25 -10.55
CA GLU A 591 13.61 33.60 -11.94
C GLU A 591 12.90 32.66 -12.92
N ILE A 592 12.41 31.51 -12.42
CA ILE A 592 11.71 30.53 -13.23
C ILE A 592 10.23 30.88 -13.23
N PRO A 593 9.52 30.73 -14.38
CA PRO A 593 8.06 30.92 -14.43
C PRO A 593 7.28 30.13 -13.38
N MET A 594 6.43 30.84 -12.63
CA MET A 594 5.52 30.25 -11.66
C MET A 594 4.09 30.44 -12.19
N LEU A 595 3.31 29.36 -12.13
CA LEU A 595 1.95 29.32 -12.66
C LEU A 595 1.02 29.96 -11.62
N ILE A 596 0.24 30.96 -12.05
CA ILE A 596 -0.60 31.73 -11.15
C ILE A 596 -2.06 31.39 -11.45
N GLY A 597 -2.81 31.05 -10.39
CA GLY A 597 -4.23 30.72 -10.49
C GLY A 597 -4.54 29.34 -9.95
N ASN A 598 -5.80 28.90 -10.15
CA ASN A 598 -6.24 27.59 -9.69
C ASN A 598 -5.77 26.54 -10.70
N PRO A 599 -5.41 25.31 -10.26
CA PRO A 599 -4.95 24.27 -11.18
C PRO A 599 -5.85 23.95 -12.38
N ASP A 600 -7.17 24.02 -12.19
CA ASP A 600 -8.11 23.72 -13.26
C ASP A 600 -7.96 24.71 -14.42
N SER A 601 -7.87 26.02 -14.07
CA SER A 601 -7.68 27.07 -15.06
C SER A 601 -6.29 26.99 -15.68
N ILE A 602 -5.27 26.70 -14.85
CA ILE A 602 -3.92 26.47 -15.34
C ILE A 602 -3.95 25.39 -16.41
N ARG A 603 -4.63 24.26 -16.13
CA ARG A 603 -4.68 23.16 -17.08
C ARG A 603 -5.33 23.59 -18.39
N HIS A 604 -6.43 24.36 -18.30
CA HIS A 604 -7.20 24.78 -19.46
C HIS A 604 -6.48 25.82 -20.31
N SER A 605 -5.45 26.49 -19.75
CA SER A 605 -4.78 27.61 -20.40
C SER A 605 -3.65 27.18 -21.33
N LEU A 606 -3.28 25.88 -21.33
CA LEU A 606 -2.30 25.36 -22.28
C LEU A 606 -3.02 24.99 -23.58
N HIS A 607 -2.52 25.54 -24.69
CA HIS A 607 -3.17 25.44 -25.99
C HIS A 607 -2.18 24.92 -27.02
N LYS A 608 -2.64 23.98 -27.87
CA LYS A 608 -1.82 23.36 -28.89
C LYS A 608 -1.57 24.34 -30.04
N LEU A 609 -0.28 24.54 -30.38
CA LEU A 609 0.12 25.28 -31.57
C LEU A 609 -0.01 24.37 -32.80
N SER A 610 -0.09 25.00 -33.98
CA SER A 610 -0.18 24.28 -35.24
C SER A 610 1.20 23.74 -35.61
N GLY A 611 1.21 22.83 -36.59
CA GLY A 611 2.42 22.19 -37.07
C GLY A 611 2.34 20.68 -36.87
N SER A 612 3.26 19.96 -37.54
CA SER A 612 3.26 18.50 -37.53
C SER A 612 3.76 17.96 -36.19
N LYS A 613 4.51 18.75 -35.39
CA LYS A 613 5.11 18.31 -34.15
C LYS A 613 4.36 18.90 -32.95
N LEU A 614 4.31 18.14 -31.84
CA LEU A 614 3.71 18.61 -30.61
C LEU A 614 4.41 19.87 -30.11
N ALA A 615 3.63 20.94 -29.94
CA ALA A 615 4.11 22.20 -29.38
C ALA A 615 2.94 22.97 -28.80
N PHE A 616 3.15 23.57 -27.62
CA PHE A 616 2.09 24.25 -26.88
C PHE A 616 2.57 25.62 -26.45
N SER A 617 1.61 26.54 -26.29
CA SER A 617 1.85 27.79 -25.59
C SER A 617 0.95 27.83 -24.35
N TYR A 618 1.53 28.29 -23.22
CA TYR A 618 0.77 28.55 -22.01
C TYR A 618 0.32 30.00 -22.06
N ASP A 619 -1.01 30.22 -22.13
CA ASP A 619 -1.57 31.55 -22.34
C ASP A 619 -2.32 32.03 -21.10
N GLY A 620 -1.90 31.54 -19.94
CA GLY A 620 -2.44 31.96 -18.66
C GLY A 620 -1.45 32.88 -17.96
N ASN A 621 -1.69 33.03 -16.66
CA ASN A 621 -0.98 33.97 -15.81
C ASN A 621 0.32 33.32 -15.33
N VAL A 622 1.45 34.00 -15.57
CA VAL A 622 2.79 33.53 -15.20
C VAL A 622 3.56 34.65 -14.50
N TYR A 623 4.42 34.28 -13.53
CA TYR A 623 5.35 35.21 -12.90
C TYR A 623 6.71 34.52 -12.72
N PRO A 624 7.87 35.07 -13.20
CA PRO A 624 7.96 36.41 -13.78
C PRO A 624 7.24 36.53 -15.11
N THR A 625 6.96 37.78 -15.50
CA THR A 625 6.09 38.05 -16.64
C THR A 625 6.86 37.82 -17.94
N GLN A 626 6.11 37.36 -18.95
CA GLN A 626 6.60 37.21 -20.30
C GLN A 626 6.26 38.46 -21.12
N LYS A 627 7.30 39.19 -21.54
CA LYS A 627 7.14 40.48 -22.19
C LYS A 627 6.84 40.31 -23.69
N SER A 628 7.47 39.32 -24.35
CA SER A 628 7.45 39.21 -25.79
C SER A 628 6.46 38.14 -26.28
N LYS A 629 6.58 36.91 -25.76
CA LYS A 629 5.82 35.76 -26.24
C LYS A 629 5.39 34.90 -25.06
N SER A 630 4.31 34.13 -25.24
CA SER A 630 3.86 33.14 -24.27
C SER A 630 4.92 32.06 -24.04
N LEU A 631 4.84 31.37 -22.90
CA LEU A 631 5.71 30.25 -22.60
C LEU A 631 5.46 29.12 -23.59
N GLU A 632 6.54 28.57 -24.14
CA GLU A 632 6.47 27.51 -25.12
C GLU A 632 6.86 26.20 -24.43
N LEU A 633 5.97 25.19 -24.55
CA LEU A 633 6.20 23.86 -24.02
C LEU A 633 6.26 22.85 -25.17
N ILE A 634 7.24 21.93 -25.10
CA ILE A 634 7.46 20.87 -26.07
C ILE A 634 7.62 19.55 -25.31
N PRO A 635 7.56 18.37 -25.97
CA PRO A 635 7.87 17.10 -25.30
C PRO A 635 9.26 17.15 -24.66
N PHE A 636 9.35 16.70 -23.40
CA PHE A 636 10.62 16.69 -22.69
C PHE A 636 11.66 15.84 -23.42
N PHE A 637 11.24 14.77 -24.11
CA PHE A 637 12.19 13.91 -24.79
C PHE A 637 12.86 14.62 -25.99
N ARG A 638 12.27 15.73 -26.49
CA ARG A 638 12.91 16.55 -27.53
C ARG A 638 13.68 17.75 -26.97
N LEU A 639 13.69 17.97 -25.65
CA LEU A 639 14.33 19.13 -25.05
C LEU A 639 15.73 18.72 -24.59
N HIS A 640 16.75 19.26 -25.27
CA HIS A 640 18.14 18.88 -25.08
C HIS A 640 19.00 20.13 -25.15
N ASN A 641 20.20 20.04 -24.55
CA ASN A 641 21.22 21.09 -24.66
C ASN A 641 20.69 22.43 -24.15
N SER A 642 20.02 22.37 -22.99
CA SER A 642 19.24 23.50 -22.49
C SER A 642 18.85 23.24 -21.04
N ARG A 643 18.69 24.31 -20.26
CA ARG A 643 18.00 24.24 -18.98
C ARG A 643 16.50 24.12 -19.25
N TYR A 644 15.75 23.56 -18.28
CA TYR A 644 14.35 23.30 -18.46
C TYR A 644 13.61 23.29 -17.12
N ALA A 645 12.28 23.43 -17.21
CA ALA A 645 11.36 23.08 -16.13
C ALA A 645 10.36 22.05 -16.64
N VAL A 646 10.12 21.00 -15.84
CA VAL A 646 9.07 20.01 -16.07
C VAL A 646 7.97 20.30 -15.05
N TYR A 647 8.34 20.21 -13.76
CA TYR A 647 7.49 20.72 -12.69
C TYR A 647 7.68 22.23 -12.57
N PHE A 648 6.56 22.97 -12.52
CA PHE A 648 6.51 24.38 -12.22
C PHE A 648 5.94 24.58 -10.82
N ARG A 649 6.42 25.61 -10.11
CA ARG A 649 5.77 26.07 -8.90
C ARG A 649 4.44 26.72 -9.28
N GLN A 650 3.42 26.52 -8.44
CA GLN A 650 2.08 27.07 -8.62
C GLN A 650 1.72 27.90 -7.39
N ALA A 651 0.89 28.92 -7.61
CA ALA A 651 0.44 29.81 -6.54
C ALA A 651 -0.90 30.42 -6.93
N SER A 652 -1.77 30.63 -5.93
CA SER A 652 -3.01 31.37 -6.11
C SER A 652 -2.70 32.87 -6.18
N GLU A 653 -3.65 33.65 -6.69
CA GLU A 653 -3.50 35.09 -6.75
C GLU A 653 -3.51 35.69 -5.34
N GLU A 654 -4.26 35.09 -4.41
CA GLU A 654 -4.29 35.55 -3.01
C GLU A 654 -2.91 35.39 -2.36
N GLN A 655 -2.26 34.25 -2.59
CA GLN A 655 -1.02 33.89 -1.92
C GLN A 655 0.23 34.35 -2.70
N PHE A 656 0.05 35.01 -3.87
CA PHE A 656 1.16 35.34 -4.77
C PHE A 656 2.26 36.13 -4.07
N LYS A 657 1.87 37.18 -3.33
CA LYS A 657 2.81 38.15 -2.81
C LYS A 657 3.75 37.49 -1.80
N THR A 658 3.16 36.79 -0.83
CA THR A 658 3.91 36.17 0.26
C THR A 658 4.75 35.00 -0.24
N ILE A 659 4.28 34.25 -1.26
CA ILE A 659 5.06 33.17 -1.84
C ILE A 659 6.32 33.69 -2.53
N GLN A 660 6.20 34.83 -3.24
CA GLN A 660 7.33 35.45 -3.93
C GLN A 660 8.35 35.97 -2.91
N GLU A 661 7.88 36.56 -1.80
CA GLU A 661 8.73 37.06 -0.72
C GLU A 661 9.56 35.94 -0.08
N GLU A 662 8.93 34.78 0.18
CA GLU A 662 9.60 33.61 0.73
C GLU A 662 10.70 33.12 -0.23
N MET A 663 10.38 33.04 -1.53
CA MET A 663 11.33 32.58 -2.53
C MET A 663 12.49 33.55 -2.74
N ALA A 664 12.26 34.86 -2.49
CA ALA A 664 13.29 35.88 -2.67
C ALA A 664 14.33 35.91 -1.55
N THR A 665 14.04 35.27 -0.40
CA THR A 665 14.93 35.23 0.75
C THR A 665 15.56 33.84 0.86
N ALA A 666 14.77 32.85 1.31
CA ALA A 666 15.30 31.57 1.78
C ALA A 666 15.89 30.72 0.66
N GLU A 667 15.14 30.59 -0.45
CA GLU A 667 15.56 29.79 -1.59
C GLU A 667 16.73 30.47 -2.31
N ARG A 668 16.68 31.80 -2.46
CA ARG A 668 17.76 32.58 -3.06
C ARG A 668 19.08 32.33 -2.33
N LYS A 669 19.06 32.36 -0.98
CA LYS A 669 20.26 32.16 -0.17
C LYS A 669 20.83 30.74 -0.32
N ALA A 670 19.95 29.73 -0.39
CA ALA A 670 20.36 28.35 -0.65
C ALA A 670 21.02 28.19 -2.02
N THR A 671 20.51 28.93 -3.03
CA THR A 671 21.10 28.97 -4.36
C THR A 671 22.43 29.71 -4.32
N GLU A 672 22.50 30.84 -3.59
CA GLU A 672 23.74 31.59 -3.45
C GLU A 672 24.84 30.70 -2.86
N LEU A 673 24.49 29.88 -1.86
CA LEU A 673 25.43 28.96 -1.23
C LEU A 673 25.96 27.94 -2.23
N ALA A 674 25.05 27.33 -3.00
CA ALA A 674 25.42 26.34 -4.00
C ALA A 674 26.31 26.94 -5.09
N ASN A 675 26.09 28.19 -5.47
CA ASN A 675 26.87 28.85 -6.53
C ASN A 675 28.24 29.32 -6.03
N ARG A 676 28.43 29.44 -4.71
CA ARG A 676 29.75 29.62 -4.11
C ARG A 676 30.50 28.29 -3.91
N THR A 677 29.80 27.14 -4.02
CA THR A 677 30.37 25.85 -3.65
C THR A 677 31.34 25.36 -4.73
N VAL A 678 32.54 25.01 -4.29
CA VAL A 678 33.63 24.54 -5.14
C VAL A 678 33.69 23.01 -5.13
N ASP A 679 33.37 22.39 -3.98
CA ASP A 679 33.25 20.95 -3.88
C ASP A 679 32.31 20.59 -2.73
N LEU A 680 31.68 19.41 -2.86
CA LEU A 680 30.62 18.97 -1.96
C LEU A 680 30.68 17.44 -1.83
N ILE A 681 30.60 16.93 -0.59
CA ILE A 681 30.59 15.51 -0.29
C ILE A 681 29.44 15.22 0.68
N PHE A 682 28.70 14.13 0.43
CA PHE A 682 27.65 13.61 1.30
C PHE A 682 28.14 12.29 1.92
N PRO A 683 28.82 12.31 3.09
CA PRO A 683 29.22 11.08 3.78
C PRO A 683 28.07 10.10 4.01
N GLY A 684 28.37 8.81 3.86
CA GLY A 684 27.37 7.74 3.95
C GLY A 684 26.57 7.53 2.67
N GLU A 685 26.77 8.35 1.62
CA GLU A 685 26.19 8.13 0.31
C GLU A 685 27.30 7.62 -0.63
N GLN A 686 27.06 6.46 -1.27
CA GLN A 686 28.14 5.65 -1.81
C GLN A 686 28.88 6.37 -2.95
N GLN A 687 28.16 7.01 -3.89
CA GLN A 687 28.79 7.61 -5.04
C GLN A 687 29.56 8.89 -4.68
N PRO A 688 29.01 9.87 -3.93
CA PRO A 688 29.82 11.02 -3.46
C PRO A 688 31.13 10.66 -2.77
N GLU A 689 31.10 9.61 -1.94
CA GLU A 689 32.28 9.12 -1.23
C GLU A 689 33.27 8.46 -2.19
N SER A 690 32.77 7.60 -3.07
CA SER A 690 33.57 6.93 -4.07
C SER A 690 34.24 7.95 -5.00
N ASP A 691 33.48 8.98 -5.41
CA ASP A 691 33.97 10.08 -6.25
C ASP A 691 35.04 10.91 -5.55
N HIS A 692 35.05 10.93 -4.20
CA HIS A 692 36.06 11.65 -3.43
C HIS A 692 37.06 10.70 -2.77
N SER A 693 37.24 9.47 -3.29
CA SER A 693 38.32 8.56 -2.89
C SER A 693 38.29 8.24 -1.40
N ILE A 694 37.09 7.86 -0.91
CA ILE A 694 36.87 7.44 0.48
C ILE A 694 37.93 6.41 0.88
N GLN A 695 38.61 6.68 2.01
CA GLN A 695 39.37 5.71 2.78
C GLN A 695 38.88 5.79 4.23
N TYR A 696 38.96 4.67 4.96
CA TYR A 696 38.59 4.63 6.36
C TYR A 696 39.28 3.48 7.12
N GLU A 697 39.21 3.58 8.45
CA GLU A 697 39.55 2.50 9.38
C GLU A 697 38.54 2.54 10.52
N ALA A 698 37.86 1.40 10.77
CA ALA A 698 36.92 1.23 11.87
C ALA A 698 35.85 2.32 11.82
N SER A 699 35.07 2.29 10.73
CA SER A 699 34.11 3.33 10.38
C SER A 699 32.72 2.71 10.20
N GLU A 700 31.68 3.54 10.39
CA GLU A 700 30.30 3.15 10.12
C GLU A 700 29.56 4.31 9.44
N THR A 701 28.46 3.95 8.76
CA THR A 701 27.55 4.88 8.14
C THR A 701 26.13 4.60 8.64
N GLY A 702 25.18 5.47 8.30
CA GLY A 702 23.81 5.36 8.78
C GLY A 702 22.99 6.60 8.46
N THR A 703 21.74 6.61 8.96
CA THR A 703 20.76 7.65 8.67
C THR A 703 20.19 8.21 9.97
N HIS A 704 20.06 9.55 10.03
CA HIS A 704 19.30 10.25 11.06
C HIS A 704 18.54 11.40 10.38
N LYS A 705 17.21 11.44 10.59
CA LYS A 705 16.37 12.51 10.05
C LYS A 705 16.52 12.63 8.53
N ASP A 706 16.54 11.46 7.86
CA ASP A 706 16.59 11.34 6.40
C ASP A 706 17.91 11.86 5.81
N ARG A 707 18.98 11.97 6.62
CA ARG A 707 20.27 12.43 6.13
C ARG A 707 21.31 11.38 6.47
N HIS A 708 22.29 11.19 5.58
CA HIS A 708 23.32 10.17 5.72
C HIS A 708 24.56 10.76 6.40
N PHE A 709 25.30 9.90 7.13
CA PHE A 709 26.51 10.29 7.82
C PHE A 709 27.54 9.17 7.80
N ARG A 710 28.82 9.53 7.96
CA ARG A 710 29.89 8.61 8.31
C ARG A 710 30.57 9.11 9.58
N ARG A 711 31.06 8.16 10.38
CA ARG A 711 31.97 8.43 11.49
C ARG A 711 32.91 7.25 11.66
N ALA A 712 33.94 7.44 12.48
CA ALA A 712 35.00 6.46 12.67
C ALA A 712 35.54 6.52 14.09
N LYS A 713 35.96 5.35 14.60
CA LYS A 713 36.80 5.23 15.79
C LYS A 713 38.26 5.39 15.38
N GLY A 714 38.63 4.85 14.21
CA GLY A 714 39.95 5.05 13.63
C GLY A 714 40.05 6.41 12.94
N TRP A 715 39.67 6.45 11.65
CA TRP A 715 39.63 7.67 10.87
C TRP A 715 38.84 7.44 9.59
N PHE A 716 38.44 8.53 8.93
CA PHE A 716 37.98 8.48 7.55
C PHE A 716 38.43 9.75 6.82
N SER A 717 38.58 9.64 5.50
CA SER A 717 39.18 10.70 4.69
C SER A 717 38.57 10.75 3.29
N TYR A 718 38.73 11.91 2.63
CA TYR A 718 38.35 12.14 1.24
C TYR A 718 39.43 13.00 0.58
N ASN A 719 39.47 13.02 -0.75
CA ASN A 719 40.20 14.03 -1.51
C ASN A 719 39.19 15.04 -2.05
N LEU A 720 39.32 16.31 -1.61
CA LEU A 720 38.53 17.40 -2.13
C LEU A 720 39.14 17.86 -3.45
N LYS A 721 38.30 17.99 -4.49
CA LYS A 721 38.73 18.45 -5.81
C LYS A 721 38.33 19.91 -5.97
N ILE A 722 39.32 20.76 -6.30
CA ILE A 722 39.27 22.21 -6.12
C ILE A 722 39.51 22.86 -7.48
N LYS A 723 38.43 23.21 -8.20
CA LYS A 723 38.52 23.78 -9.53
C LYS A 723 38.88 25.28 -9.46
N GLU A 724 38.39 25.98 -8.42
CA GLU A 724 38.75 27.37 -8.13
C GLU A 724 39.24 27.46 -6.69
N GLU A 725 40.01 28.51 -6.37
CA GLU A 725 40.58 28.66 -5.04
C GLU A 725 39.48 28.82 -3.99
N ALA A 726 39.67 28.18 -2.84
CA ALA A 726 38.65 28.01 -1.81
C ALA A 726 39.08 28.70 -0.52
N SER A 727 38.14 29.44 0.09
CA SER A 727 38.37 30.23 1.30
C SER A 727 37.82 29.56 2.56
N GLN A 728 36.81 28.69 2.41
CA GLN A 728 35.98 28.26 3.52
C GLN A 728 35.69 26.77 3.43
N LEU A 729 35.59 26.13 4.60
CA LEU A 729 35.12 24.76 4.76
C LEU A 729 33.90 24.79 5.68
N MET A 730 32.92 23.93 5.38
CA MET A 730 31.62 23.97 6.03
C MET A 730 31.15 22.53 6.30
N ILE A 731 31.17 22.13 7.59
CA ILE A 731 30.89 20.77 8.03
C ILE A 731 29.53 20.77 8.75
N THR A 732 28.67 19.79 8.47
CA THR A 732 27.37 19.64 9.12
C THR A 732 27.38 18.45 10.09
N VAL A 733 26.95 18.71 11.34
CA VAL A 733 26.81 17.71 12.39
C VAL A 733 25.45 17.91 13.08
N ARG A 734 25.07 16.94 13.91
CA ARG A 734 23.98 17.12 14.87
C ARG A 734 24.54 17.85 16.10
N GLN A 735 23.70 18.68 16.72
CA GLN A 735 24.11 19.50 17.85
C GLN A 735 24.33 18.65 19.10
N GLU A 736 23.48 17.62 19.28
CA GLU A 736 23.51 16.79 20.48
C GLU A 736 24.51 15.64 20.37
N ASP A 737 25.23 15.49 19.24
CA ASP A 737 26.37 14.58 19.15
C ASP A 737 27.54 15.19 19.92
N ARG A 738 27.91 14.58 21.05
CA ARG A 738 28.95 15.10 21.92
C ARG A 738 30.33 14.55 21.54
N ASN A 739 30.38 13.59 20.60
CA ASN A 739 31.63 13.16 19.98
C ASN A 739 32.16 14.28 19.08
N LYS A 740 33.50 14.37 18.98
CA LYS A 740 34.20 15.45 18.30
C LYS A 740 35.22 14.86 17.31
N ALA A 741 35.71 15.72 16.41
CA ALA A 741 36.61 15.34 15.34
C ALA A 741 37.74 16.36 15.19
N VAL A 742 38.98 15.87 15.07
CA VAL A 742 40.09 16.62 14.51
C VAL A 742 39.92 16.61 12.99
N ILE A 743 40.22 17.74 12.34
CA ILE A 743 40.20 17.87 10.89
C ILE A 743 41.63 18.16 10.44
N LEU A 744 42.14 17.36 9.49
CA LEU A 744 43.44 17.58 8.87
C LEU A 744 43.23 17.89 7.38
N LEU A 745 43.91 18.95 6.87
CA LEU A 745 43.95 19.28 5.46
C LEU A 745 45.37 19.09 4.92
N ASN A 746 45.57 18.06 4.08
CA ASN A 746 46.88 17.55 3.67
C ASN A 746 47.77 17.37 4.91
N ASN A 747 47.24 16.68 5.93
CA ASN A 747 47.93 16.33 7.17
C ASN A 747 48.20 17.53 8.10
N GLU A 748 48.09 18.78 7.63
CA GLU A 748 48.11 19.95 8.52
C GLU A 748 46.77 20.02 9.26
N LYS A 749 46.83 20.13 10.60
CA LYS A 749 45.64 20.22 11.42
C LYS A 749 45.02 21.61 11.31
N LEU A 750 43.70 21.65 11.09
CA LEU A 750 42.92 22.89 11.04
C LEU A 750 42.48 23.25 12.46
N THR A 751 43.06 24.32 13.02
CA THR A 751 42.85 24.72 14.40
C THR A 751 41.98 25.98 14.53
N VAL A 752 41.50 26.56 13.41
CA VAL A 752 40.68 27.76 13.46
C VAL A 752 39.30 27.38 14.01
N HIS A 753 38.68 28.32 14.73
CA HIS A 753 37.40 28.08 15.39
C HIS A 753 36.27 28.24 14.39
N PRO A 754 35.34 27.28 14.28
CA PRO A 754 34.20 27.42 13.36
C PRO A 754 33.19 28.46 13.84
N THR A 755 32.57 29.19 12.90
CA THR A 755 31.37 29.97 13.17
C THR A 755 30.18 29.00 13.15
N VAL A 756 29.52 28.83 14.29
CA VAL A 756 28.44 27.87 14.46
C VAL A 756 27.13 28.54 14.07
N SER A 757 26.38 27.92 13.16
CA SER A 757 25.05 28.41 12.78
C SER A 757 24.01 27.92 13.81
N LYS A 758 22.84 28.57 13.79
CA LYS A 758 21.71 28.16 14.61
C LYS A 758 21.20 26.79 14.11
N ALA A 759 20.72 25.95 15.03
CA ALA A 759 20.24 24.62 14.72
C ALA A 759 18.95 24.69 13.90
N ASP A 760 18.87 23.91 12.81
CA ASP A 760 17.64 23.81 12.02
C ASP A 760 16.66 22.91 12.78
N LYS A 761 15.47 22.70 12.18
CA LYS A 761 14.34 22.04 12.85
C LYS A 761 14.71 20.62 13.32
N ASP A 762 15.57 19.92 12.58
CA ASP A 762 15.89 18.51 12.82
C ASP A 762 17.16 18.31 13.65
N GLY A 763 17.78 19.40 14.14
CA GLY A 763 18.89 19.32 15.09
C GLY A 763 20.28 19.48 14.47
N PHE A 764 20.35 19.82 13.17
CA PHE A 764 21.60 19.90 12.44
C PHE A 764 22.15 21.32 12.50
N ILE A 765 23.47 21.45 12.77
CA ILE A 765 24.20 22.71 12.75
C ILE A 765 25.33 22.63 11.71
N ARG A 766 25.58 23.74 11.01
CA ARG A 766 26.75 23.90 10.17
C ARG A 766 27.87 24.57 10.96
N LEU A 767 29.06 23.96 10.93
CA LEU A 767 30.31 24.56 11.38
C LEU A 767 31.02 25.15 10.16
N CYS A 768 31.23 26.48 10.16
CA CYS A 768 31.86 27.17 9.03
C CYS A 768 33.25 27.66 9.43
N TYR A 769 34.29 27.15 8.75
CA TYR A 769 35.69 27.40 9.08
C TYR A 769 36.31 28.31 8.02
N LEU A 770 36.69 29.54 8.41
CA LEU A 770 37.49 30.41 7.56
C LEU A 770 38.93 29.90 7.59
N LEU A 771 39.42 29.40 6.45
CA LEU A 771 40.74 28.77 6.37
C LEU A 771 41.83 29.82 6.52
N PRO A 772 43.01 29.50 7.09
CA PRO A 772 44.07 30.50 7.31
C PRO A 772 44.77 30.94 6.03
N ARG A 773 44.92 30.00 5.08
CA ARG A 773 45.33 30.28 3.70
C ARG A 773 44.30 29.66 2.77
N LYS A 774 44.21 30.20 1.55
CA LYS A 774 43.37 29.65 0.50
C LYS A 774 43.95 28.31 0.04
N LEU A 775 43.10 27.30 -0.16
CA LEU A 775 43.49 26.08 -0.84
C LEU A 775 43.62 26.39 -2.33
N LYS A 776 44.79 26.07 -2.89
CA LYS A 776 45.06 26.32 -4.31
C LYS A 776 44.30 25.31 -5.18
N VAL A 777 44.21 25.65 -6.47
CA VAL A 777 43.59 24.82 -7.48
C VAL A 777 44.33 23.48 -7.53
N GLY A 778 43.58 22.38 -7.43
CA GLY A 778 44.15 21.04 -7.36
C GLY A 778 43.32 20.11 -6.47
N SER A 779 44.01 19.15 -5.84
CA SER A 779 43.41 18.20 -4.90
C SER A 779 43.90 18.54 -3.49
N CYS A 780 43.28 17.94 -2.47
CA CYS A 780 43.60 18.19 -1.07
C CYS A 780 42.92 17.15 -0.20
N GLU A 781 43.68 16.43 0.64
CA GLU A 781 43.11 15.41 1.50
C GLU A 781 42.43 16.10 2.70
N ILE A 782 41.21 15.65 3.05
CA ILE A 782 40.57 15.98 4.32
C ILE A 782 40.41 14.67 5.10
N LEU A 783 40.86 14.67 6.37
CA LEU A 783 40.84 13.49 7.21
C LEU A 783 40.17 13.84 8.54
N PHE A 784 39.24 12.99 8.99
CA PHE A 784 38.59 13.13 10.28
C PHE A 784 39.05 12.00 11.20
N LYS A 785 39.63 12.34 12.35
CA LYS A 785 39.90 11.39 13.42
C LYS A 785 39.35 11.95 14.72
N PRO A 786 39.05 11.10 15.74
CA PRO A 786 38.43 11.57 16.99
C PRO A 786 39.25 12.58 17.79
N ASP A 787 38.56 13.52 18.45
CA ASP A 787 39.18 14.58 19.23
C ASP A 787 38.80 14.37 20.70
N GLY A 788 39.50 13.43 21.35
CA GLY A 788 39.33 13.15 22.77
C GLY A 788 38.03 12.41 23.12
N THR A 789 37.41 11.75 22.14
CA THR A 789 36.22 10.93 22.33
C THR A 789 36.38 9.64 21.53
N GLU A 790 35.48 8.67 21.76
CA GLU A 790 35.58 7.35 21.16
C GLU A 790 35.42 7.44 19.64
N TRP A 791 34.33 8.07 19.21
CA TRP A 791 34.04 8.29 17.80
C TRP A 791 34.45 9.70 17.38
N THR A 792 34.54 9.89 16.05
CA THR A 792 34.42 11.21 15.44
C THR A 792 32.98 11.71 15.63
N SER A 793 32.77 13.00 15.37
CA SER A 793 31.43 13.50 15.13
C SER A 793 30.91 12.83 13.86
N ALA A 794 29.63 12.46 13.86
CA ALA A 794 28.95 12.00 12.65
C ALA A 794 28.79 13.19 11.71
N VAL A 795 29.47 13.13 10.56
CA VAL A 795 29.50 14.22 9.60
C VAL A 795 28.45 13.91 8.54
N TYR A 796 27.58 14.89 8.24
CA TYR A 796 26.47 14.72 7.30
C TYR A 796 26.69 15.49 5.99
N GLU A 797 27.62 16.46 5.97
CA GLU A 797 27.94 17.20 4.76
C GLU A 797 29.32 17.83 4.91
N VAL A 798 30.09 17.84 3.81
CA VAL A 798 31.40 18.48 3.72
C VAL A 798 31.40 19.34 2.46
N ARG A 799 31.57 20.65 2.63
CA ARG A 799 31.39 21.61 1.56
C ARG A 799 32.55 22.62 1.59
N LEU A 800 33.11 22.89 0.40
CA LEU A 800 34.23 23.80 0.23
C LEU A 800 33.74 24.99 -0.62
N LEU A 801 34.01 26.22 -0.15
CA LEU A 801 33.39 27.42 -0.70
C LEU A 801 34.45 28.48 -0.98
N LYS A 802 34.17 29.33 -1.99
CA LYS A 802 34.85 30.60 -2.22
C LYS A 802 34.02 31.71 -1.58
N ASN B 22 -16.93 30.01 6.62
CA ASN B 22 -15.86 29.30 7.37
C ASN B 22 -15.47 28.00 6.64
N HIS B 23 -16.36 27.49 5.80
CA HIS B 23 -16.15 26.28 5.03
C HIS B 23 -16.39 25.05 5.91
N GLN B 24 -16.73 25.23 7.21
CA GLN B 24 -16.91 24.08 8.08
C GLN B 24 -18.21 23.35 7.72
N VAL B 25 -18.12 22.04 7.49
CA VAL B 25 -19.30 21.23 7.29
C VAL B 25 -19.75 20.74 8.66
N SER B 26 -21.06 20.80 8.91
CA SER B 26 -21.64 20.38 10.18
C SER B 26 -22.71 19.34 9.95
N TYR B 27 -23.00 18.56 11.01
CA TYR B 27 -24.02 17.53 11.00
C TYR B 27 -25.22 18.03 11.79
N PHE B 28 -26.42 17.57 11.40
CA PHE B 28 -27.64 17.86 12.12
C PHE B 28 -27.73 16.95 13.34
N SER B 29 -28.38 17.45 14.39
CA SER B 29 -28.74 16.66 15.55
C SER B 29 -29.92 15.75 15.20
N LEU B 30 -30.05 14.65 15.95
CA LEU B 30 -31.07 13.64 15.70
C LEU B 30 -32.46 14.19 15.96
N GLN B 31 -32.58 15.20 16.84
CA GLN B 31 -33.84 15.91 17.08
C GLN B 31 -34.38 16.54 15.79
N ASP B 32 -33.48 16.98 14.89
CA ASP B 32 -33.86 17.77 13.73
C ASP B 32 -33.98 16.92 12.45
N VAL B 33 -33.81 15.59 12.54
CA VAL B 33 -33.97 14.71 11.40
C VAL B 33 -34.88 13.55 11.80
N LYS B 34 -36.15 13.64 11.38
CA LYS B 34 -37.17 12.66 11.74
C LYS B 34 -37.28 11.64 10.60
N LEU B 35 -37.08 10.35 10.91
CA LEU B 35 -37.23 9.29 9.92
C LEU B 35 -38.70 9.09 9.58
N LEU B 36 -39.00 9.00 8.28
CA LEU B 36 -40.31 8.61 7.80
C LEU B 36 -40.29 7.13 7.45
N SER B 37 -41.47 6.62 7.09
CA SER B 37 -41.70 5.21 6.76
C SER B 37 -40.66 4.67 5.78
N SER B 38 -39.86 3.70 6.24
CA SER B 38 -38.82 3.04 5.47
C SER B 38 -38.30 1.83 6.26
N PRO B 39 -37.37 1.00 5.72
CA PRO B 39 -36.71 -0.03 6.52
C PRO B 39 -35.88 0.50 7.70
N PHE B 40 -35.39 1.74 7.59
CA PHE B 40 -34.61 2.39 8.64
C PHE B 40 -35.50 2.74 9.84
N LEU B 41 -36.72 3.24 9.60
CA LEU B 41 -37.65 3.51 10.69
C LEU B 41 -38.08 2.21 11.36
N GLN B 42 -38.34 1.15 10.58
CA GLN B 42 -38.65 -0.17 11.14
C GLN B 42 -37.53 -0.62 12.09
N ALA B 43 -36.27 -0.51 11.62
CA ALA B 43 -35.10 -0.93 12.39
C ALA B 43 -34.97 -0.11 13.68
N GLN B 44 -35.25 1.21 13.61
CA GLN B 44 -35.25 2.08 14.77
C GLN B 44 -36.26 1.57 15.81
N GLN B 45 -37.48 1.28 15.36
CA GLN B 45 -38.57 0.88 16.24
C GLN B 45 -38.32 -0.48 16.87
N THR B 46 -37.74 -1.42 16.10
CA THR B 46 -37.38 -2.74 16.64
C THR B 46 -36.31 -2.61 17.71
N ASP B 47 -35.31 -1.74 17.48
CA ASP B 47 -34.24 -1.47 18.43
C ASP B 47 -34.80 -0.82 19.69
N LEU B 48 -35.75 0.10 19.52
CA LEU B 48 -36.42 0.72 20.67
C LEU B 48 -37.02 -0.38 21.57
N HIS B 49 -37.73 -1.35 20.99
CA HIS B 49 -38.33 -2.44 21.75
C HIS B 49 -37.25 -3.26 22.48
N TYR B 50 -36.11 -3.53 21.83
CA TYR B 50 -35.02 -4.27 22.44
C TYR B 50 -34.38 -3.45 23.55
N ILE B 51 -34.11 -2.16 23.32
CA ILE B 51 -33.52 -1.31 24.35
C ILE B 51 -34.41 -1.31 25.58
N LEU B 52 -35.74 -1.21 25.39
CA LEU B 52 -36.68 -1.15 26.51
C LEU B 52 -36.85 -2.49 27.20
N ALA B 53 -36.52 -3.61 26.55
CA ALA B 53 -36.60 -4.94 27.16
C ALA B 53 -35.51 -5.13 28.22
N LEU B 54 -34.40 -4.40 28.14
CA LEU B 54 -33.28 -4.59 29.06
C LEU B 54 -33.66 -4.06 30.44
N ASP B 55 -33.17 -4.73 31.50
CA ASP B 55 -33.46 -4.36 32.87
C ASP B 55 -32.32 -3.47 33.37
N PRO B 56 -32.56 -2.17 33.68
CA PRO B 56 -31.48 -1.27 34.11
C PRO B 56 -30.81 -1.63 35.45
N ASP B 57 -31.53 -2.33 36.34
CA ASP B 57 -30.98 -2.77 37.60
C ASP B 57 -29.90 -3.84 37.39
N ARG B 58 -30.07 -4.67 36.34
CA ARG B 58 -29.10 -5.71 36.01
C ARG B 58 -27.87 -5.08 35.37
N LEU B 59 -28.06 -4.08 34.51
CA LEU B 59 -26.94 -3.39 33.87
C LEU B 59 -26.17 -2.51 34.84
N SER B 60 -26.86 -1.97 35.87
CA SER B 60 -26.22 -1.12 36.87
C SER B 60 -25.54 -1.94 37.98
N ALA B 61 -25.88 -3.23 38.11
CA ALA B 61 -25.45 -4.06 39.24
C ALA B 61 -23.93 -4.12 39.37
N PRO B 62 -23.13 -4.32 38.29
CA PRO B 62 -21.68 -4.29 38.38
C PRO B 62 -21.09 -3.01 38.98
N PHE B 63 -21.69 -1.87 38.61
CA PHE B 63 -21.24 -0.56 39.06
C PHE B 63 -21.44 -0.38 40.56
N LEU B 64 -22.64 -0.75 41.06
CA LEU B 64 -22.99 -0.63 42.47
C LEU B 64 -22.10 -1.55 43.32
N ARG B 65 -21.86 -2.77 42.82
CA ARG B 65 -21.00 -3.75 43.49
C ARG B 65 -19.61 -3.15 43.71
N GLU B 66 -18.97 -2.67 42.64
CA GLU B 66 -17.60 -2.19 42.72
C GLU B 66 -17.50 -0.88 43.50
N ALA B 67 -18.62 -0.16 43.67
CA ALA B 67 -18.69 1.01 44.53
C ALA B 67 -18.94 0.65 46.00
N GLY B 68 -19.12 -0.64 46.33
CA GLY B 68 -19.39 -1.08 47.68
C GLY B 68 -20.87 -0.95 48.08
N LEU B 69 -21.77 -0.74 47.10
CA LEU B 69 -23.20 -0.68 47.34
C LEU B 69 -23.82 -2.06 47.09
N THR B 70 -25.08 -2.21 47.51
CA THR B 70 -25.87 -3.42 47.34
C THR B 70 -26.66 -3.33 46.05
N PRO B 71 -26.43 -4.20 45.02
CA PRO B 71 -27.27 -4.22 43.83
C PRO B 71 -28.73 -4.60 44.11
N LYS B 72 -29.63 -4.14 43.23
CA LYS B 72 -31.06 -4.41 43.34
C LYS B 72 -31.45 -5.66 42.54
N ALA B 73 -30.53 -6.16 41.70
CA ALA B 73 -30.80 -7.35 40.92
C ALA B 73 -29.46 -7.97 40.55
N PRO B 74 -29.43 -9.26 40.13
CA PRO B 74 -28.17 -9.85 39.66
C PRO B 74 -27.78 -9.22 38.33
N SER B 75 -26.48 -9.11 38.08
CA SER B 75 -26.00 -8.69 36.76
C SER B 75 -26.49 -9.68 35.72
N TYR B 76 -26.44 -9.29 34.44
CA TYR B 76 -26.66 -10.25 33.38
C TYR B 76 -25.54 -11.28 33.39
N THR B 77 -25.80 -12.43 32.73
CA THR B 77 -24.81 -13.49 32.58
C THR B 77 -24.02 -13.20 31.31
N ASN B 78 -23.47 -14.24 30.65
CA ASN B 78 -22.66 -14.09 29.46
C ASN B 78 -21.46 -13.22 29.85
N TRP B 79 -21.15 -12.16 29.08
CA TRP B 79 -19.95 -11.39 29.31
C TRP B 79 -20.07 -10.46 30.51
N GLU B 80 -21.31 -10.23 30.96
CA GLU B 80 -21.56 -9.34 32.09
C GLU B 80 -21.22 -9.99 33.43
N ASN B 81 -20.90 -11.30 33.47
CA ASN B 81 -20.40 -11.91 34.70
C ASN B 81 -19.14 -12.75 34.48
N THR B 82 -18.49 -12.64 33.30
CA THR B 82 -17.25 -13.37 33.05
C THR B 82 -16.09 -12.41 32.76
N GLY B 83 -16.20 -11.13 33.15
CA GLY B 83 -15.07 -10.22 33.17
C GLY B 83 -15.33 -8.84 32.55
N LEU B 84 -16.26 -8.76 31.59
CA LEU B 84 -16.60 -7.47 30.97
C LEU B 84 -17.81 -6.82 31.64
N ASP B 85 -18.05 -7.13 32.93
CA ASP B 85 -19.17 -6.60 33.69
C ASP B 85 -19.13 -5.08 33.59
N GLY B 86 -20.24 -4.46 33.17
CA GLY B 86 -20.35 -3.01 33.05
C GLY B 86 -20.23 -2.46 31.64
N HIS B 87 -19.81 -3.28 30.66
CA HIS B 87 -19.61 -2.75 29.31
C HIS B 87 -20.95 -2.44 28.65
N ILE B 88 -21.98 -3.29 28.85
CA ILE B 88 -23.28 -3.09 28.21
C ILE B 88 -23.98 -1.88 28.82
N GLY B 89 -23.82 -1.65 30.14
CA GLY B 89 -24.31 -0.47 30.82
C GLY B 89 -23.82 0.83 30.16
N GLY B 90 -22.54 0.85 29.75
CA GLY B 90 -21.95 1.93 29.00
C GLY B 90 -22.69 2.20 27.69
N HIS B 91 -22.81 1.16 26.84
CA HIS B 91 -23.52 1.24 25.58
C HIS B 91 -24.98 1.64 25.80
N TYR B 92 -25.62 1.09 26.85
CA TYR B 92 -27.00 1.36 27.18
C TYR B 92 -27.24 2.87 27.33
N LEU B 93 -26.34 3.55 28.06
CA LEU B 93 -26.39 5.01 28.19
C LEU B 93 -26.36 5.67 26.81
N SER B 94 -25.46 5.23 25.92
CA SER B 94 -25.33 5.81 24.58
C SER B 94 -26.63 5.60 23.79
N ALA B 95 -27.13 4.36 23.80
CA ALA B 95 -28.28 3.97 23.00
C ALA B 95 -29.55 4.66 23.50
N LEU B 96 -29.74 4.68 24.82
CA LEU B 96 -30.82 5.44 25.43
C LEU B 96 -30.77 6.91 25.01
N SER B 97 -29.59 7.53 25.15
CA SER B 97 -29.41 8.95 24.92
C SER B 97 -29.73 9.32 23.46
N MET B 98 -29.21 8.50 22.54
CA MET B 98 -29.36 8.74 21.11
C MET B 98 -30.79 8.45 20.67
N MET B 99 -31.40 7.37 21.20
CA MET B 99 -32.78 7.05 20.87
C MET B 99 -33.73 8.12 21.43
N TYR B 100 -33.40 8.68 22.61
CA TYR B 100 -34.17 9.77 23.16
C TYR B 100 -34.17 10.96 22.20
N ALA B 101 -32.98 11.35 21.72
CA ALA B 101 -32.82 12.46 20.78
C ALA B 101 -33.62 12.26 19.49
N ALA B 102 -33.69 11.02 18.99
CA ALA B 102 -34.35 10.70 17.74
C ALA B 102 -35.87 10.66 17.87
N THR B 103 -36.40 10.22 19.03
CA THR B 103 -37.81 9.85 19.16
C THR B 103 -38.57 10.69 20.18
N GLY B 104 -37.90 11.15 21.26
CA GLY B 104 -38.55 11.78 22.39
C GLY B 104 -39.36 10.81 23.26
N ASP B 105 -39.02 9.51 23.21
CA ASP B 105 -39.80 8.47 23.88
C ASP B 105 -39.69 8.65 25.40
N THR B 106 -40.85 8.63 26.07
CA THR B 106 -40.97 8.83 27.51
C THR B 106 -40.32 7.68 28.29
N ALA B 107 -40.62 6.44 27.89
CA ALA B 107 -40.06 5.27 28.56
C ALA B 107 -38.53 5.31 28.51
N ILE B 108 -37.95 5.68 27.36
CA ILE B 108 -36.50 5.83 27.23
C ILE B 108 -35.99 6.88 28.23
N TYR B 109 -36.70 8.02 28.31
CA TYR B 109 -36.33 9.12 29.19
C TYR B 109 -36.21 8.67 30.64
N HIS B 110 -37.23 7.93 31.13
CA HIS B 110 -37.26 7.43 32.49
C HIS B 110 -36.10 6.47 32.76
N ARG B 111 -35.80 5.59 31.79
CA ARG B 111 -34.70 4.63 31.90
C ARG B 111 -33.36 5.35 32.01
N LEU B 112 -33.16 6.36 31.16
CA LEU B 112 -31.90 7.10 31.12
C LEU B 112 -31.70 7.86 32.43
N ASN B 113 -32.74 8.56 32.87
CA ASN B 113 -32.69 9.29 34.13
C ASN B 113 -32.33 8.35 35.27
N TYR B 114 -33.03 7.21 35.33
CA TYR B 114 -32.81 6.20 36.37
C TYR B 114 -31.37 5.70 36.33
N MET B 115 -30.89 5.33 35.13
CA MET B 115 -29.57 4.73 34.97
C MET B 115 -28.49 5.72 35.40
N LEU B 116 -28.64 6.99 35.00
CA LEU B 116 -27.67 8.04 35.33
C LEU B 116 -27.58 8.23 36.85
N ASN B 117 -28.73 8.22 37.54
CA ASN B 117 -28.78 8.41 38.98
C ASN B 117 -28.18 7.21 39.71
N GLU B 118 -28.38 5.98 39.22
CA GLU B 118 -27.81 4.81 39.86
C GLU B 118 -26.28 4.84 39.78
N LEU B 119 -25.75 5.17 38.61
CA LEU B 119 -24.31 5.30 38.46
C LEU B 119 -23.77 6.51 39.23
N HIS B 120 -24.60 7.56 39.40
CA HIS B 120 -24.24 8.70 40.25
C HIS B 120 -24.11 8.28 41.71
N ARG B 121 -25.05 7.45 42.22
CA ARG B 121 -24.95 6.92 43.58
C ARG B 121 -23.66 6.13 43.75
N ALA B 122 -23.31 5.31 42.74
CA ALA B 122 -22.07 4.56 42.73
C ALA B 122 -20.87 5.51 42.78
N GLN B 123 -20.91 6.59 41.99
CA GLN B 123 -19.82 7.55 41.94
C GLN B 123 -19.65 8.29 43.27
N GLN B 124 -20.77 8.62 43.94
CA GLN B 124 -20.74 9.30 45.23
C GLN B 124 -20.15 8.40 46.31
N ALA B 125 -20.51 7.10 46.30
CA ALA B 125 -20.08 6.15 47.32
C ALA B 125 -18.56 6.04 47.41
N VAL B 126 -17.87 6.05 46.26
CA VAL B 126 -16.41 5.95 46.21
C VAL B 126 -15.80 7.35 46.35
N GLY B 127 -16.38 8.34 45.66
CA GLY B 127 -16.07 9.75 45.86
C GLY B 127 -14.75 10.22 45.23
N THR B 128 -14.17 9.46 44.29
CA THR B 128 -12.97 9.87 43.56
C THR B 128 -13.27 10.26 42.12
N GLY B 129 -14.47 9.94 41.62
CA GLY B 129 -14.79 10.04 40.21
C GLY B 129 -14.95 8.69 39.53
N PHE B 130 -14.39 7.62 40.13
CA PHE B 130 -14.46 6.29 39.57
C PHE B 130 -15.92 5.82 39.42
N ILE B 131 -16.22 5.25 38.25
CA ILE B 131 -17.41 4.47 37.96
C ILE B 131 -16.93 3.29 37.14
N GLY B 132 -17.26 2.06 37.55
CA GLY B 132 -16.84 0.90 36.78
C GLY B 132 -17.43 -0.41 37.29
N GLY B 133 -17.50 -1.39 36.37
CA GLY B 133 -18.08 -2.70 36.63
C GLY B 133 -17.07 -3.84 36.73
N THR B 134 -15.81 -3.64 36.28
CA THR B 134 -14.83 -4.70 36.24
C THR B 134 -14.69 -5.30 37.64
N PRO B 135 -14.80 -6.65 37.82
CA PRO B 135 -14.61 -7.26 39.15
C PRO B 135 -13.24 -6.89 39.75
N GLY B 136 -13.25 -6.38 40.99
CA GLY B 136 -12.04 -5.92 41.66
C GLY B 136 -11.45 -4.65 41.03
N SER B 137 -12.32 -3.70 40.64
CA SER B 137 -11.91 -2.47 39.97
C SER B 137 -10.97 -1.63 40.84
N LEU B 138 -11.33 -1.37 42.10
CA LEU B 138 -10.56 -0.48 42.95
C LEU B 138 -9.15 -1.01 43.17
N GLN B 139 -9.03 -2.34 43.41
CA GLN B 139 -7.75 -3.04 43.51
C GLN B 139 -6.94 -2.87 42.22
N LEU B 140 -7.59 -3.05 41.05
CA LEU B 140 -6.93 -2.91 39.76
C LEU B 140 -6.32 -1.52 39.60
N TRP B 141 -7.12 -0.47 39.77
CA TRP B 141 -6.69 0.90 39.47
C TRP B 141 -5.70 1.41 40.51
N LYS B 142 -5.73 0.85 41.72
CA LYS B 142 -4.68 1.07 42.71
C LYS B 142 -3.34 0.55 42.21
N GLU B 143 -3.33 -0.70 41.70
CA GLU B 143 -2.12 -1.32 41.16
C GLU B 143 -1.55 -0.45 40.03
N ILE B 144 -2.42 0.03 39.13
CA ILE B 144 -2.01 0.78 37.95
C ILE B 144 -1.41 2.13 38.36
N LYS B 145 -2.05 2.83 39.32
CA LYS B 145 -1.57 4.13 39.78
C LYS B 145 -0.17 4.01 40.38
N ALA B 146 0.11 2.91 41.09
CA ALA B 146 1.39 2.65 41.72
C ALA B 146 2.48 2.30 40.69
N GLY B 147 2.09 1.90 39.48
CA GLY B 147 3.02 1.53 38.43
C GLY B 147 3.15 0.01 38.26
N ASP B 148 2.25 -0.76 38.91
CA ASP B 148 2.15 -2.19 38.71
C ASP B 148 1.25 -2.45 37.50
N ILE B 149 1.88 -2.58 36.32
CA ILE B 149 1.20 -2.72 35.04
C ILE B 149 1.59 -4.07 34.44
N ARG B 150 0.62 -5.01 34.38
CA ARG B 150 0.81 -6.30 33.72
C ARG B 150 -0.19 -6.41 32.57
N ALA B 151 0.25 -5.93 31.39
CA ALA B 151 -0.58 -5.87 30.20
C ALA B 151 -0.30 -7.07 29.29
N GLY B 152 -1.37 -7.75 28.87
CA GLY B 152 -1.40 -8.53 27.64
C GLY B 152 -2.29 -7.87 26.58
N GLY B 153 -2.48 -8.56 25.44
CA GLY B 153 -3.25 -8.05 24.31
C GLY B 153 -4.69 -7.71 24.69
N PHE B 154 -5.28 -8.51 25.59
CA PHE B 154 -6.67 -8.38 25.98
C PHE B 154 -6.83 -8.47 27.50
N SER B 155 -5.77 -8.14 28.26
CA SER B 155 -5.83 -8.26 29.71
C SER B 155 -4.93 -7.21 30.36
N LEU B 156 -5.37 -6.72 31.52
CA LEU B 156 -4.59 -5.81 32.35
C LEU B 156 -4.76 -6.23 33.80
N ASN B 157 -3.70 -6.81 34.39
CA ASN B 157 -3.66 -7.25 35.78
C ASN B 157 -4.78 -8.25 36.06
N GLY B 158 -4.87 -9.29 35.22
CA GLY B 158 -5.80 -10.37 35.40
C GLY B 158 -7.26 -10.04 35.04
N LYS B 159 -7.52 -8.89 34.40
CA LYS B 159 -8.87 -8.44 34.07
C LYS B 159 -9.04 -8.35 32.57
N TRP B 160 -10.28 -8.57 32.11
CA TRP B 160 -10.61 -8.63 30.69
C TRP B 160 -10.85 -7.21 30.16
N VAL B 161 -9.90 -6.70 29.35
CA VAL B 161 -9.92 -5.43 28.65
C VAL B 161 -10.62 -4.33 29.46
N PRO B 162 -10.16 -4.02 30.70
CA PRO B 162 -10.87 -3.04 31.53
C PRO B 162 -10.92 -1.64 30.94
N LEU B 163 -9.88 -1.25 30.19
CA LEU B 163 -9.83 0.06 29.54
C LEU B 163 -10.92 0.16 28.47
N TYR B 164 -11.08 -0.90 27.66
CA TYR B 164 -12.19 -0.99 26.71
C TYR B 164 -13.53 -0.85 27.44
N ASN B 165 -13.66 -1.48 28.61
CA ASN B 165 -14.90 -1.49 29.37
C ASN B 165 -15.26 -0.06 29.79
N ILE B 166 -14.36 0.62 30.52
CA ILE B 166 -14.65 1.94 31.06
C ILE B 166 -14.86 2.96 29.94
N HIS B 167 -14.23 2.78 28.76
CA HIS B 167 -14.49 3.61 27.59
C HIS B 167 -15.98 3.72 27.26
N LYS B 168 -16.72 2.60 27.43
CA LYS B 168 -18.14 2.61 27.14
C LYS B 168 -18.92 3.48 28.12
N THR B 169 -18.42 3.64 29.35
CA THR B 169 -19.01 4.56 30.33
C THR B 169 -18.69 6.01 29.94
N TYR B 170 -17.41 6.32 29.67
CA TYR B 170 -16.99 7.63 29.17
C TYR B 170 -17.85 8.03 27.98
N ALA B 171 -18.01 7.11 27.01
CA ALA B 171 -18.78 7.36 25.80
C ALA B 171 -20.28 7.51 26.11
N GLY B 172 -20.79 6.66 27.00
CA GLY B 172 -22.18 6.73 27.46
C GLY B 172 -22.54 8.07 28.10
N LEU B 173 -21.67 8.59 28.99
CA LEU B 173 -21.96 9.84 29.69
C LEU B 173 -21.84 11.01 28.71
N ARG B 174 -20.81 11.02 27.86
CA ARG B 174 -20.66 11.98 26.77
C ARG B 174 -21.97 12.06 25.98
N ASP B 175 -22.45 10.90 25.52
CA ASP B 175 -23.66 10.82 24.71
C ASP B 175 -24.89 11.31 25.48
N ALA B 176 -24.96 11.07 26.80
CA ALA B 176 -26.06 11.57 27.60
C ALA B 176 -26.05 13.10 27.67
N TYR B 177 -24.86 13.72 27.67
CA TYR B 177 -24.74 15.17 27.61
C TYR B 177 -25.06 15.67 26.20
N LEU B 178 -24.36 15.16 25.17
CA LEU B 178 -24.42 15.73 23.84
C LEU B 178 -25.78 15.50 23.17
N TYR B 179 -26.33 14.29 23.29
CA TYR B 179 -27.57 13.93 22.62
C TYR B 179 -28.80 14.25 23.46
N ALA B 180 -28.74 13.98 24.78
CA ALA B 180 -29.91 14.08 25.65
C ALA B 180 -29.89 15.31 26.57
N HIS B 181 -28.78 16.07 26.64
CA HIS B 181 -28.69 17.35 27.34
C HIS B 181 -28.76 17.18 28.87
N SER B 182 -28.12 16.11 29.37
CA SER B 182 -28.00 15.84 30.79
C SER B 182 -26.77 16.57 31.35
N ASP B 183 -27.02 17.55 32.22
CA ASP B 183 -25.97 18.24 32.96
C ASP B 183 -25.33 17.29 33.98
N LEU B 184 -26.15 16.42 34.59
CA LEU B 184 -25.64 15.38 35.49
C LEU B 184 -24.59 14.51 34.78
N ALA B 185 -24.86 14.11 33.53
CA ALA B 185 -23.93 13.27 32.80
C ALA B 185 -22.61 13.99 32.55
N ARG B 186 -22.67 15.29 32.22
CA ARG B 186 -21.49 16.11 32.00
C ARG B 186 -20.60 16.09 33.24
N GLN B 187 -21.21 16.29 34.42
CA GLN B 187 -20.43 16.38 35.65
C GLN B 187 -19.81 15.02 35.97
N MET B 188 -20.60 13.94 35.82
CA MET B 188 -20.14 12.58 36.01
C MET B 188 -18.97 12.26 35.09
N LEU B 189 -19.06 12.69 33.81
CA LEU B 189 -18.00 12.48 32.84
C LEU B 189 -16.71 13.21 33.24
N ILE B 190 -16.82 14.47 33.69
CA ILE B 190 -15.64 15.27 34.05
C ILE B 190 -14.95 14.65 35.27
N ASP B 191 -15.72 14.24 36.27
CA ASP B 191 -15.16 13.60 37.46
C ASP B 191 -14.45 12.30 37.10
N LEU B 192 -15.04 11.52 36.20
CA LEU B 192 -14.46 10.26 35.75
C LEU B 192 -13.17 10.49 34.97
N THR B 193 -13.08 11.58 34.21
CA THR B 193 -11.89 11.87 33.42
C THR B 193 -10.78 12.38 34.34
N ASP B 194 -11.12 13.31 35.24
CA ASP B 194 -10.21 13.80 36.27
C ASP B 194 -9.65 12.64 37.11
N TRP B 195 -10.47 11.62 37.37
CA TRP B 195 -10.02 10.42 38.08
C TRP B 195 -8.88 9.73 37.32
N MET B 196 -9.00 9.62 35.99
CA MET B 196 -7.99 8.95 35.18
C MET B 196 -6.72 9.80 35.05
N ILE B 197 -6.83 11.14 35.09
CA ILE B 197 -5.66 12.00 35.16
C ILE B 197 -4.84 11.62 36.41
N ASP B 198 -5.55 11.38 37.52
CA ASP B 198 -4.92 11.05 38.79
C ASP B 198 -4.26 9.66 38.73
N ILE B 199 -4.96 8.67 38.14
CA ILE B 199 -4.41 7.32 37.99
C ILE B 199 -3.10 7.34 37.20
N THR B 200 -3.02 8.17 36.13
CA THR B 200 -1.90 8.14 35.20
C THR B 200 -0.88 9.26 35.46
N SER B 201 -1.06 10.05 36.54
CA SER B 201 -0.21 11.20 36.80
C SER B 201 1.24 10.80 37.13
N GLY B 202 1.45 9.61 37.70
CA GLY B 202 2.78 9.14 38.09
C GLY B 202 3.42 8.16 37.12
N LEU B 203 2.84 7.98 35.91
CA LEU B 203 3.32 7.00 34.95
C LEU B 203 4.08 7.70 33.82
N SER B 204 5.22 7.10 33.41
CA SER B 204 5.97 7.56 32.25
C SER B 204 5.22 7.21 30.96
N ASP B 205 5.70 7.78 29.85
CA ASP B 205 5.16 7.51 28.52
C ASP B 205 5.36 6.03 28.17
N ASN B 206 6.53 5.48 28.53
CA ASN B 206 6.81 4.06 28.34
C ASN B 206 5.77 3.19 29.05
N GLN B 207 5.44 3.56 30.30
CA GLN B 207 4.46 2.81 31.08
C GLN B 207 3.06 2.92 30.48
N MET B 208 2.68 4.12 30.01
CA MET B 208 1.40 4.33 29.35
C MET B 208 1.29 3.42 28.12
N GLN B 209 2.30 3.49 27.24
CA GLN B 209 2.30 2.75 25.99
C GLN B 209 2.32 1.24 26.25
N ASP B 210 2.96 0.80 27.34
CA ASP B 210 2.92 -0.57 27.79
C ASP B 210 1.49 -0.96 28.17
N MET B 211 0.82 -0.10 28.96
CA MET B 211 -0.56 -0.36 29.37
C MET B 211 -1.48 -0.40 28.15
N LEU B 212 -1.23 0.44 27.13
CA LEU B 212 -2.08 0.51 25.95
C LEU B 212 -1.92 -0.70 25.02
N ARG B 213 -0.98 -1.63 25.30
CA ARG B 213 -0.95 -2.91 24.61
C ARG B 213 -2.23 -3.72 24.86
N SER B 214 -2.89 -3.51 26.01
CA SER B 214 -4.23 -4.04 26.24
C SER B 214 -5.27 -3.19 25.51
N GLU B 215 -6.28 -3.87 24.94
CA GLU B 215 -7.33 -3.23 24.17
C GLU B 215 -8.06 -2.23 25.07
N HIS B 216 -8.23 -1.02 24.56
CA HIS B 216 -8.62 0.13 25.35
C HIS B 216 -9.68 0.98 24.66
N GLY B 217 -10.41 0.39 23.70
CA GLY B 217 -11.45 1.09 22.95
C GLY B 217 -10.93 2.42 22.39
N GLY B 218 -11.78 3.46 22.46
CA GLY B 218 -11.46 4.80 22.01
C GLY B 218 -11.37 5.79 23.17
N LEU B 219 -10.57 5.46 24.20
CA LEU B 219 -10.41 6.34 25.34
C LEU B 219 -9.84 7.68 24.89
N ASN B 220 -8.91 7.65 23.92
CA ASN B 220 -8.30 8.86 23.39
C ASN B 220 -9.35 9.76 22.73
N GLU B 221 -10.37 9.17 22.08
CA GLU B 221 -11.47 9.93 21.50
C GLU B 221 -12.26 10.63 22.59
N THR B 222 -12.70 9.87 23.61
CA THR B 222 -13.52 10.41 24.69
C THR B 222 -12.80 11.52 25.45
N PHE B 223 -11.48 11.40 25.65
CA PHE B 223 -10.72 12.41 26.37
C PHE B 223 -10.56 13.67 25.53
N ALA B 224 -10.45 13.52 24.21
CA ALA B 224 -10.51 14.66 23.30
C ALA B 224 -11.90 15.30 23.33
N ASP B 225 -12.97 14.48 23.46
CA ASP B 225 -14.33 14.99 23.57
C ASP B 225 -14.48 15.85 24.83
N VAL B 226 -13.92 15.38 25.95
CA VAL B 226 -13.96 16.11 27.21
C VAL B 226 -13.18 17.42 27.09
N ALA B 227 -12.08 17.44 26.32
CA ALA B 227 -11.32 18.65 26.06
C ALA B 227 -12.17 19.69 25.33
N GLU B 228 -12.96 19.27 24.33
CA GLU B 228 -13.82 20.20 23.60
C GLU B 228 -14.97 20.70 24.49
N ILE B 229 -15.58 19.79 25.27
CA ILE B 229 -16.70 20.14 26.14
C ILE B 229 -16.27 21.21 27.17
N THR B 230 -15.11 21.01 27.82
CA THR B 230 -14.63 21.88 28.88
C THR B 230 -13.82 23.05 28.34
N GLY B 231 -13.12 22.84 27.21
CA GLY B 231 -12.18 23.81 26.67
C GLY B 231 -10.81 23.80 27.36
N ASP B 232 -10.53 22.77 28.17
CA ASP B 232 -9.34 22.68 29.00
C ASP B 232 -8.37 21.69 28.35
N LYS B 233 -7.13 22.14 28.11
CA LYS B 233 -6.15 21.41 27.32
C LYS B 233 -5.57 20.21 28.06
N LYS B 234 -5.75 20.10 29.39
CA LYS B 234 -5.23 18.96 30.15
C LYS B 234 -5.86 17.65 29.67
N TYR B 235 -7.13 17.70 29.21
CA TYR B 235 -7.82 16.54 28.69
C TYR B 235 -7.30 16.16 27.31
N LEU B 236 -6.84 17.17 26.55
CA LEU B 236 -6.20 16.97 25.25
C LEU B 236 -4.80 16.37 25.45
N LYS B 237 -4.09 16.79 26.51
CA LYS B 237 -2.83 16.17 26.90
C LYS B 237 -3.05 14.70 27.30
N LEU B 238 -4.15 14.43 28.03
CA LEU B 238 -4.50 13.07 28.43
C LEU B 238 -4.85 12.20 27.22
N ALA B 239 -5.54 12.77 26.21
CA ALA B 239 -5.91 12.05 25.01
C ALA B 239 -4.69 11.55 24.24
N ARG B 240 -3.64 12.38 24.16
CA ARG B 240 -2.43 12.04 23.43
C ARG B 240 -1.64 10.96 24.14
N ARG B 241 -1.60 11.02 25.48
CA ARG B 241 -0.99 10.00 26.34
C ARG B 241 -1.68 8.65 26.18
N PHE B 242 -2.99 8.64 25.87
CA PHE B 242 -3.77 7.43 25.62
C PHE B 242 -3.84 7.06 24.14
N SER B 243 -3.08 7.71 23.26
CA SER B 243 -2.99 7.35 21.86
C SER B 243 -1.85 6.35 21.66
N HIS B 244 -2.18 5.14 21.17
CA HIS B 244 -1.25 4.03 21.06
C HIS B 244 -0.32 4.24 19.85
N LYS B 245 0.98 4.43 20.13
CA LYS B 245 1.93 4.93 19.14
C LYS B 245 2.32 3.87 18.11
N VAL B 246 2.40 2.60 18.53
CA VAL B 246 2.83 1.52 17.67
C VAL B 246 1.87 1.32 16.48
N ILE B 247 0.60 1.69 16.65
CA ILE B 247 -0.39 1.66 15.57
C ILE B 247 -0.32 2.95 14.76
N LEU B 248 -0.24 4.11 15.44
CA LEU B 248 -0.27 5.42 14.81
C LEU B 248 0.93 5.66 13.88
N ASP B 249 2.14 5.29 14.32
CA ASP B 249 3.36 5.75 13.67
C ASP B 249 3.45 5.19 12.25
N PRO B 250 3.20 3.89 11.98
CA PRO B 250 3.09 3.40 10.60
C PRO B 250 2.06 4.11 9.72
N LEU B 251 0.88 4.43 10.28
CA LEU B 251 -0.20 5.06 9.54
C LEU B 251 0.17 6.49 9.10
N ILE B 252 0.99 7.19 9.89
CA ILE B 252 1.50 8.50 9.51
C ILE B 252 2.33 8.42 8.21
N LYS B 253 3.09 7.31 8.04
CA LYS B 253 3.98 7.12 6.91
C LYS B 253 3.35 6.29 5.78
N ASN B 254 2.01 6.14 5.77
CA ASN B 254 1.29 5.42 4.71
C ASN B 254 1.74 3.96 4.63
N GLU B 255 1.82 3.29 5.78
CA GLU B 255 2.23 1.90 5.87
C GLU B 255 1.10 1.10 6.52
N ASP B 256 0.60 0.07 5.79
CA ASP B 256 -0.39 -0.87 6.29
C ASP B 256 0.32 -2.06 6.93
N ARG B 257 0.22 -2.17 8.25
CA ARG B 257 0.86 -3.25 8.99
C ARG B 257 -0.20 -4.07 9.73
N LEU B 258 -1.44 -4.06 9.23
CA LEU B 258 -2.60 -4.48 9.99
C LEU B 258 -2.77 -6.00 9.96
N ASN B 259 -2.09 -6.70 9.04
CA ASN B 259 -2.14 -8.15 8.93
C ASN B 259 -1.88 -8.81 10.28
N GLY B 260 -2.79 -9.70 10.70
CA GLY B 260 -2.65 -10.43 11.94
C GLY B 260 -3.27 -9.73 13.14
N MET B 261 -3.60 -8.43 13.04
CA MET B 261 -4.08 -7.68 14.18
C MET B 261 -5.58 -7.92 14.38
N HIS B 262 -6.02 -7.79 15.63
CA HIS B 262 -7.44 -7.78 15.98
C HIS B 262 -8.00 -6.42 15.52
N ALA B 263 -9.04 -6.44 14.68
CA ALA B 263 -9.44 -5.29 13.88
C ALA B 263 -10.24 -4.27 14.69
N ASN B 264 -11.21 -4.73 15.49
CA ASN B 264 -12.03 -3.83 16.27
C ASN B 264 -11.23 -3.16 17.38
N THR B 265 -10.09 -3.74 17.77
CA THR B 265 -9.15 -3.07 18.67
C THR B 265 -8.66 -1.78 18.03
N GLN B 266 -8.33 -1.82 16.73
CA GLN B 266 -7.59 -0.73 16.10
C GLN B 266 -8.48 0.43 15.68
N ILE B 267 -9.70 0.17 15.19
CA ILE B 267 -10.47 1.22 14.51
C ILE B 267 -10.83 2.33 15.50
N PRO B 268 -11.26 2.04 16.76
CA PRO B 268 -11.52 3.08 17.75
C PRO B 268 -10.33 3.95 18.15
N LYS B 269 -9.10 3.41 18.02
CA LYS B 269 -7.89 4.19 18.22
C LYS B 269 -7.75 5.25 17.14
N VAL B 270 -8.11 4.87 15.90
CA VAL B 270 -7.94 5.71 14.73
C VAL B 270 -8.99 6.81 14.76
N ILE B 271 -10.21 6.45 15.17
CA ILE B 271 -11.24 7.45 15.48
C ILE B 271 -10.66 8.44 16.49
N GLY B 272 -10.02 7.89 17.55
CA GLY B 272 -9.35 8.68 18.58
C GLY B 272 -8.31 9.66 18.04
N TYR B 273 -7.44 9.19 17.14
CA TYR B 273 -6.36 10.01 16.61
C TYR B 273 -6.95 11.17 15.81
N LYS B 274 -7.99 10.87 15.02
CA LYS B 274 -8.68 11.87 14.21
C LYS B 274 -9.33 12.91 15.12
N ARG B 275 -9.97 12.45 16.21
CA ARG B 275 -10.63 13.36 17.13
C ARG B 275 -9.63 14.26 17.84
N VAL B 276 -8.47 13.71 18.24
CA VAL B 276 -7.40 14.53 18.79
C VAL B 276 -6.99 15.61 17.79
N ALA B 277 -6.97 15.29 16.49
CA ALA B 277 -6.60 16.25 15.45
C ALA B 277 -7.66 17.34 15.28
N GLU B 278 -8.96 16.99 15.32
CA GLU B 278 -10.03 17.97 15.26
C GLU B 278 -9.90 18.99 16.39
N VAL B 279 -9.76 18.47 17.62
CA VAL B 279 -9.80 19.29 18.82
C VAL B 279 -8.48 20.04 19.00
N SER B 280 -7.38 19.55 18.40
CA SER B 280 -6.07 20.20 18.47
C SER B 280 -5.83 21.16 17.29
N LYS B 281 -6.87 21.56 16.54
CA LYS B 281 -6.70 22.29 15.29
C LYS B 281 -6.06 23.66 15.54
N ASN B 282 -6.39 24.29 16.68
CA ASN B 282 -5.86 25.60 17.07
C ASN B 282 -5.12 25.49 18.41
N ASP B 283 -4.33 24.42 18.60
CA ASP B 283 -3.39 24.32 19.71
C ASP B 283 -2.03 24.81 19.20
N LYS B 284 -1.52 25.90 19.80
CA LYS B 284 -0.24 26.49 19.43
C LYS B 284 0.93 25.61 19.88
N ASP B 285 0.76 24.88 21.00
CA ASP B 285 1.83 24.13 21.65
C ASP B 285 1.97 22.70 21.11
N TRP B 286 1.37 22.40 19.95
CA TRP B 286 1.36 21.07 19.36
C TRP B 286 1.05 21.22 17.87
N ASN B 287 1.87 20.62 17.00
CA ASN B 287 1.78 20.89 15.57
C ASN B 287 1.65 19.59 14.78
N HIS B 288 1.05 18.55 15.39
CA HIS B 288 0.99 17.22 14.79
C HIS B 288 -0.44 16.85 14.36
N ALA B 289 -1.31 17.86 14.16
CA ALA B 289 -2.72 17.64 13.89
C ALA B 289 -2.93 17.05 12.50
N ALA B 290 -2.33 17.69 11.49
CA ALA B 290 -2.43 17.26 10.10
C ALA B 290 -1.86 15.85 9.90
N GLU B 291 -0.77 15.52 10.62
CA GLU B 291 -0.18 14.18 10.59
C GLU B 291 -1.17 13.12 11.06
N TRP B 292 -1.81 13.40 12.21
CA TRP B 292 -2.75 12.46 12.83
C TRP B 292 -4.01 12.32 11.98
N ASP B 293 -4.50 13.46 11.46
CA ASP B 293 -5.59 13.50 10.49
C ASP B 293 -5.24 12.62 9.30
N HIS B 294 -4.08 12.86 8.68
CA HIS B 294 -3.64 12.11 7.51
C HIS B 294 -3.57 10.60 7.80
N ALA B 295 -3.04 10.24 8.98
CA ALA B 295 -2.92 8.83 9.38
C ALA B 295 -4.27 8.12 9.40
N ALA B 296 -5.30 8.82 9.90
CA ALA B 296 -6.66 8.30 9.93
C ALA B 296 -7.24 8.17 8.51
N ARG B 297 -6.94 9.12 7.61
CA ARG B 297 -7.45 9.07 6.24
C ARG B 297 -6.86 7.87 5.50
N PHE B 298 -5.54 7.68 5.67
CA PHE B 298 -4.84 6.54 5.10
C PHE B 298 -5.41 5.22 5.61
N PHE B 299 -5.63 5.12 6.93
CA PHE B 299 -6.21 3.93 7.55
C PHE B 299 -7.54 3.58 6.89
N TRP B 300 -8.44 4.57 6.78
CA TRP B 300 -9.73 4.39 6.14
C TRP B 300 -9.54 3.87 4.72
N ASN B 301 -8.60 4.49 3.98
CA ASN B 301 -8.32 4.15 2.60
C ASN B 301 -7.98 2.66 2.46
N THR B 302 -7.01 2.19 3.27
CA THR B 302 -6.48 0.84 3.12
C THR B 302 -7.51 -0.22 3.54
N VAL B 303 -8.27 0.04 4.61
CA VAL B 303 -9.29 -0.91 5.08
C VAL B 303 -10.43 -1.00 4.07
N VAL B 304 -10.91 0.14 3.56
CA VAL B 304 -12.06 0.16 2.66
C VAL B 304 -11.70 -0.44 1.30
N ASN B 305 -10.58 -0.01 0.71
CA ASN B 305 -10.23 -0.38 -0.66
C ASN B 305 -9.50 -1.73 -0.75
N HIS B 306 -8.93 -2.25 0.35
CA HIS B 306 -8.20 -3.52 0.32
C HIS B 306 -8.74 -4.60 1.25
N ARG B 307 -9.43 -4.27 2.35
CA ARG B 307 -9.72 -5.26 3.39
C ARG B 307 -11.23 -5.46 3.60
N SER B 308 -12.06 -4.89 2.72
CA SER B 308 -13.50 -4.86 2.93
C SER B 308 -14.21 -5.68 1.87
N VAL B 309 -15.27 -6.40 2.27
CA VAL B 309 -16.12 -7.16 1.37
C VAL B 309 -17.26 -6.24 0.92
N CYS B 310 -18.11 -6.76 0.01
CA CYS B 310 -19.15 -5.98 -0.65
C CYS B 310 -20.18 -5.42 0.34
N ILE B 311 -20.45 -6.09 1.47
CA ILE B 311 -21.43 -5.57 2.42
C ILE B 311 -20.85 -4.40 3.23
N GLY B 312 -19.54 -4.14 3.13
CA GLY B 312 -18.91 -2.96 3.72
C GLY B 312 -18.12 -3.28 4.98
N GLY B 313 -18.16 -4.56 5.42
CA GLY B 313 -17.47 -5.01 6.62
C GLY B 313 -16.08 -5.58 6.32
N ASN B 314 -15.37 -5.92 7.39
CA ASN B 314 -14.01 -6.42 7.35
C ASN B 314 -13.81 -7.45 8.47
N SER B 315 -12.74 -8.23 8.35
CA SER B 315 -12.21 -9.12 9.38
C SER B 315 -12.74 -10.55 9.20
N VAL B 316 -11.93 -11.52 9.62
CA VAL B 316 -12.33 -12.92 9.75
C VAL B 316 -11.84 -13.40 11.12
N ARG B 317 -12.72 -14.05 11.90
CA ARG B 317 -12.47 -14.35 13.30
C ARG B 317 -11.89 -13.12 14.01
N GLU B 318 -12.48 -11.94 13.74
CA GLU B 318 -12.18 -10.69 14.40
C GLU B 318 -10.84 -10.07 13.99
N HIS B 319 -10.14 -10.66 13.00
CA HIS B 319 -8.76 -10.29 12.71
C HIS B 319 -8.61 -9.92 11.23
N PHE B 320 -7.69 -9.00 10.95
CA PHE B 320 -7.32 -8.65 9.59
C PHE B 320 -6.44 -9.78 9.02
N HIS B 321 -7.01 -10.54 8.08
CA HIS B 321 -6.26 -11.47 7.25
C HIS B 321 -5.48 -10.67 6.20
N PRO B 322 -4.48 -11.26 5.51
CA PRO B 322 -3.81 -10.58 4.38
C PRO B 322 -4.79 -10.14 3.29
N SER B 323 -4.51 -8.98 2.69
CA SER B 323 -5.40 -8.36 1.72
C SER B 323 -5.25 -8.97 0.33
N ASP B 324 -4.22 -9.83 0.12
CA ASP B 324 -4.08 -10.64 -1.08
C ASP B 324 -4.59 -12.08 -0.89
N ASN B 325 -5.30 -12.39 0.22
CA ASN B 325 -5.81 -13.74 0.47
C ASN B 325 -7.09 -13.68 1.30
N PHE B 326 -8.24 -13.83 0.62
CA PHE B 326 -9.56 -13.83 1.24
C PHE B 326 -10.12 -15.25 1.35
N THR B 327 -9.26 -16.28 1.29
CA THR B 327 -9.69 -17.67 1.37
C THR B 327 -10.48 -17.91 2.66
N SER B 328 -9.96 -17.42 3.80
CA SER B 328 -10.59 -17.58 5.10
C SER B 328 -11.94 -16.86 5.16
N MET B 329 -12.08 -15.72 4.47
CA MET B 329 -13.34 -14.96 4.38
C MET B 329 -14.43 -15.80 3.71
N LEU B 330 -14.04 -16.62 2.74
CA LEU B 330 -15.00 -17.43 2.00
C LEU B 330 -15.15 -18.83 2.57
N ASN B 331 -14.34 -19.22 3.58
CA ASN B 331 -14.39 -20.56 4.15
C ASN B 331 -14.86 -20.57 5.60
N ASP B 332 -14.56 -19.53 6.41
CA ASP B 332 -14.85 -19.52 7.84
C ASP B 332 -16.29 -19.02 8.09
N VAL B 333 -16.94 -19.58 9.11
CA VAL B 333 -18.28 -19.16 9.51
C VAL B 333 -18.24 -17.83 10.28
N GLN B 334 -17.07 -17.43 10.79
CA GLN B 334 -16.91 -16.17 11.51
C GLN B 334 -16.44 -15.08 10.52
N GLY B 335 -17.41 -14.59 9.73
CA GLY B 335 -17.16 -13.52 8.79
C GLY B 335 -17.08 -12.16 9.48
N PRO B 336 -17.25 -11.04 8.75
CA PRO B 336 -17.08 -9.69 9.32
C PRO B 336 -17.85 -9.49 10.63
N GLU B 337 -17.18 -8.89 11.62
CA GLU B 337 -17.80 -8.51 12.87
C GLU B 337 -18.54 -7.18 12.70
N THR B 338 -19.70 -7.02 13.35
CA THR B 338 -20.55 -5.84 13.17
C THR B 338 -19.94 -4.60 13.81
N CYS B 339 -19.32 -4.73 15.00
CA CYS B 339 -18.66 -3.60 15.66
C CYS B 339 -17.72 -2.86 14.71
N ASN B 340 -16.98 -3.61 13.89
CA ASN B 340 -15.96 -3.04 13.02
C ASN B 340 -16.61 -2.06 12.04
N THR B 341 -17.77 -2.41 11.48
CA THR B 341 -18.47 -1.56 10.52
C THR B 341 -19.07 -0.34 11.23
N TYR B 342 -19.74 -0.56 12.37
CA TYR B 342 -20.19 0.51 13.25
C TYR B 342 -19.07 1.54 13.43
N ASN B 343 -17.86 1.07 13.78
CA ASN B 343 -16.73 1.95 14.02
C ASN B 343 -16.19 2.56 12.72
N MET B 344 -16.14 1.78 11.64
CA MET B 344 -15.71 2.32 10.35
C MET B 344 -16.63 3.45 9.90
N LEU B 345 -17.93 3.34 10.21
CA LEU B 345 -18.90 4.38 9.87
C LEU B 345 -18.70 5.64 10.72
N ARG B 346 -18.38 5.48 12.01
CA ARG B 346 -18.03 6.62 12.87
C ARG B 346 -16.80 7.34 12.34
N LEU B 347 -15.78 6.58 11.90
CA LEU B 347 -14.59 7.16 11.30
C LEU B 347 -14.93 7.86 9.98
N THR B 348 -15.81 7.25 9.16
CA THR B 348 -16.19 7.82 7.88
C THR B 348 -16.76 9.23 8.07
N LYS B 349 -17.68 9.34 9.04
CA LYS B 349 -18.37 10.58 9.37
C LYS B 349 -17.37 11.68 9.73
N MET B 350 -16.33 11.34 10.48
CA MET B 350 -15.31 12.30 10.90
C MET B 350 -14.47 12.74 9.69
N LEU B 351 -14.05 11.80 8.85
CA LEU B 351 -13.19 12.10 7.72
C LEU B 351 -13.93 12.92 6.67
N TYR B 352 -15.20 12.59 6.40
CA TYR B 352 -15.98 13.35 5.42
C TYR B 352 -16.11 14.83 5.82
N GLN B 353 -16.31 15.07 7.12
CA GLN B 353 -16.66 16.39 7.65
C GLN B 353 -15.63 17.45 7.22
N ASN B 354 -14.33 17.16 7.38
CA ASN B 354 -13.29 18.13 7.05
C ASN B 354 -12.53 17.73 5.77
N SER B 355 -13.10 16.88 4.91
CA SER B 355 -12.40 16.39 3.73
C SER B 355 -12.11 17.52 2.74
N GLY B 356 -13.00 18.51 2.66
CA GLY B 356 -12.80 19.69 1.83
C GLY B 356 -11.63 20.59 2.25
N ASP B 357 -11.29 20.57 3.55
CA ASP B 357 -10.18 21.36 4.10
C ASP B 357 -8.84 20.76 3.66
N VAL B 358 -8.77 19.42 3.54
CA VAL B 358 -7.53 18.73 3.18
C VAL B 358 -7.13 19.04 1.74
N ASP B 359 -8.05 18.80 0.79
CA ASP B 359 -7.80 19.01 -0.63
C ASP B 359 -7.97 20.48 -1.04
N ASN B 360 -8.44 21.34 -0.11
CA ASN B 360 -8.51 22.78 -0.27
C ASN B 360 -9.55 23.16 -1.34
N SER B 361 -10.56 22.30 -1.55
CA SER B 361 -11.70 22.62 -2.39
C SER B 361 -12.79 23.35 -1.60
N ASN B 362 -12.76 23.19 -0.27
CA ASN B 362 -13.82 23.59 0.65
C ASN B 362 -15.13 22.89 0.27
N LYS B 363 -15.02 21.69 -0.31
CA LYS B 363 -16.14 20.87 -0.74
C LYS B 363 -15.86 19.46 -0.25
N PRO B 364 -16.76 18.84 0.54
CA PRO B 364 -16.50 17.52 1.10
C PRO B 364 -16.56 16.44 0.02
N ASP B 365 -15.84 15.33 0.26
CA ASP B 365 -15.61 14.28 -0.73
C ASP B 365 -16.74 13.25 -0.67
N PRO B 366 -17.60 13.13 -1.73
CA PRO B 366 -18.71 12.17 -1.70
C PRO B 366 -18.37 10.68 -1.76
N ARG B 367 -17.11 10.31 -2.02
CA ARG B 367 -16.71 8.92 -2.01
C ARG B 367 -16.80 8.29 -0.62
N TYR B 368 -16.64 9.12 0.43
CA TYR B 368 -16.90 8.69 1.80
C TYR B 368 -18.36 8.25 1.95
N VAL B 369 -19.28 8.95 1.27
CA VAL B 369 -20.71 8.67 1.35
C VAL B 369 -21.04 7.37 0.60
N ASP B 370 -20.34 7.11 -0.52
CA ASP B 370 -20.50 5.87 -1.27
C ASP B 370 -20.27 4.67 -0.35
N TYR B 371 -19.17 4.69 0.42
CA TYR B 371 -18.91 3.67 1.41
C TYR B 371 -19.97 3.69 2.52
N TYR B 372 -20.34 4.88 3.02
CA TYR B 372 -21.26 4.98 4.15
C TYR B 372 -22.55 4.24 3.80
N GLU B 373 -23.10 4.59 2.63
CA GLU B 373 -24.30 3.98 2.06
C GLU B 373 -24.15 2.45 1.97
N ARG B 374 -23.06 1.98 1.35
CA ARG B 374 -22.83 0.56 1.15
C ARG B 374 -22.87 -0.19 2.49
N ALA B 375 -22.12 0.30 3.47
CA ALA B 375 -22.01 -0.37 4.76
C ALA B 375 -23.31 -0.28 5.57
N LEU B 376 -24.06 0.85 5.44
CA LEU B 376 -25.26 1.08 6.25
C LEU B 376 -26.41 0.20 5.76
N TYR B 377 -26.65 0.19 4.44
CA TYR B 377 -27.72 -0.60 3.85
C TYR B 377 -27.44 -2.10 3.93
N ASN B 378 -26.18 -2.52 3.79
CA ASN B 378 -25.86 -3.93 3.60
C ASN B 378 -25.35 -4.62 4.86
N HIS B 379 -24.67 -3.91 5.78
CA HIS B 379 -24.17 -4.56 6.98
C HIS B 379 -24.97 -4.13 8.21
N ILE B 380 -25.07 -2.83 8.46
CA ILE B 380 -25.74 -2.35 9.66
C ILE B 380 -27.22 -2.75 9.61
N LEU B 381 -27.90 -2.45 8.50
CA LEU B 381 -29.33 -2.72 8.37
C LEU B 381 -29.62 -4.22 8.36
N SER B 382 -28.70 -5.04 7.82
CA SER B 382 -28.84 -6.49 7.80
C SER B 382 -28.58 -7.15 9.16
N SER B 383 -27.92 -6.44 10.10
CA SER B 383 -27.43 -7.01 11.34
C SER B 383 -28.48 -7.04 12.47
N GLN B 384 -29.72 -6.62 12.20
CA GLN B 384 -30.82 -6.72 13.15
C GLN B 384 -31.95 -7.49 12.48
N GLU B 385 -32.51 -8.47 13.22
CA GLU B 385 -33.69 -9.18 12.78
C GLU B 385 -34.84 -8.16 12.85
N PRO B 386 -35.51 -7.82 11.72
CA PRO B 386 -36.36 -6.63 11.68
C PRO B 386 -37.71 -6.69 12.41
N ASP B 387 -38.17 -7.90 12.77
CA ASP B 387 -39.50 -8.09 13.34
C ASP B 387 -39.39 -8.50 14.80
N LYS B 388 -38.65 -9.58 15.08
CA LYS B 388 -38.45 -10.09 16.43
C LYS B 388 -37.41 -9.26 17.19
N GLY B 389 -36.44 -8.68 16.46
CA GLY B 389 -35.24 -8.12 17.08
C GLY B 389 -34.18 -9.19 17.31
N GLY B 390 -32.98 -8.74 17.70
CA GLY B 390 -31.81 -9.58 17.82
C GLY B 390 -30.70 -9.05 16.91
N PHE B 391 -29.49 -8.94 17.49
CA PHE B 391 -28.33 -8.36 16.81
C PHE B 391 -27.34 -9.44 16.40
N VAL B 392 -26.68 -9.21 15.24
CA VAL B 392 -25.71 -10.15 14.70
C VAL B 392 -24.31 -9.73 15.15
N TYR B 393 -23.46 -10.73 15.45
CA TYR B 393 -22.05 -10.54 15.74
C TYR B 393 -21.24 -10.80 14.48
N PHE B 394 -21.35 -12.03 13.93
CA PHE B 394 -20.61 -12.45 12.75
C PHE B 394 -21.60 -12.64 11.60
N THR B 395 -21.26 -12.05 10.45
CA THR B 395 -22.00 -12.24 9.22
C THR B 395 -21.12 -13.10 8.29
N PRO B 396 -21.29 -14.44 8.22
CA PRO B 396 -20.46 -15.26 7.34
C PRO B 396 -20.58 -14.84 5.87
N MET B 397 -19.42 -14.74 5.20
CA MET B 397 -19.37 -14.62 3.75
C MET B 397 -19.17 -15.98 3.11
N ARG B 398 -18.94 -17.06 3.89
CA ARG B 398 -18.92 -18.43 3.38
C ARG B 398 -20.24 -18.75 2.68
N PRO B 399 -20.27 -19.25 1.42
CA PRO B 399 -21.53 -19.60 0.78
C PRO B 399 -22.26 -20.73 1.51
N GLY B 400 -23.49 -20.46 1.96
CA GLY B 400 -24.40 -21.48 2.43
C GLY B 400 -24.49 -21.63 3.95
N HIS B 401 -23.93 -20.68 4.73
CA HIS B 401 -24.07 -20.68 6.18
C HIS B 401 -25.11 -19.62 6.57
N TYR B 402 -25.28 -19.41 7.87
CA TYR B 402 -26.26 -18.49 8.44
C TYR B 402 -25.59 -17.66 9.55
N ARG B 403 -26.30 -16.62 10.02
CA ARG B 403 -25.82 -15.76 11.09
C ARG B 403 -26.75 -15.86 12.30
N VAL B 404 -26.13 -15.74 13.49
CA VAL B 404 -26.79 -15.90 14.77
C VAL B 404 -27.19 -14.51 15.29
N TYR B 405 -28.39 -14.44 15.89
CA TYR B 405 -28.94 -13.24 16.48
C TYR B 405 -28.85 -13.31 18.01
N SER B 406 -28.62 -12.13 18.62
CA SER B 406 -28.68 -11.98 20.07
C SER B 406 -30.12 -12.11 20.56
N GLN B 407 -30.26 -12.31 21.87
CA GLN B 407 -31.53 -12.16 22.56
C GLN B 407 -31.33 -11.24 23.75
N PRO B 408 -32.34 -10.40 24.10
CA PRO B 408 -32.22 -9.42 25.19
C PRO B 408 -31.58 -9.90 26.50
N GLU B 409 -32.12 -10.99 27.08
CA GLU B 409 -31.72 -11.42 28.42
C GLU B 409 -30.45 -12.30 28.38
N THR B 410 -30.05 -12.80 27.21
CA THR B 410 -29.00 -13.83 27.12
C THR B 410 -27.65 -13.30 26.64
N SER B 411 -27.66 -12.24 25.83
CA SER B 411 -26.54 -11.91 24.97
C SER B 411 -25.97 -10.54 25.35
N MET B 412 -24.72 -10.52 25.86
CA MET B 412 -24.07 -9.31 26.32
C MET B 412 -22.77 -9.06 25.55
N TRP B 413 -22.82 -9.28 24.23
CA TRP B 413 -21.64 -9.19 23.37
C TRP B 413 -21.33 -7.73 23.08
N CYS B 414 -20.11 -7.50 22.59
CA CYS B 414 -19.72 -6.21 22.03
C CYS B 414 -20.69 -5.78 20.91
N CYS B 415 -21.08 -6.74 20.06
CA CYS B 415 -21.94 -6.47 18.92
C CYS B 415 -23.40 -6.22 19.34
N VAL B 416 -23.80 -6.62 20.56
CA VAL B 416 -25.06 -6.16 21.13
C VAL B 416 -24.96 -4.68 21.49
N GLY B 417 -23.90 -4.33 22.23
CA GLY B 417 -23.62 -2.96 22.61
C GLY B 417 -23.67 -1.97 21.44
N SER B 418 -22.85 -2.20 20.41
CA SER B 418 -22.87 -1.38 19.22
C SER B 418 -24.21 -1.53 18.48
N GLY B 419 -24.80 -2.73 18.52
CA GLY B 419 -26.11 -2.99 17.94
C GLY B 419 -27.20 -2.07 18.49
N LEU B 420 -27.22 -1.87 19.82
CA LEU B 420 -28.16 -0.95 20.44
C LEU B 420 -27.99 0.46 19.88
N GLU B 421 -26.73 0.88 19.66
CA GLU B 421 -26.42 2.20 19.14
C GLU B 421 -26.81 2.36 17.66
N ASN B 422 -26.56 1.32 16.86
CA ASN B 422 -26.62 1.40 15.39
C ASN B 422 -27.92 2.04 14.90
N HIS B 423 -29.07 1.57 15.41
CA HIS B 423 -30.35 1.85 14.78
C HIS B 423 -31.00 3.10 15.40
N THR B 424 -30.36 3.73 16.39
CA THR B 424 -30.83 4.96 17.00
C THR B 424 -30.58 6.18 16.12
N LYS B 425 -29.64 6.10 15.16
CA LYS B 425 -28.98 7.26 14.63
C LYS B 425 -28.93 7.24 13.10
N TYR B 426 -29.88 6.55 12.45
CA TYR B 426 -29.93 6.53 10.99
C TYR B 426 -30.16 7.95 10.43
N GLY B 427 -30.71 8.88 11.24
CA GLY B 427 -30.88 10.26 10.82
C GLY B 427 -29.59 11.07 10.68
N GLU B 428 -28.45 10.56 11.17
CA GLU B 428 -27.29 11.40 11.48
C GLU B 428 -26.52 11.82 10.22
N PHE B 429 -26.51 10.98 9.16
CA PHE B 429 -25.65 11.18 7.99
C PHE B 429 -26.45 11.42 6.72
N ILE B 430 -27.78 11.59 6.83
CA ILE B 430 -28.62 11.78 5.66
C ILE B 430 -28.26 13.13 5.03
N TYR B 431 -28.04 14.14 5.88
CA TYR B 431 -27.73 15.48 5.42
C TYR B 431 -26.48 15.98 6.11
N ALA B 432 -25.90 17.05 5.53
CA ALA B 432 -24.90 17.88 6.19
C ALA B 432 -25.09 19.33 5.73
N HIS B 433 -24.62 20.29 6.53
CA HIS B 433 -24.83 21.70 6.23
C HIS B 433 -23.53 22.49 6.34
N GLN B 434 -23.44 23.55 5.52
CA GLN B 434 -22.25 24.37 5.35
C GLN B 434 -22.74 25.76 4.97
N GLN B 435 -23.08 26.55 5.99
CA GLN B 435 -23.56 27.91 5.81
C GLN B 435 -24.84 27.85 4.96
N ASP B 436 -24.76 28.29 3.69
CA ASP B 436 -25.94 28.43 2.86
C ASP B 436 -26.12 27.20 1.96
N THR B 437 -25.44 26.08 2.29
CA THR B 437 -25.36 24.92 1.42
C THR B 437 -25.82 23.68 2.18
N LEU B 438 -26.77 22.92 1.61
CA LEU B 438 -27.19 21.63 2.14
C LEU B 438 -26.69 20.52 1.22
N TYR B 439 -26.04 19.51 1.82
CA TYR B 439 -25.65 18.28 1.14
C TYR B 439 -26.73 17.23 1.41
N VAL B 440 -27.35 16.73 0.33
CA VAL B 440 -28.29 15.61 0.40
C VAL B 440 -27.53 14.34 0.06
N ASN B 441 -27.22 13.52 1.08
CA ASN B 441 -26.24 12.47 0.98
C ASN B 441 -26.91 11.10 0.87
N LEU B 442 -27.81 10.75 1.80
CA LEU B 442 -28.48 9.44 1.78
C LEU B 442 -29.92 9.62 1.34
N PHE B 443 -30.43 8.62 0.61
CA PHE B 443 -31.76 8.68 0.02
C PHE B 443 -32.72 7.93 0.94
N ILE B 444 -32.93 8.51 2.14
CA ILE B 444 -33.69 7.90 3.21
C ILE B 444 -34.88 8.81 3.51
N PRO B 445 -36.14 8.32 3.48
CA PRO B 445 -37.30 9.17 3.77
C PRO B 445 -37.16 9.88 5.12
N SER B 446 -37.26 11.22 5.12
CA SER B 446 -36.97 11.99 6.31
C SER B 446 -37.57 13.39 6.24
N GLN B 447 -37.75 14.00 7.41
CA GLN B 447 -38.10 15.41 7.52
C GLN B 447 -36.95 16.14 8.23
N LEU B 448 -36.41 17.17 7.59
CA LEU B 448 -35.26 17.92 8.08
C LEU B 448 -35.73 19.27 8.60
N ASN B 449 -35.26 19.65 9.79
CA ASN B 449 -35.41 21.00 10.31
C ASN B 449 -34.05 21.70 10.18
N TRP B 450 -33.88 22.44 9.07
CA TRP B 450 -32.68 23.24 8.84
C TRP B 450 -32.92 24.64 9.44
N LYS B 451 -32.81 24.69 10.79
CA LYS B 451 -33.22 25.85 11.58
C LYS B 451 -32.34 27.07 11.27
N GLU B 452 -31.09 26.82 10.87
CA GLU B 452 -30.09 27.87 10.66
C GLU B 452 -30.44 28.70 9.41
N GLN B 453 -31.31 28.19 8.54
CA GLN B 453 -31.78 28.93 7.38
C GLN B 453 -33.30 29.04 7.35
N GLY B 454 -33.97 28.73 8.48
CA GLY B 454 -35.42 28.71 8.58
C GLY B 454 -36.10 27.84 7.53
N VAL B 455 -35.50 26.67 7.23
CA VAL B 455 -36.03 25.75 6.24
C VAL B 455 -36.49 24.46 6.93
N THR B 456 -37.69 23.99 6.57
CA THR B 456 -38.13 22.62 6.80
C THR B 456 -38.25 21.95 5.44
N LEU B 457 -37.81 20.68 5.37
CA LEU B 457 -37.68 19.94 4.13
C LEU B 457 -38.09 18.48 4.36
N THR B 458 -38.81 17.88 3.41
CA THR B 458 -39.21 16.47 3.47
C THR B 458 -38.65 15.74 2.25
N GLN B 459 -37.87 14.67 2.49
CA GLN B 459 -37.46 13.74 1.43
C GLN B 459 -38.39 12.53 1.44
N GLU B 460 -38.98 12.21 0.26
CA GLU B 460 -39.80 11.03 0.09
C GLU B 460 -39.21 10.19 -1.05
N THR B 461 -39.14 8.86 -0.83
CA THR B 461 -38.61 7.90 -1.79
C THR B 461 -38.91 6.49 -1.29
N LEU B 462 -39.12 5.55 -2.22
CA LEU B 462 -39.26 4.13 -1.89
C LEU B 462 -37.94 3.41 -2.14
N PHE B 463 -36.85 4.16 -2.38
CA PHE B 463 -35.50 3.64 -2.56
C PHE B 463 -35.13 2.73 -1.40
N PRO B 464 -34.55 1.53 -1.62
CA PRO B 464 -34.02 1.08 -2.91
C PRO B 464 -34.96 0.33 -3.86
N ASP B 465 -36.26 0.29 -3.53
CA ASP B 465 -37.25 -0.46 -4.30
C ASP B 465 -37.81 0.36 -5.46
N ASP B 466 -37.47 1.65 -5.55
CA ASP B 466 -37.84 2.52 -6.66
C ASP B 466 -36.75 3.58 -6.80
N GLU B 467 -36.68 4.21 -7.99
CA GLU B 467 -35.58 5.08 -8.33
C GLU B 467 -35.87 6.55 -8.00
N LYS B 468 -37.14 6.90 -7.75
CA LYS B 468 -37.56 8.30 -7.66
C LYS B 468 -37.34 8.84 -6.25
N VAL B 469 -36.79 10.07 -6.17
CA VAL B 469 -36.67 10.84 -4.93
C VAL B 469 -37.33 12.20 -5.16
N THR B 470 -38.13 12.66 -4.18
CA THR B 470 -38.66 14.02 -4.19
C THR B 470 -38.20 14.75 -2.93
N LEU B 471 -37.79 16.02 -3.08
CA LEU B 471 -37.48 16.91 -1.96
C LEU B 471 -38.49 18.05 -1.97
N ARG B 472 -39.34 18.12 -0.94
CA ARG B 472 -40.35 19.18 -0.84
C ARG B 472 -39.90 20.21 0.20
N ILE B 473 -39.90 21.50 -0.17
CA ILE B 473 -39.68 22.58 0.79
C ILE B 473 -41.00 22.83 1.52
N ASP B 474 -41.05 22.49 2.82
CA ASP B 474 -42.25 22.65 3.63
C ASP B 474 -42.34 24.04 4.25
N LYS B 475 -41.18 24.67 4.46
CA LYS B 475 -41.09 25.99 5.07
C LYS B 475 -39.76 26.61 4.64
N ALA B 476 -39.76 27.94 4.46
CA ALA B 476 -38.59 28.68 4.04
C ALA B 476 -38.76 30.16 4.33
N ALA B 477 -37.64 30.90 4.34
CA ALA B 477 -37.59 32.33 4.58
C ALA B 477 -36.95 33.06 3.39
N LYS B 478 -37.21 32.60 2.15
CA LYS B 478 -36.87 33.31 0.92
C LYS B 478 -35.39 33.75 0.88
N LYS B 479 -34.48 32.83 1.23
CA LYS B 479 -33.04 33.08 1.15
C LYS B 479 -32.42 32.19 0.07
N ASN B 480 -31.35 32.69 -0.56
CA ASN B 480 -30.59 31.96 -1.56
C ASN B 480 -29.80 30.84 -0.89
N LEU B 481 -30.13 29.58 -1.20
CA LEU B 481 -29.47 28.41 -0.61
C LEU B 481 -29.17 27.39 -1.70
N THR B 482 -28.04 26.69 -1.56
CA THR B 482 -27.58 25.70 -2.53
C THR B 482 -27.88 24.30 -1.99
N LEU B 483 -28.70 23.51 -2.70
CA LEU B 483 -28.82 22.09 -2.45
C LEU B 483 -27.78 21.35 -3.28
N MET B 484 -26.86 20.63 -2.62
CA MET B 484 -25.89 19.78 -3.27
C MET B 484 -26.40 18.33 -3.24
N ILE B 485 -26.98 17.87 -4.36
CA ILE B 485 -27.56 16.54 -4.45
C ILE B 485 -26.46 15.56 -4.87
N ARG B 486 -26.24 14.54 -4.04
CA ARG B 486 -25.23 13.53 -4.31
C ARG B 486 -25.63 12.71 -5.54
N ILE B 487 -24.70 12.59 -6.50
CA ILE B 487 -24.82 11.68 -7.63
C ILE B 487 -23.82 10.55 -7.41
N PRO B 488 -24.22 9.36 -6.91
CA PRO B 488 -23.29 8.26 -6.68
C PRO B 488 -22.60 7.71 -7.93
N GLU B 489 -21.43 7.10 -7.73
CA GLU B 489 -20.73 6.25 -8.69
C GLU B 489 -21.72 5.38 -9.48
N TRP B 490 -22.55 4.65 -8.71
CA TRP B 490 -23.40 3.60 -9.25
C TRP B 490 -24.56 4.17 -10.06
N ALA B 491 -24.83 5.48 -9.97
CA ALA B 491 -25.75 6.17 -10.86
C ALA B 491 -24.96 6.89 -11.96
N TYR B 497 -28.26 13.92 -16.54
CA TYR B 497 -28.80 14.05 -15.16
C TYR B 497 -30.03 14.96 -15.16
N GLU B 498 -31.23 14.35 -15.25
CA GLU B 498 -32.50 15.06 -15.35
C GLU B 498 -33.10 15.29 -13.96
N ILE B 499 -33.41 16.55 -13.66
CA ILE B 499 -33.93 17.00 -12.36
C ILE B 499 -35.09 17.93 -12.68
N THR B 500 -36.27 17.70 -12.09
CA THR B 500 -37.45 18.53 -12.32
C THR B 500 -37.65 19.47 -11.13
N ILE B 501 -37.41 20.78 -11.31
CA ILE B 501 -37.68 21.77 -10.27
C ILE B 501 -39.03 22.44 -10.54
N ASN B 502 -39.94 22.35 -9.56
CA ASN B 502 -41.24 23.01 -9.57
C ASN B 502 -42.08 22.62 -10.79
N GLY B 503 -41.77 21.48 -11.42
CA GLY B 503 -42.44 21.05 -12.64
C GLY B 503 -41.60 21.29 -13.88
N LYS B 504 -40.59 22.17 -13.78
CA LYS B 504 -39.73 22.45 -14.90
C LYS B 504 -38.68 21.36 -15.04
N LYS B 505 -38.77 20.49 -16.05
CA LYS B 505 -37.65 19.62 -16.40
C LYS B 505 -36.41 20.49 -16.61
N HIS B 506 -35.23 19.89 -16.45
CA HIS B 506 -33.97 20.58 -16.68
C HIS B 506 -32.93 19.59 -17.22
N THR B 512 -19.24 12.70 -15.89
CA THR B 512 -20.10 11.56 -15.46
C THR B 512 -19.27 10.42 -14.87
N GLY B 513 -19.96 9.45 -14.26
CA GLY B 513 -19.37 8.21 -13.79
C GLY B 513 -18.43 8.42 -12.62
N ALA B 514 -18.79 9.32 -11.69
CA ALA B 514 -17.89 9.70 -10.63
C ALA B 514 -18.69 10.22 -9.44
N SER B 515 -18.29 9.79 -8.23
CA SER B 515 -18.88 10.29 -7.01
C SER B 515 -18.77 11.81 -7.01
N THR B 516 -19.92 12.52 -6.99
CA THR B 516 -19.92 13.98 -7.17
C THR B 516 -21.20 14.59 -6.58
N TYR B 517 -21.38 15.90 -6.77
CA TYR B 517 -22.53 16.64 -6.28
C TYR B 517 -23.08 17.53 -7.40
N LEU B 518 -24.41 17.61 -7.52
CA LEU B 518 -25.09 18.53 -8.42
C LEU B 518 -25.61 19.72 -7.63
N PRO B 519 -25.07 20.96 -7.82
CA PRO B 519 -25.61 22.15 -7.13
C PRO B 519 -26.90 22.67 -7.76
N ILE B 520 -27.89 23.00 -6.91
CA ILE B 520 -29.11 23.69 -7.31
C ILE B 520 -29.35 24.84 -6.34
N ARG B 521 -29.23 26.08 -6.83
CA ARG B 521 -29.35 27.29 -6.03
C ARG B 521 -30.63 28.04 -6.43
N ARG B 522 -31.57 28.20 -5.49
CA ARG B 522 -32.76 29.04 -5.65
C ARG B 522 -33.01 29.81 -4.36
N LYS B 523 -33.81 30.90 -4.45
CA LYS B 523 -34.53 31.44 -3.31
C LYS B 523 -35.67 30.47 -3.02
N TRP B 524 -35.38 29.43 -2.22
CA TRP B 524 -36.33 28.37 -1.97
C TRP B 524 -37.51 28.94 -1.17
N LYS B 525 -38.73 28.66 -1.65
CA LYS B 525 -39.95 29.05 -0.97
C LYS B 525 -40.77 27.81 -0.67
N LYS B 526 -41.75 27.98 0.22
CA LYS B 526 -42.70 26.95 0.60
C LYS B 526 -43.42 26.42 -0.65
N GLY B 527 -43.48 25.09 -0.77
CA GLY B 527 -44.17 24.43 -1.88
C GLY B 527 -43.24 24.01 -3.03
N ASP B 528 -41.96 24.40 -3.01
CA ASP B 528 -41.03 24.01 -4.05
C ASP B 528 -40.72 22.51 -3.95
N MET B 529 -40.41 21.93 -5.11
CA MET B 529 -40.37 20.48 -5.33
C MET B 529 -39.19 20.17 -6.24
N ILE B 530 -38.27 19.30 -5.79
CA ILE B 530 -37.16 18.83 -6.60
C ILE B 530 -37.33 17.32 -6.76
N THR B 531 -37.55 16.87 -7.99
CA THR B 531 -37.72 15.47 -8.35
C THR B 531 -36.49 15.04 -9.15
N PHE B 532 -35.94 13.86 -8.82
CA PHE B 532 -34.87 13.24 -9.59
C PHE B 532 -34.92 11.73 -9.43
N HIS B 533 -34.22 11.04 -10.34
CA HIS B 533 -34.18 9.58 -10.42
C HIS B 533 -32.75 9.12 -10.19
N LEU B 534 -32.61 7.96 -9.52
CA LEU B 534 -31.33 7.30 -9.29
C LEU B 534 -31.29 6.01 -10.12
N PRO B 535 -30.67 5.99 -11.33
CA PRO B 535 -30.62 4.78 -12.16
C PRO B 535 -29.74 3.70 -11.54
N MET B 536 -30.30 2.50 -11.35
CA MET B 536 -29.66 1.39 -10.68
C MET B 536 -29.38 0.28 -11.69
N LYS B 537 -28.20 -0.34 -11.62
CA LYS B 537 -27.82 -1.42 -12.51
C LYS B 537 -27.35 -2.63 -11.71
N VAL B 538 -27.48 -3.82 -12.33
CA VAL B 538 -26.88 -5.04 -11.83
C VAL B 538 -25.37 -4.96 -12.06
N SER B 539 -24.60 -5.15 -10.98
CA SER B 539 -23.17 -5.40 -11.10
C SER B 539 -22.85 -6.75 -10.45
N LEU B 540 -21.73 -7.34 -10.88
CA LEU B 540 -21.22 -8.58 -10.32
C LEU B 540 -19.85 -8.26 -9.74
N GLU B 541 -19.78 -8.12 -8.41
CA GLU B 541 -18.62 -7.56 -7.75
C GLU B 541 -17.76 -8.70 -7.20
N GLN B 542 -16.49 -8.72 -7.63
CA GLN B 542 -15.56 -9.80 -7.34
C GLN B 542 -14.97 -9.58 -5.95
N ILE B 543 -14.68 -10.67 -5.26
CA ILE B 543 -13.92 -10.64 -4.01
C ILE B 543 -12.61 -9.91 -4.26
N PRO B 544 -12.15 -8.98 -3.37
CA PRO B 544 -11.09 -8.03 -3.72
C PRO B 544 -9.72 -8.56 -4.17
N ASP B 545 -9.37 -9.79 -3.78
CA ASP B 545 -8.10 -10.41 -4.20
C ASP B 545 -8.22 -11.13 -5.56
N LYS B 546 -9.40 -11.05 -6.22
CA LYS B 546 -9.61 -11.52 -7.58
C LYS B 546 -9.57 -13.06 -7.67
N LYS B 547 -9.95 -13.74 -6.57
CA LYS B 547 -10.24 -15.17 -6.63
C LYS B 547 -11.62 -15.34 -7.25
N ASP B 548 -12.01 -16.58 -7.52
CA ASP B 548 -13.18 -16.86 -8.34
C ASP B 548 -14.44 -16.82 -7.48
N TYR B 549 -14.74 -15.65 -6.89
CA TYR B 549 -15.95 -15.46 -6.11
C TYR B 549 -16.53 -14.08 -6.39
N TYR B 550 -17.85 -14.04 -6.56
CA TYR B 550 -18.57 -12.85 -7.00
C TYR B 550 -19.89 -12.75 -6.24
N ALA B 551 -20.31 -11.50 -5.94
CA ALA B 551 -21.63 -11.20 -5.40
C ALA B 551 -22.40 -10.33 -6.40
N PHE B 552 -23.73 -10.51 -6.44
CA PHE B 552 -24.61 -9.66 -7.23
C PHE B 552 -25.00 -8.43 -6.40
N LEU B 553 -24.95 -7.25 -7.04
CA LEU B 553 -25.46 -6.00 -6.47
C LEU B 553 -26.45 -5.40 -7.45
N TYR B 554 -27.40 -4.63 -6.91
CA TYR B 554 -28.30 -3.77 -7.67
C TYR B 554 -28.20 -2.37 -7.10
N GLY B 555 -27.64 -1.42 -7.87
CA GLY B 555 -27.21 -0.14 -7.33
C GLY B 555 -26.19 -0.39 -6.21
N PRO B 556 -26.38 0.18 -4.99
CA PRO B 556 -25.54 -0.17 -3.84
C PRO B 556 -26.06 -1.32 -2.96
N ILE B 557 -27.08 -2.07 -3.41
CA ILE B 557 -27.70 -3.10 -2.58
C ILE B 557 -27.09 -4.45 -2.93
N VAL B 558 -26.46 -5.09 -1.94
CA VAL B 558 -25.97 -6.46 -2.06
C VAL B 558 -27.17 -7.40 -2.06
N LEU B 559 -27.23 -8.29 -3.07
CA LEU B 559 -28.26 -9.31 -3.16
C LEU B 559 -27.71 -10.62 -2.60
N ALA B 560 -28.64 -11.55 -2.27
CA ALA B 560 -28.31 -12.85 -1.71
C ALA B 560 -29.42 -13.85 -2.02
N THR B 561 -29.06 -15.14 -2.05
CA THR B 561 -30.01 -16.21 -2.22
C THR B 561 -30.10 -17.00 -0.92
N SER B 562 -31.32 -17.45 -0.60
CA SER B 562 -31.59 -18.33 0.51
C SER B 562 -31.34 -19.77 0.08
N THR B 563 -30.48 -20.50 0.79
CA THR B 563 -30.03 -21.83 0.39
C THR B 563 -30.63 -22.95 1.25
N GLY B 564 -31.45 -22.64 2.27
CA GLY B 564 -32.05 -23.66 3.13
C GLY B 564 -32.27 -23.16 4.54
N THR B 565 -33.09 -23.90 5.31
CA THR B 565 -33.38 -23.60 6.71
C THR B 565 -33.08 -24.79 7.62
N GLU B 566 -32.10 -25.65 7.24
CA GLU B 566 -31.75 -26.81 8.05
C GLU B 566 -30.58 -26.45 8.97
N ASN B 567 -30.57 -27.06 10.16
CA ASN B 567 -29.47 -26.96 11.12
C ASN B 567 -29.12 -25.50 11.44
N LEU B 568 -30.15 -24.67 11.68
CA LEU B 568 -29.98 -23.32 12.17
C LEU B 568 -29.80 -23.38 13.70
N ASP B 569 -28.69 -23.95 14.15
CA ASP B 569 -28.46 -24.23 15.55
C ASP B 569 -28.08 -22.94 16.28
N GLY B 570 -28.80 -22.66 17.38
CA GLY B 570 -28.51 -21.50 18.21
C GLY B 570 -28.68 -20.17 17.47
N ILE B 571 -29.62 -20.11 16.50
CA ILE B 571 -29.83 -18.93 15.68
C ILE B 571 -30.32 -17.77 16.54
N TYR B 572 -31.07 -18.07 17.61
CA TYR B 572 -31.30 -17.14 18.72
C TYR B 572 -30.44 -17.60 19.89
N ALA B 573 -29.39 -16.83 20.20
CA ALA B 573 -28.30 -17.28 21.05
C ALA B 573 -28.76 -17.44 22.49
N ASP B 574 -28.15 -18.39 23.19
CA ASP B 574 -28.22 -18.51 24.64
C ASP B 574 -27.09 -17.66 25.23
N ASP B 575 -26.85 -17.79 26.55
CA ASP B 575 -25.88 -16.95 27.24
C ASP B 575 -24.48 -17.56 27.29
N SER B 576 -24.23 -18.67 26.56
CA SER B 576 -22.97 -19.38 26.64
C SER B 576 -21.83 -18.58 26.01
N ARG B 577 -20.60 -18.88 26.46
CA ARG B 577 -19.37 -18.45 25.81
C ARG B 577 -19.34 -19.08 24.42
N GLY B 578 -19.19 -18.25 23.38
CA GLY B 578 -19.22 -18.72 22.00
C GLY B 578 -20.62 -18.86 21.38
N GLY B 579 -21.69 -18.48 22.10
CA GLY B 579 -23.04 -18.49 21.54
C GLY B 579 -23.29 -17.47 20.41
N HIS B 580 -22.39 -16.49 20.25
CA HIS B 580 -22.42 -15.57 19.12
C HIS B 580 -22.07 -16.21 17.77
N ILE B 581 -21.38 -17.37 17.78
CA ILE B 581 -20.94 -18.05 16.58
C ILE B 581 -22.04 -19.00 16.09
N ALA B 582 -22.16 -19.12 14.76
CA ALA B 582 -23.11 -20.03 14.13
C ALA B 582 -22.49 -21.44 14.04
N HIS B 583 -22.80 -22.28 15.05
CA HIS B 583 -22.12 -23.56 15.26
C HIS B 583 -22.81 -24.72 14.54
N GLY B 584 -23.88 -24.46 13.79
CA GLY B 584 -24.62 -25.50 13.10
C GLY B 584 -23.79 -26.16 12.00
N ARG B 585 -24.33 -27.28 11.48
CA ARG B 585 -23.64 -28.12 10.51
C ARG B 585 -23.14 -27.27 9.33
N GLN B 586 -21.86 -27.47 8.97
CA GLN B 586 -21.27 -26.84 7.80
C GLN B 586 -21.67 -27.61 6.54
N THR B 587 -22.22 -26.90 5.53
CA THR B 587 -22.61 -27.48 4.25
C THR B 587 -21.39 -27.46 3.34
N PRO B 588 -20.99 -28.58 2.67
CA PRO B 588 -19.94 -28.53 1.67
C PRO B 588 -20.25 -27.52 0.55
N LEU B 589 -19.21 -26.86 0.05
CA LEU B 589 -19.36 -25.82 -0.97
C LEU B 589 -19.92 -26.38 -2.28
N GLN B 590 -19.62 -27.66 -2.60
CA GLN B 590 -20.11 -28.27 -3.82
C GLN B 590 -21.64 -28.38 -3.84
N GLU B 591 -22.28 -28.39 -2.66
CA GLU B 591 -23.75 -28.44 -2.56
C GLU B 591 -24.39 -27.06 -2.77
N ILE B 592 -23.59 -25.99 -2.74
CA ILE B 592 -24.08 -24.63 -2.93
C ILE B 592 -23.99 -24.29 -4.41
N PRO B 593 -24.96 -23.53 -4.98
CA PRO B 593 -24.90 -23.13 -6.39
C PRO B 593 -23.60 -22.43 -6.78
N MET B 594 -22.97 -22.95 -7.85
CA MET B 594 -21.75 -22.39 -8.40
C MET B 594 -22.09 -21.81 -9.77
N LEU B 595 -21.66 -20.56 -10.00
CA LEU B 595 -21.98 -19.85 -11.23
C LEU B 595 -21.01 -20.31 -12.32
N ILE B 596 -21.54 -20.75 -13.47
CA ILE B 596 -20.73 -21.31 -14.53
C ILE B 596 -20.72 -20.34 -15.70
N GLY B 597 -19.51 -20.06 -16.22
CA GLY B 597 -19.33 -19.25 -17.43
C GLY B 597 -18.43 -18.05 -17.16
N ASN B 598 -18.42 -17.13 -18.13
CA ASN B 598 -17.68 -15.88 -18.04
C ASN B 598 -18.48 -14.91 -17.18
N PRO B 599 -17.81 -14.07 -16.34
CA PRO B 599 -18.51 -13.11 -15.49
C PRO B 599 -19.53 -12.19 -16.18
N ASP B 600 -19.20 -11.74 -17.40
CA ASP B 600 -20.06 -10.84 -18.15
C ASP B 600 -21.40 -11.50 -18.43
N SER B 601 -21.40 -12.76 -18.91
CA SER B 601 -22.64 -13.47 -19.20
C SER B 601 -23.38 -13.84 -17.93
N ILE B 602 -22.63 -14.22 -16.87
CA ILE B 602 -23.19 -14.45 -15.55
C ILE B 602 -23.97 -13.20 -15.12
N ARG B 603 -23.35 -12.01 -15.24
CA ARG B 603 -23.99 -10.77 -14.84
C ARG B 603 -25.29 -10.54 -15.63
N HIS B 604 -25.26 -10.79 -16.95
CA HIS B 604 -26.38 -10.53 -17.84
C HIS B 604 -27.54 -11.52 -17.62
N SER B 605 -27.28 -12.66 -16.96
CA SER B 605 -28.27 -13.71 -16.74
C SER B 605 -29.14 -13.47 -15.50
N LEU B 606 -28.84 -12.44 -14.69
CA LEU B 606 -29.70 -12.03 -13.58
C LEU B 606 -30.76 -11.07 -14.12
N HIS B 607 -32.02 -11.38 -13.81
CA HIS B 607 -33.18 -10.69 -14.38
C HIS B 607 -34.07 -10.16 -13.24
N LYS B 608 -34.47 -8.89 -13.33
CA LYS B 608 -35.35 -8.26 -12.35
C LYS B 608 -36.78 -8.78 -12.50
N LEU B 609 -37.35 -9.29 -11.40
CA LEU B 609 -38.76 -9.66 -11.35
C LEU B 609 -39.60 -8.41 -11.09
N SER B 610 -40.88 -8.48 -11.47
CA SER B 610 -41.81 -7.40 -11.27
C SER B 610 -42.24 -7.36 -9.81
N GLY B 611 -42.91 -6.26 -9.43
CA GLY B 611 -43.44 -6.05 -8.09
C GLY B 611 -42.79 -4.83 -7.43
N SER B 612 -43.33 -4.46 -6.26
CA SER B 612 -42.92 -3.26 -5.57
C SER B 612 -41.55 -3.41 -4.89
N LYS B 613 -41.10 -4.65 -4.63
CA LYS B 613 -39.85 -4.91 -3.92
C LYS B 613 -38.80 -5.47 -4.88
N LEU B 614 -37.54 -5.14 -4.61
CA LEU B 614 -36.40 -5.69 -5.35
C LEU B 614 -36.39 -7.21 -5.22
N ALA B 615 -36.42 -7.89 -6.38
CA ALA B 615 -36.31 -9.34 -6.45
C ALA B 615 -35.81 -9.73 -7.84
N PHE B 616 -34.90 -10.71 -7.87
CA PHE B 616 -34.21 -11.13 -9.09
C PHE B 616 -34.22 -12.65 -9.19
N SER B 617 -34.10 -13.18 -10.41
CA SER B 617 -33.84 -14.59 -10.62
C SER B 617 -32.59 -14.73 -11.48
N TYR B 618 -31.68 -15.67 -11.11
CA TYR B 618 -30.54 -16.02 -11.94
C TYR B 618 -30.95 -17.18 -12.84
N ASP B 619 -30.96 -16.95 -14.16
CA ASP B 619 -31.49 -17.90 -15.14
C ASP B 619 -30.37 -18.48 -16.01
N GLY B 620 -29.12 -18.42 -15.52
CA GLY B 620 -27.96 -18.84 -16.29
C GLY B 620 -27.44 -20.21 -15.83
N ASN B 621 -26.27 -20.59 -16.37
CA ASN B 621 -25.64 -21.88 -16.14
C ASN B 621 -25.17 -21.98 -14.67
N VAL B 622 -25.59 -23.06 -13.97
CA VAL B 622 -25.38 -23.27 -12.54
C VAL B 622 -24.95 -24.73 -12.33
N TYR B 623 -24.14 -24.99 -11.29
CA TYR B 623 -23.81 -26.33 -10.84
C TYR B 623 -23.84 -26.38 -9.31
N PRO B 624 -24.51 -27.38 -8.65
CA PRO B 624 -25.29 -28.43 -9.32
C PRO B 624 -26.65 -27.91 -9.81
N THR B 625 -27.50 -28.81 -10.29
CA THR B 625 -28.86 -28.51 -10.74
C THR B 625 -29.70 -27.89 -9.64
N GLN B 626 -30.53 -26.90 -10.02
CA GLN B 626 -31.44 -26.26 -9.09
C GLN B 626 -32.82 -26.89 -9.27
N LYS B 627 -33.27 -27.63 -8.24
CA LYS B 627 -34.59 -28.26 -8.19
C LYS B 627 -35.70 -27.21 -8.21
N SER B 628 -35.48 -26.06 -7.54
CA SER B 628 -36.41 -24.93 -7.57
C SER B 628 -36.33 -24.14 -8.88
N LYS B 629 -35.97 -24.80 -10.00
CA LYS B 629 -36.02 -24.23 -11.34
C LYS B 629 -34.93 -23.17 -11.52
N SER B 630 -35.03 -22.04 -10.79
CA SER B 630 -34.06 -20.95 -10.84
C SER B 630 -33.77 -20.40 -9.44
N LEU B 631 -32.64 -19.67 -9.35
CA LEU B 631 -32.18 -19.08 -8.10
C LEU B 631 -32.82 -17.72 -7.89
N GLU B 632 -33.47 -17.53 -6.72
CA GLU B 632 -34.09 -16.26 -6.39
C GLU B 632 -33.17 -15.44 -5.48
N LEU B 633 -32.89 -14.19 -5.88
CA LEU B 633 -32.04 -13.27 -5.12
C LEU B 633 -32.88 -12.07 -4.67
N ILE B 634 -32.69 -11.69 -3.40
CA ILE B 634 -33.32 -10.53 -2.77
C ILE B 634 -32.23 -9.70 -2.10
N PRO B 635 -32.51 -8.45 -1.64
CA PRO B 635 -31.55 -7.71 -0.81
C PRO B 635 -31.15 -8.52 0.42
N PHE B 636 -29.84 -8.56 0.69
CA PHE B 636 -29.32 -9.28 1.85
C PHE B 636 -29.93 -8.75 3.15
N PHE B 637 -30.24 -7.45 3.21
CA PHE B 637 -30.78 -6.86 4.43
C PHE B 637 -32.18 -7.42 4.75
N ARG B 638 -32.89 -7.98 3.77
CA ARG B 638 -34.19 -8.63 4.00
C ARG B 638 -34.09 -10.14 4.18
N LEU B 639 -32.91 -10.75 4.07
CA LEU B 639 -32.75 -12.20 4.15
C LEU B 639 -32.37 -12.56 5.58
N HIS B 640 -33.31 -13.25 6.27
CA HIS B 640 -33.21 -13.54 7.69
C HIS B 640 -33.71 -14.96 7.96
N ASN B 641 -33.24 -15.54 9.08
CA ASN B 641 -33.72 -16.82 9.58
C ASN B 641 -33.50 -17.92 8.54
N SER B 642 -32.31 -17.94 7.94
CA SER B 642 -32.04 -18.77 6.79
C SER B 642 -30.54 -18.82 6.52
N ARG B 643 -30.08 -19.92 5.92
CA ARG B 643 -28.74 -19.97 5.32
C ARG B 643 -28.77 -19.20 4.01
N TYR B 644 -27.61 -18.72 3.56
CA TYR B 644 -27.54 -17.83 2.40
C TYR B 644 -26.18 -17.91 1.73
N ALA B 645 -26.14 -17.43 0.49
CA ALA B 645 -24.91 -17.08 -0.21
C ALA B 645 -25.00 -15.61 -0.64
N VAL B 646 -23.94 -14.84 -0.40
CA VAL B 646 -23.78 -13.49 -0.93
C VAL B 646 -22.75 -13.59 -2.07
N TYR B 647 -21.54 -14.01 -1.70
CA TYR B 647 -20.54 -14.43 -2.66
C TYR B 647 -20.86 -15.85 -3.11
N PHE B 648 -20.88 -16.07 -4.43
CA PHE B 648 -20.96 -17.38 -5.04
C PHE B 648 -19.58 -17.76 -5.58
N ARG B 649 -19.22 -19.05 -5.49
CA ARG B 649 -18.09 -19.58 -6.25
C ARG B 649 -18.46 -19.54 -7.73
N GLN B 650 -17.47 -19.19 -8.57
CA GLN B 650 -17.61 -19.06 -10.01
C GLN B 650 -16.59 -20.00 -10.65
N ALA B 651 -16.93 -20.50 -11.85
CA ALA B 651 -16.04 -21.36 -12.59
C ALA B 651 -16.33 -21.18 -14.07
N SER B 652 -15.26 -21.08 -14.86
CA SER B 652 -15.38 -21.09 -16.31
C SER B 652 -15.68 -22.53 -16.74
N GLU B 653 -16.21 -22.67 -17.97
CA GLU B 653 -16.46 -23.99 -18.53
C GLU B 653 -15.14 -24.73 -18.74
N GLU B 654 -14.08 -24.00 -19.09
CA GLU B 654 -12.77 -24.60 -19.33
C GLU B 654 -12.21 -25.21 -18.05
N GLN B 655 -12.34 -24.51 -16.93
CA GLN B 655 -11.73 -24.92 -15.67
C GLN B 655 -12.68 -25.73 -14.78
N PHE B 656 -13.88 -26.05 -15.27
CA PHE B 656 -14.91 -26.66 -14.45
C PHE B 656 -14.43 -27.96 -13.81
N LYS B 657 -13.79 -28.83 -14.58
CA LYS B 657 -13.40 -30.16 -14.13
C LYS B 657 -12.49 -30.09 -12.91
N THR B 658 -11.39 -29.32 -13.01
CA THR B 658 -10.41 -29.25 -11.93
C THR B 658 -10.97 -28.51 -10.71
N ILE B 659 -11.80 -27.49 -10.92
CA ILE B 659 -12.44 -26.75 -9.83
C ILE B 659 -13.39 -27.67 -9.06
N GLN B 660 -14.18 -28.49 -9.78
CA GLN B 660 -15.16 -29.37 -9.16
C GLN B 660 -14.44 -30.50 -8.40
N GLU B 661 -13.31 -31.02 -8.94
CA GLU B 661 -12.49 -32.04 -8.26
C GLU B 661 -11.96 -31.52 -6.92
N GLU B 662 -11.47 -30.27 -6.89
CA GLU B 662 -10.94 -29.67 -5.68
C GLU B 662 -12.06 -29.52 -4.65
N MET B 663 -13.25 -29.06 -5.07
CA MET B 663 -14.39 -28.88 -4.18
C MET B 663 -14.93 -30.24 -3.69
N ALA B 664 -14.83 -31.29 -4.52
CA ALA B 664 -15.40 -32.60 -4.23
C ALA B 664 -14.49 -33.43 -3.33
N THR B 665 -13.18 -33.11 -3.29
CA THR B 665 -12.22 -33.90 -2.53
C THR B 665 -11.78 -33.08 -1.32
N ALA B 666 -10.92 -32.07 -1.55
CA ALA B 666 -10.21 -31.35 -0.50
C ALA B 666 -11.17 -30.50 0.32
N GLU B 667 -12.09 -29.74 -0.32
CA GLU B 667 -13.02 -28.91 0.43
C GLU B 667 -14.04 -29.77 1.20
N ARG B 668 -14.56 -30.84 0.58
CA ARG B 668 -15.48 -31.77 1.23
C ARG B 668 -14.86 -32.34 2.51
N LYS B 669 -13.58 -32.75 2.46
CA LYS B 669 -12.88 -33.32 3.61
C LYS B 669 -12.69 -32.29 4.72
N ALA B 670 -12.39 -31.02 4.37
CA ALA B 670 -12.29 -29.92 5.33
C ALA B 670 -13.64 -29.65 6.00
N THR B 671 -14.75 -29.81 5.26
CA THR B 671 -16.09 -29.69 5.83
C THR B 671 -16.38 -30.90 6.72
N GLU B 672 -15.99 -32.10 6.28
CA GLU B 672 -16.16 -33.31 7.09
C GLU B 672 -15.41 -33.17 8.42
N LEU B 673 -14.21 -32.57 8.42
CA LEU B 673 -13.42 -32.32 9.62
C LEU B 673 -14.15 -31.36 10.55
N ALA B 674 -14.69 -30.26 10.01
CA ALA B 674 -15.42 -29.27 10.80
C ALA B 674 -16.67 -29.89 11.43
N ASN B 675 -17.36 -30.80 10.72
CA ASN B 675 -18.58 -31.42 11.21
C ASN B 675 -18.29 -32.54 12.23
N ARG B 676 -17.05 -33.07 12.26
CA ARG B 676 -16.56 -33.95 13.33
C ARG B 676 -16.04 -33.15 14.52
N THR B 677 -15.81 -31.83 14.37
CA THR B 677 -15.21 -31.02 15.42
C THR B 677 -16.23 -30.73 16.52
N VAL B 678 -15.85 -31.03 17.76
CA VAL B 678 -16.66 -30.87 18.95
C VAL B 678 -16.27 -29.57 19.66
N ASP B 679 -14.98 -29.22 19.62
CA ASP B 679 -14.53 -27.94 20.15
C ASP B 679 -13.25 -27.51 19.44
N LEU B 680 -13.04 -26.19 19.38
CA LEU B 680 -11.98 -25.59 18.61
C LEU B 680 -11.49 -24.32 19.32
N ILE B 681 -10.17 -24.20 19.46
CA ILE B 681 -9.55 -23.05 20.09
C ILE B 681 -8.41 -22.57 19.19
N PHE B 682 -8.34 -21.24 19.02
CA PHE B 682 -7.28 -20.57 18.27
C PHE B 682 -6.41 -19.81 19.26
N PRO B 683 -5.33 -20.41 19.83
CA PRO B 683 -4.45 -19.70 20.74
C PRO B 683 -3.88 -18.41 20.13
N GLY B 684 -3.76 -17.38 20.98
CA GLY B 684 -3.31 -16.07 20.56
C GLY B 684 -4.39 -15.21 19.91
N GLU B 685 -5.61 -15.74 19.73
CA GLU B 685 -6.77 -14.96 19.32
C GLU B 685 -7.66 -14.73 20.54
N GLN B 686 -7.97 -13.46 20.83
CA GLN B 686 -8.38 -13.08 22.18
C GLN B 686 -9.74 -13.68 22.54
N GLN B 687 -10.72 -13.64 21.63
CA GLN B 687 -12.08 -14.10 21.95
C GLN B 687 -12.16 -15.62 22.08
N PRO B 688 -11.62 -16.45 21.14
CA PRO B 688 -11.53 -17.90 21.37
C PRO B 688 -10.92 -18.32 22.71
N GLU B 689 -9.85 -17.65 23.14
CA GLU B 689 -9.18 -17.91 24.40
C GLU B 689 -10.04 -17.49 25.61
N SER B 690 -10.63 -16.28 25.53
CA SER B 690 -11.52 -15.77 26.55
C SER B 690 -12.73 -16.71 26.72
N ASP B 691 -13.28 -17.16 25.59
CA ASP B 691 -14.41 -18.08 25.55
C ASP B 691 -14.06 -19.46 26.11
N HIS B 692 -12.77 -19.84 26.10
CA HIS B 692 -12.32 -21.11 26.67
C HIS B 692 -11.55 -20.93 27.99
N SER B 693 -11.79 -19.81 28.71
CA SER B 693 -11.31 -19.61 30.08
C SER B 693 -9.78 -19.72 30.18
N ILE B 694 -9.07 -19.02 29.27
CA ILE B 694 -7.61 -18.94 29.25
C ILE B 694 -7.08 -18.59 30.64
N GLN B 695 -6.14 -19.44 31.11
CA GLN B 695 -5.25 -19.15 32.23
C GLN B 695 -3.82 -19.38 31.75
N TYR B 696 -2.86 -18.62 32.32
CA TYR B 696 -1.46 -18.78 31.98
C TYR B 696 -0.55 -18.27 33.10
N GLU B 697 0.72 -18.68 33.01
CA GLU B 697 1.81 -18.14 33.80
C GLU B 697 3.03 -18.01 32.88
N ALA B 698 3.59 -16.79 32.78
CA ALA B 698 4.79 -16.50 31.99
C ALA B 698 4.60 -16.96 30.54
N SER B 699 3.62 -16.34 29.87
CA SER B 699 3.17 -16.74 28.54
C SER B 699 3.27 -15.56 27.57
N GLU B 700 3.38 -15.88 26.27
CA GLU B 700 3.35 -14.88 25.20
C GLU B 700 2.52 -15.41 24.02
N THR B 701 2.08 -14.47 23.18
CA THR B 701 1.38 -14.77 21.93
C THR B 701 2.11 -14.08 20.79
N GLY B 702 1.68 -14.36 19.55
CA GLY B 702 2.32 -13.81 18.38
C GLY B 702 1.82 -14.44 17.08
N THR B 703 2.46 -14.04 15.97
CA THR B 703 2.08 -14.44 14.63
C THR B 703 3.28 -15.03 13.91
N HIS B 704 3.06 -16.15 13.21
CA HIS B 704 3.97 -16.66 12.19
C HIS B 704 3.11 -17.16 11.02
N LYS B 705 3.44 -16.70 9.80
CA LYS B 705 2.81 -17.17 8.57
C LYS B 705 1.28 -16.99 8.67
N ASP B 706 0.86 -15.82 9.21
CA ASP B 706 -0.52 -15.38 9.26
C ASP B 706 -1.39 -16.25 10.19
N ARG B 707 -0.77 -17.04 11.11
CA ARG B 707 -1.51 -17.80 12.10
C ARG B 707 -1.03 -17.38 13.48
N HIS B 708 -1.96 -17.41 14.45
CA HIS B 708 -1.70 -16.99 15.82
C HIS B 708 -1.32 -18.19 16.68
N PHE B 709 -0.50 -17.93 17.71
CA PHE B 709 -0.06 -18.97 18.65
C PHE B 709 0.05 -18.39 20.06
N ARG B 710 0.00 -19.30 21.05
CA ARG B 710 0.44 -19.02 22.41
C ARG B 710 1.49 -20.05 22.78
N ARG B 711 2.43 -19.63 23.66
CA ARG B 711 3.37 -20.51 24.32
C ARG B 711 3.68 -19.93 25.70
N ALA B 712 4.33 -20.76 26.54
CA ALA B 712 4.62 -20.39 27.92
C ALA B 712 5.92 -21.03 28.38
N LYS B 713 6.62 -20.32 29.27
CA LYS B 713 7.71 -20.87 30.07
C LYS B 713 7.12 -21.54 31.31
N GLY B 714 6.05 -20.94 31.89
CA GLY B 714 5.31 -21.56 32.98
C GLY B 714 4.34 -22.61 32.46
N TRP B 715 3.12 -22.16 32.12
CA TRP B 715 2.10 -23.01 31.54
C TRP B 715 1.00 -22.15 30.94
N PHE B 716 0.16 -22.75 30.11
CA PHE B 716 -1.12 -22.16 29.72
C PHE B 716 -2.16 -23.26 29.57
N SER B 717 -3.44 -22.88 29.78
CA SER B 717 -4.53 -23.83 29.84
C SER B 717 -5.83 -23.24 29.28
N TYR B 718 -6.74 -24.13 28.90
CA TYR B 718 -8.10 -23.81 28.49
C TYR B 718 -9.05 -24.83 29.10
N ASN B 719 -10.34 -24.49 29.14
CA ASN B 719 -11.39 -25.48 29.33
C ASN B 719 -12.01 -25.78 27.97
N LEU B 720 -11.92 -27.05 27.56
CA LEU B 720 -12.59 -27.54 26.36
C LEU B 720 -14.04 -27.82 26.73
N LYS B 721 -14.98 -27.32 25.92
CA LYS B 721 -16.40 -27.53 26.13
C LYS B 721 -16.88 -28.60 25.14
N ILE B 722 -17.49 -29.66 25.67
CA ILE B 722 -17.65 -30.94 25.00
C ILE B 722 -19.15 -31.27 24.94
N LYS B 723 -19.80 -30.96 23.82
CA LYS B 723 -21.23 -31.17 23.64
C LYS B 723 -21.52 -32.64 23.33
N GLU B 724 -20.63 -33.32 22.59
CA GLU B 724 -20.69 -34.76 22.34
C GLU B 724 -19.37 -35.41 22.73
N GLU B 725 -19.38 -36.73 22.97
CA GLU B 725 -18.17 -37.42 23.40
C GLU B 725 -17.09 -37.36 22.32
N ALA B 726 -15.83 -37.18 22.75
CA ALA B 726 -14.70 -36.88 21.90
C ALA B 726 -13.66 -38.00 21.96
N SER B 727 -13.16 -38.41 20.78
CA SER B 727 -12.21 -39.51 20.64
C SER B 727 -10.79 -39.01 20.36
N GLN B 728 -10.63 -37.79 19.84
CA GLN B 728 -9.37 -37.34 19.27
C GLN B 728 -9.09 -35.90 19.67
N LEU B 729 -7.80 -35.61 19.84
CA LEU B 729 -7.27 -34.26 20.02
C LEU B 729 -6.27 -34.01 18.89
N MET B 730 -6.26 -32.77 18.38
CA MET B 730 -5.53 -32.42 17.18
C MET B 730 -4.88 -31.05 17.40
N ILE B 731 -3.54 -31.05 17.58
CA ILE B 731 -2.75 -29.87 17.94
C ILE B 731 -1.90 -29.49 16.72
N THR B 732 -1.84 -28.18 16.40
CA THR B 732 -1.01 -27.70 15.29
C THR B 732 0.22 -26.95 15.82
N VAL B 733 1.41 -27.32 15.31
CA VAL B 733 2.68 -26.66 15.62
C VAL B 733 3.45 -26.44 14.31
N ARG B 734 4.53 -25.63 14.39
CA ARG B 734 5.50 -25.52 13.32
C ARG B 734 6.52 -26.64 13.51
N GLN B 735 6.97 -27.25 12.39
CA GLN B 735 7.82 -28.42 12.41
C GLN B 735 9.22 -28.08 12.93
N GLU B 736 9.71 -26.87 12.60
CA GLU B 736 11.05 -26.42 12.97
C GLU B 736 11.12 -25.85 14.39
N ASP B 737 9.99 -25.76 15.12
CA ASP B 737 9.98 -25.41 16.53
C ASP B 737 10.48 -26.62 17.32
N ARG B 738 11.68 -26.50 17.92
CA ARG B 738 12.31 -27.61 18.63
C ARG B 738 11.93 -27.60 20.12
N ASN B 739 11.23 -26.54 20.58
CA ASN B 739 10.59 -26.55 21.89
C ASN B 739 9.42 -27.54 21.89
N LYS B 740 9.16 -28.16 23.06
CA LYS B 740 8.22 -29.25 23.24
C LYS B 740 7.29 -28.94 24.42
N ALA B 741 6.18 -29.69 24.48
CA ALA B 741 5.11 -29.48 25.46
C ALA B 741 4.63 -30.81 26.01
N VAL B 742 4.49 -30.90 27.34
CA VAL B 742 3.64 -31.90 27.99
C VAL B 742 2.20 -31.43 27.85
N ILE B 743 1.26 -32.35 27.62
CA ILE B 743 -0.18 -32.07 27.55
C ILE B 743 -0.86 -32.81 28.70
N LEU B 744 -1.64 -32.09 29.52
CA LEU B 744 -2.46 -32.67 30.58
C LEU B 744 -3.94 -32.45 30.25
N LEU B 745 -4.76 -33.50 30.37
CA LEU B 745 -6.22 -33.43 30.27
C LEU B 745 -6.84 -33.76 31.62
N ASN B 746 -7.43 -32.74 32.29
CA ASN B 746 -7.84 -32.82 33.68
C ASN B 746 -6.73 -33.43 34.55
N ASN B 747 -5.52 -32.89 34.39
CA ASN B 747 -4.33 -33.27 35.16
C ASN B 747 -3.78 -34.66 34.82
N GLU B 748 -4.53 -35.53 34.11
CA GLU B 748 -3.96 -36.75 33.53
C GLU B 748 -3.07 -36.37 32.35
N LYS B 749 -1.82 -36.87 32.37
CA LYS B 749 -0.86 -36.62 31.31
C LYS B 749 -1.20 -37.52 30.13
N LEU B 750 -1.23 -36.92 28.93
CA LEU B 750 -1.47 -37.61 27.69
C LEU B 750 -0.13 -38.12 27.14
N THR B 751 0.09 -39.44 27.19
CA THR B 751 1.36 -40.05 26.79
C THR B 751 1.27 -40.79 25.47
N VAL B 752 0.08 -40.83 24.82
CA VAL B 752 -0.08 -41.53 23.55
C VAL B 752 0.64 -40.74 22.46
N HIS B 753 1.18 -41.48 21.49
CA HIS B 753 2.04 -40.91 20.46
C HIS B 753 1.17 -40.29 19.38
N PRO B 754 1.37 -39.01 18.99
CA PRO B 754 0.56 -38.40 17.94
C PRO B 754 0.89 -38.96 16.55
N THR B 755 -0.13 -39.04 15.70
CA THR B 755 -0.01 -39.29 14.27
C THR B 755 0.38 -37.99 13.57
N VAL B 756 1.68 -37.79 13.30
CA VAL B 756 2.17 -36.58 12.66
C VAL B 756 1.72 -36.59 11.19
N SER B 757 1.14 -35.47 10.73
CA SER B 757 0.75 -35.29 9.33
C SER B 757 1.89 -34.67 8.55
N LYS B 758 1.79 -34.71 7.21
CA LYS B 758 2.77 -34.08 6.33
C LYS B 758 2.70 -32.57 6.53
N ALA B 759 3.87 -31.89 6.48
CA ALA B 759 3.94 -30.45 6.65
C ALA B 759 3.27 -29.75 5.47
N ASP B 760 2.41 -28.75 5.74
CA ASP B 760 1.79 -27.96 4.69
C ASP B 760 2.82 -26.94 4.18
N LYS B 761 2.41 -26.10 3.23
CA LYS B 761 3.30 -25.20 2.50
C LYS B 761 4.09 -24.28 3.43
N ASP B 762 3.48 -23.84 4.56
CA ASP B 762 4.07 -22.82 5.43
C ASP B 762 4.81 -23.42 6.63
N GLY B 763 4.91 -24.76 6.73
CA GLY B 763 5.72 -25.43 7.74
C GLY B 763 4.95 -25.92 8.96
N PHE B 764 3.60 -25.89 8.89
CA PHE B 764 2.73 -26.32 9.97
C PHE B 764 2.43 -27.82 9.84
N ILE B 765 2.52 -28.55 10.96
CA ILE B 765 2.11 -29.95 11.06
C ILE B 765 1.00 -30.09 12.11
N ARG B 766 0.04 -30.99 11.85
CA ARG B 766 -0.94 -31.41 12.83
C ARG B 766 -0.44 -32.66 13.55
N LEU B 767 -0.47 -32.61 14.89
CA LEU B 767 -0.32 -33.77 15.76
C LEU B 767 -1.73 -34.26 16.12
N CYS B 768 -2.07 -35.49 15.74
CA CYS B 768 -3.38 -36.07 16.00
C CYS B 768 -3.22 -37.19 17.02
N TYR B 769 -3.89 -37.03 18.18
CA TYR B 769 -3.77 -37.92 19.32
C TYR B 769 -5.08 -38.70 19.48
N LEU B 770 -5.02 -40.03 19.28
CA LEU B 770 -6.12 -40.91 19.64
C LEU B 770 -6.12 -41.07 21.16
N LEU B 771 -7.16 -40.53 21.83
CA LEU B 771 -7.21 -40.51 23.29
C LEU B 771 -7.45 -41.93 23.80
N PRO B 772 -6.91 -42.32 24.99
CA PRO B 772 -7.05 -43.68 25.49
C PRO B 772 -8.46 -44.00 26.00
N ARG B 773 -9.13 -43.00 26.59
CA ARG B 773 -10.57 -43.04 26.85
C ARG B 773 -11.22 -41.80 26.23
N LYS B 774 -12.52 -41.92 25.95
CA LYS B 774 -13.31 -40.82 25.41
C LYS B 774 -13.52 -39.78 26.51
N LEU B 775 -13.38 -38.49 26.15
CA LEU B 775 -13.74 -37.39 27.03
C LEU B 775 -15.27 -37.30 27.07
N LYS B 776 -15.84 -37.34 28.28
CA LYS B 776 -17.28 -37.38 28.47
C LYS B 776 -17.86 -35.98 28.24
N VAL B 777 -19.19 -35.95 28.01
CA VAL B 777 -19.92 -34.70 27.80
C VAL B 777 -19.77 -33.83 29.04
N GLY B 778 -19.38 -32.57 28.83
CA GLY B 778 -19.10 -31.63 29.89
C GLY B 778 -17.91 -30.73 29.56
N SER B 779 -17.15 -30.35 30.59
CA SER B 779 -15.95 -29.56 30.47
C SER B 779 -14.72 -30.44 30.73
N CYS B 780 -13.54 -29.93 30.39
CA CYS B 780 -12.28 -30.64 30.57
C CYS B 780 -11.12 -29.66 30.41
N GLU B 781 -10.22 -29.60 31.40
CA GLU B 781 -9.07 -28.71 31.30
C GLU B 781 -8.02 -29.34 30.37
N ILE B 782 -7.46 -28.53 29.44
CA ILE B 782 -6.23 -28.87 28.72
C ILE B 782 -5.15 -27.87 29.14
N LEU B 783 -3.97 -28.39 29.54
CA LEU B 783 -2.86 -27.58 30.04
C LEU B 783 -1.59 -27.96 29.29
N PHE B 784 -0.84 -26.94 28.83
CA PHE B 784 0.45 -27.12 28.17
C PHE B 784 1.54 -26.58 29.08
N LYS B 785 2.53 -27.43 29.43
CA LYS B 785 3.74 -26.99 30.12
C LYS B 785 4.96 -27.55 29.40
N PRO B 786 6.16 -26.93 29.52
CA PRO B 786 7.34 -27.36 28.75
C PRO B 786 7.83 -28.78 29.06
N ASP B 787 8.33 -29.45 28.02
CA ASP B 787 8.83 -30.82 28.11
C ASP B 787 10.34 -30.82 27.85
N GLY B 788 11.11 -30.43 28.88
CA GLY B 788 12.56 -30.43 28.85
C GLY B 788 13.19 -29.35 27.98
N THR B 789 12.44 -28.27 27.71
CA THR B 789 12.91 -27.09 26.98
C THR B 789 12.38 -25.86 27.69
N GLU B 790 12.90 -24.68 27.32
CA GLU B 790 12.59 -23.44 28.03
C GLU B 790 11.10 -23.09 27.85
N TRP B 791 10.66 -23.07 26.58
CA TRP B 791 9.27 -22.81 26.23
C TRP B 791 8.52 -24.11 25.98
N THR B 792 7.18 -24.00 25.98
CA THR B 792 6.33 -24.96 25.29
C THR B 792 6.54 -24.82 23.79
N SER B 793 6.03 -25.80 23.04
CA SER B 793 5.82 -25.63 21.62
C SER B 793 4.80 -24.50 21.44
N ALA B 794 5.02 -23.66 20.43
CA ALA B 794 4.04 -22.67 20.02
C ALA B 794 2.87 -23.40 19.37
N VAL B 795 1.69 -23.37 20.03
CA VAL B 795 0.50 -24.08 19.59
C VAL B 795 -0.35 -23.11 18.79
N TYR B 796 -0.77 -23.51 17.58
CA TYR B 796 -1.52 -22.66 16.66
C TYR B 796 -2.99 -23.09 16.51
N GLU B 797 -3.36 -24.31 16.95
CA GLU B 797 -4.74 -24.75 16.93
C GLU B 797 -4.90 -25.90 17.92
N VAL B 798 -6.05 -25.94 18.61
CA VAL B 798 -6.45 -27.01 19.50
C VAL B 798 -7.87 -27.41 19.13
N ARG B 799 -8.03 -28.66 18.67
CA ARG B 799 -9.27 -29.13 18.10
C ARG B 799 -9.59 -30.50 18.69
N LEU B 800 -10.85 -30.67 19.10
CA LEU B 800 -11.35 -31.89 19.70
C LEU B 800 -12.40 -32.49 18.76
N LEU B 801 -12.26 -33.79 18.46
CA LEU B 801 -13.02 -34.45 17.40
C LEU B 801 -13.65 -35.74 17.90
N LYS B 802 -14.82 -36.08 17.32
CA LYS B 802 -15.42 -37.41 17.41
C LYS B 802 -15.00 -38.22 16.17
#